data_3K8Y
# 
_entry.id   3K8Y 
# 
_audit_conform.dict_name       mmcif_pdbx.dic 
_audit_conform.dict_version    5.378 
_audit_conform.dict_location   http://mmcif.pdb.org/dictionaries/ascii/mmcif_pdbx.dic 
# 
loop_
_database_2.database_id 
_database_2.database_code 
_database_2.pdbx_database_accession 
_database_2.pdbx_DOI 
PDB   3K8Y         pdb_00003k8y 10.2210/pdb3k8y/pdb 
RCSB  RCSB055695   ?            ?                   
WWPDB D_1000055695 ?            ?                   
# 
loop_
_pdbx_database_related.db_name 
_pdbx_database_related.db_id 
_pdbx_database_related.details 
_pdbx_database_related.content_type 
PDB 2RGE 'H-Ras GppNHp crystallized in 200 mM Calcium Chloride' unspecified 
PDB 3K9N 'Y32F Ras GppNHp Mutant'                               unspecified 
PDB 3K9L 'Y32F Ras GppNHp in a different space group'           unspecified 
# 
_pdbx_database_status.entry_id                        3K8Y 
_pdbx_database_status.deposit_site                    RCSB 
_pdbx_database_status.process_site                    RCSB 
_pdbx_database_status.recvd_initial_deposition_date   2009-10-15 
_pdbx_database_status.status_code                     REL 
_pdbx_database_status.status_code_sf                  REL 
_pdbx_database_status.status_code_mr                  ? 
_pdbx_database_status.SG_entry                        ? 
_pdbx_database_status.pdb_format_compatible           Y 
_pdbx_database_status.status_code_cs                  ? 
_pdbx_database_status.methods_development_category    ? 
_pdbx_database_status.status_code_nmr_data            ? 
# 
loop_
_audit_author.name 
_audit_author.pdbx_ordinal 
'Holzapfel, G.' 1 
'Buhrman, G.'   2 
'Mattos, C.'    3 
# 
_citation.id                        primary 
_citation.title                     'Allosteric modulation of Ras positions Q61 for a direct role in catalysis.' 
_citation.journal_abbrev            Proc.Natl.Acad.Sci.USA 
_citation.journal_volume            107 
_citation.page_first                4931 
_citation.page_last                 4936 
_citation.year                      2010 
_citation.journal_id_ASTM           PNASA6 
_citation.country                   US 
_citation.journal_id_ISSN           0027-8424 
_citation.journal_id_CSD            0040 
_citation.book_publisher            ? 
_citation.pdbx_database_id_PubMed   20194776 
_citation.pdbx_database_id_DOI      10.1073/pnas.0912226107 
# 
loop_
_citation_author.citation_id 
_citation_author.name 
_citation_author.ordinal 
_citation_author.identifier_ORCID 
primary 'Buhrman, G.'   1 ? 
primary 'Holzapfel, G.' 2 ? 
primary 'Fetics, S.'    3 ? 
primary 'Mattos, C.'    4 ? 
# 
_cell.length_a           88.475 
_cell.length_b           88.475 
_cell.length_c           134.906 
_cell.angle_alpha        90.000 
_cell.angle_beta         90.000 
_cell.angle_gamma        120.000 
_cell.entry_id           3K8Y 
_cell.pdbx_unique_axis   ? 
_cell.Z_PDB              18 
_cell.length_a_esd       ? 
_cell.length_b_esd       ? 
_cell.length_c_esd       ? 
_cell.angle_alpha_esd    ? 
_cell.angle_beta_esd     ? 
_cell.angle_gamma_esd    ? 
# 
_symmetry.space_group_name_H-M             'H 3 2' 
_symmetry.entry_id                         3K8Y 
_symmetry.pdbx_full_space_group_name_H-M   ? 
_symmetry.Int_Tables_number                155 
_symmetry.cell_setting                     ? 
_symmetry.space_group_name_Hall            ? 
# 
loop_
_entity.id 
_entity.type 
_entity.src_method 
_entity.pdbx_description 
_entity.formula_weight 
_entity.pdbx_number_of_molecules 
_entity.pdbx_ec 
_entity.pdbx_mutation 
_entity.pdbx_fragment 
_entity.details 
1 polymer     man 'GTPase HRas'                                 18875.191 1   ? ? 'UNP residues 1-166' ? 
2 non-polymer syn 'PHOSPHOAMINOPHOSPHONIC ACID-GUANYLATE ESTER' 522.196   1   ? ? ?                    ? 
3 non-polymer syn 'CALCIUM ION'                                 40.078    2   ? ? ?                    ? 
4 non-polymer syn 'MAGNESIUM ION'                               24.305    2   ? ? ?                    ? 
5 non-polymer syn 'ACETATE ION'                                 59.044    1   ? ? ?                    ? 
6 water       nat water                                         18.015    184 ? ? ?                    ? 
# 
_entity_name_com.entity_id   1 
_entity_name_com.name        'Transforming protein p21, p21ras, H-Ras-1, c-H-ras, Ha-Ras, GTPase HRas, N-terminally processed' 
# 
_entity_poly.entity_id                      1 
_entity_poly.type                           'polypeptide(L)' 
_entity_poly.nstd_linkage                   no 
_entity_poly.nstd_monomer                   no 
_entity_poly.pdbx_seq_one_letter_code       
;MTEYKLVVVGAGGVGKSALTIQLIQNHFVDEYDPTIEDSYRKQVVIDGETCLLDILDTAGQEEYSAMRDQYMRTGEGFLC
VFAINNTKSFEDIHQYREQIKRVKDSDDVPMVLVGNKCDLAARTVESRQAQDLARSYGIPYIETSAKTRQGVEDAFYTLV
REIRQH
;
_entity_poly.pdbx_seq_one_letter_code_can   
;MTEYKLVVVGAGGVGKSALTIQLIQNHFVDEYDPTIEDSYRKQVVIDGETCLLDILDTAGQEEYSAMRDQYMRTGEGFLC
VFAINNTKSFEDIHQYREQIKRVKDSDDVPMVLVGNKCDLAARTVESRQAQDLARSYGIPYIETSAKTRQGVEDAFYTLV
REIRQH
;
_entity_poly.pdbx_strand_id                 A 
_entity_poly.pdbx_target_identifier         ? 
# 
loop_
_entity_poly_seq.entity_id 
_entity_poly_seq.num 
_entity_poly_seq.mon_id 
_entity_poly_seq.hetero 
1 1   MET n 
1 2   THR n 
1 3   GLU n 
1 4   TYR n 
1 5   LYS n 
1 6   LEU n 
1 7   VAL n 
1 8   VAL n 
1 9   VAL n 
1 10  GLY n 
1 11  ALA n 
1 12  GLY n 
1 13  GLY n 
1 14  VAL n 
1 15  GLY n 
1 16  LYS n 
1 17  SER n 
1 18  ALA n 
1 19  LEU n 
1 20  THR n 
1 21  ILE n 
1 22  GLN n 
1 23  LEU n 
1 24  ILE n 
1 25  GLN n 
1 26  ASN n 
1 27  HIS n 
1 28  PHE n 
1 29  VAL n 
1 30  ASP n 
1 31  GLU n 
1 32  TYR n 
1 33  ASP n 
1 34  PRO n 
1 35  THR n 
1 36  ILE n 
1 37  GLU n 
1 38  ASP n 
1 39  SER n 
1 40  TYR n 
1 41  ARG n 
1 42  LYS n 
1 43  GLN n 
1 44  VAL n 
1 45  VAL n 
1 46  ILE n 
1 47  ASP n 
1 48  GLY n 
1 49  GLU n 
1 50  THR n 
1 51  CYS n 
1 52  LEU n 
1 53  LEU n 
1 54  ASP n 
1 55  ILE n 
1 56  LEU n 
1 57  ASP n 
1 58  THR n 
1 59  ALA n 
1 60  GLY n 
1 61  GLN n 
1 62  GLU n 
1 63  GLU n 
1 64  TYR n 
1 65  SER n 
1 66  ALA n 
1 67  MET n 
1 68  ARG n 
1 69  ASP n 
1 70  GLN n 
1 71  TYR n 
1 72  MET n 
1 73  ARG n 
1 74  THR n 
1 75  GLY n 
1 76  GLU n 
1 77  GLY n 
1 78  PHE n 
1 79  LEU n 
1 80  CYS n 
1 81  VAL n 
1 82  PHE n 
1 83  ALA n 
1 84  ILE n 
1 85  ASN n 
1 86  ASN n 
1 87  THR n 
1 88  LYS n 
1 89  SER n 
1 90  PHE n 
1 91  GLU n 
1 92  ASP n 
1 93  ILE n 
1 94  HIS n 
1 95  GLN n 
1 96  TYR n 
1 97  ARG n 
1 98  GLU n 
1 99  GLN n 
1 100 ILE n 
1 101 LYS n 
1 102 ARG n 
1 103 VAL n 
1 104 LYS n 
1 105 ASP n 
1 106 SER n 
1 107 ASP n 
1 108 ASP n 
1 109 VAL n 
1 110 PRO n 
1 111 MET n 
1 112 VAL n 
1 113 LEU n 
1 114 VAL n 
1 115 GLY n 
1 116 ASN n 
1 117 LYS n 
1 118 CYS n 
1 119 ASP n 
1 120 LEU n 
1 121 ALA n 
1 122 ALA n 
1 123 ARG n 
1 124 THR n 
1 125 VAL n 
1 126 GLU n 
1 127 SER n 
1 128 ARG n 
1 129 GLN n 
1 130 ALA n 
1 131 GLN n 
1 132 ASP n 
1 133 LEU n 
1 134 ALA n 
1 135 ARG n 
1 136 SER n 
1 137 TYR n 
1 138 GLY n 
1 139 ILE n 
1 140 PRO n 
1 141 TYR n 
1 142 ILE n 
1 143 GLU n 
1 144 THR n 
1 145 SER n 
1 146 ALA n 
1 147 LYS n 
1 148 THR n 
1 149 ARG n 
1 150 GLN n 
1 151 GLY n 
1 152 VAL n 
1 153 GLU n 
1 154 ASP n 
1 155 ALA n 
1 156 PHE n 
1 157 TYR n 
1 158 THR n 
1 159 LEU n 
1 160 VAL n 
1 161 ARG n 
1 162 GLU n 
1 163 ILE n 
1 164 ARG n 
1 165 GLN n 
1 166 HIS n 
# 
_entity_src_gen.entity_id                          1 
_entity_src_gen.pdbx_src_id                        1 
_entity_src_gen.pdbx_alt_source_flag               sample 
_entity_src_gen.pdbx_seq_type                      ? 
_entity_src_gen.pdbx_beg_seq_num                   ? 
_entity_src_gen.pdbx_end_seq_num                   ? 
_entity_src_gen.gene_src_common_name               human 
_entity_src_gen.gene_src_genus                     ? 
_entity_src_gen.pdbx_gene_src_gene                 'HRAS, HRAS1' 
_entity_src_gen.gene_src_species                   ? 
_entity_src_gen.gene_src_strain                    ? 
_entity_src_gen.gene_src_tissue                    ? 
_entity_src_gen.gene_src_tissue_fraction           ? 
_entity_src_gen.gene_src_details                   ? 
_entity_src_gen.pdbx_gene_src_fragment             ? 
_entity_src_gen.pdbx_gene_src_scientific_name      'Homo sapiens' 
_entity_src_gen.pdbx_gene_src_ncbi_taxonomy_id     9606 
_entity_src_gen.pdbx_gene_src_variant              ? 
_entity_src_gen.pdbx_gene_src_cell_line            ? 
_entity_src_gen.pdbx_gene_src_atcc                 ? 
_entity_src_gen.pdbx_gene_src_organ                ? 
_entity_src_gen.pdbx_gene_src_organelle            ? 
_entity_src_gen.pdbx_gene_src_cell                 ? 
_entity_src_gen.pdbx_gene_src_cellular_location    ? 
_entity_src_gen.host_org_common_name               ? 
_entity_src_gen.pdbx_host_org_scientific_name      'Escherichia coli' 
_entity_src_gen.pdbx_host_org_ncbi_taxonomy_id     562 
_entity_src_gen.host_org_genus                     ? 
_entity_src_gen.pdbx_host_org_gene                 ? 
_entity_src_gen.pdbx_host_org_organ                ? 
_entity_src_gen.host_org_species                   ? 
_entity_src_gen.pdbx_host_org_tissue               ? 
_entity_src_gen.pdbx_host_org_tissue_fraction      ? 
_entity_src_gen.pdbx_host_org_strain               BL21 
_entity_src_gen.pdbx_host_org_variant              ? 
_entity_src_gen.pdbx_host_org_cell_line            ? 
_entity_src_gen.pdbx_host_org_atcc                 ? 
_entity_src_gen.pdbx_host_org_culture_collection   ? 
_entity_src_gen.pdbx_host_org_cell                 ? 
_entity_src_gen.pdbx_host_org_organelle            ? 
_entity_src_gen.pdbx_host_org_cellular_location    ? 
_entity_src_gen.pdbx_host_org_vector_type          PLASMID 
_entity_src_gen.pdbx_host_org_vector               ? 
_entity_src_gen.host_org_details                   ? 
_entity_src_gen.expression_system_id               ? 
_entity_src_gen.plasmid_name                       pET21 
_entity_src_gen.plasmid_details                    ? 
_entity_src_gen.pdbx_description                   ? 
# 
_struct_ref.id                         1 
_struct_ref.db_name                    UNP 
_struct_ref.db_code                    RASH_HUMAN 
_struct_ref.pdbx_db_accession          P01112 
_struct_ref.entity_id                  1 
_struct_ref.pdbx_seq_one_letter_code   
;MTEYKLVVVGAGGVGKSALTIQLIQNHFVDEYDPTIEDSYRKQVVIDGETCLLDILDTAGQEEYSAMRDQYMRTGEGFLC
VFAINNTKSFEDIHQYREQIKRVKDSDDVPMVLVGNKCDLAARTVESRQAQDLARSYGIPYIETSAKTRQGVEDAFYTLV
REIRQH
;
_struct_ref.pdbx_align_begin           1 
_struct_ref.pdbx_db_isoform            ? 
# 
_struct_ref_seq.align_id                      1 
_struct_ref_seq.ref_id                        1 
_struct_ref_seq.pdbx_PDB_id_code              3K8Y 
_struct_ref_seq.pdbx_strand_id                A 
_struct_ref_seq.seq_align_beg                 1 
_struct_ref_seq.pdbx_seq_align_beg_ins_code   ? 
_struct_ref_seq.seq_align_end                 166 
_struct_ref_seq.pdbx_seq_align_end_ins_code   ? 
_struct_ref_seq.pdbx_db_accession             P01112 
_struct_ref_seq.db_align_beg                  1 
_struct_ref_seq.pdbx_db_align_beg_ins_code    ? 
_struct_ref_seq.db_align_end                  166 
_struct_ref_seq.pdbx_db_align_end_ins_code    ? 
_struct_ref_seq.pdbx_auth_seq_align_beg       1 
_struct_ref_seq.pdbx_auth_seq_align_end       166 
# 
loop_
_chem_comp.id 
_chem_comp.type 
_chem_comp.mon_nstd_flag 
_chem_comp.name 
_chem_comp.pdbx_synonyms 
_chem_comp.formula 
_chem_comp.formula_weight 
ACT non-polymer         . 'ACETATE ION'                                 ? 'C2 H3 O2 -1'       59.044  
ALA 'L-peptide linking' y ALANINE                                       ? 'C3 H7 N O2'        89.093  
ARG 'L-peptide linking' y ARGININE                                      ? 'C6 H15 N4 O2 1'    175.209 
ASN 'L-peptide linking' y ASPARAGINE                                    ? 'C4 H8 N2 O3'       132.118 
ASP 'L-peptide linking' y 'ASPARTIC ACID'                               ? 'C4 H7 N O4'        133.103 
CA  non-polymer         . 'CALCIUM ION'                                 ? 'Ca 2'              40.078  
CYS 'L-peptide linking' y CYSTEINE                                      ? 'C3 H7 N O2 S'      121.158 
GLN 'L-peptide linking' y GLUTAMINE                                     ? 'C5 H10 N2 O3'      146.144 
GLU 'L-peptide linking' y 'GLUTAMIC ACID'                               ? 'C5 H9 N O4'        147.129 
GLY 'peptide linking'   y GLYCINE                                       ? 'C2 H5 N O2'        75.067  
GNP non-polymer         . 'PHOSPHOAMINOPHOSPHONIC ACID-GUANYLATE ESTER' ? 'C10 H17 N6 O13 P3' 522.196 
HIS 'L-peptide linking' y HISTIDINE                                     ? 'C6 H10 N3 O2 1'    156.162 
HOH non-polymer         . WATER                                         ? 'H2 O'              18.015  
ILE 'L-peptide linking' y ISOLEUCINE                                    ? 'C6 H13 N O2'       131.173 
LEU 'L-peptide linking' y LEUCINE                                       ? 'C6 H13 N O2'       131.173 
LYS 'L-peptide linking' y LYSINE                                        ? 'C6 H15 N2 O2 1'    147.195 
MET 'L-peptide linking' y METHIONINE                                    ? 'C5 H11 N O2 S'     149.211 
MG  non-polymer         . 'MAGNESIUM ION'                               ? 'Mg 2'              24.305  
PHE 'L-peptide linking' y PHENYLALANINE                                 ? 'C9 H11 N O2'       165.189 
PRO 'L-peptide linking' y PROLINE                                       ? 'C5 H9 N O2'        115.130 
SER 'L-peptide linking' y SERINE                                        ? 'C3 H7 N O3'        105.093 
THR 'L-peptide linking' y THREONINE                                     ? 'C4 H9 N O3'        119.119 
TYR 'L-peptide linking' y TYROSINE                                      ? 'C9 H11 N O3'       181.189 
VAL 'L-peptide linking' y VALINE                                        ? 'C5 H11 N O2'       117.146 
# 
_exptl.crystals_number   1 
_exptl.entry_id          3K8Y 
_exptl.method            'X-RAY DIFFRACTION' 
# 
_exptl_crystal.id                    1 
_exptl_crystal.density_Matthews      2.69 
_exptl_crystal.density_meas          ? 
_exptl_crystal.density_percent_sol   54.30 
_exptl_crystal.description           ? 
_exptl_crystal.F_000                 ? 
_exptl_crystal.preparation           ? 
# 
_exptl_crystal_grow.crystal_id      1 
_exptl_crystal_grow.method          'VAPOR DIFFUSION, SITTING DROP' 
_exptl_crystal_grow.pH              7.5 
_exptl_crystal_grow.temp            291.15 
_exptl_crystal_grow.temp_details    ? 
_exptl_crystal_grow.pdbx_details    
'0.2M Calcium acetate, 20% PEG 3350, 0.05% n-Octyl-B-D-glucopyranoside, pH 7.5, VAPOR DIFFUSION, SITTING DROP, temperature 291.15K' 
_exptl_crystal_grow.pdbx_pH_range   ? 
# 
_diffrn.id                     1 
_diffrn.ambient_temp           100.0 
_diffrn.ambient_temp_details   ? 
_diffrn.crystal_id             1 
# 
_diffrn_detector.diffrn_id              1 
_diffrn_detector.detector               CCD 
_diffrn_detector.type                   'MARMOSAIC 300 mm CCD' 
_diffrn_detector.pdbx_collection_date   2009-03-25 
_diffrn_detector.details                ? 
# 
_diffrn_radiation.diffrn_id                        1 
_diffrn_radiation.wavelength_id                    1 
_diffrn_radiation.pdbx_diffrn_protocol             'SINGLE WAVELENGTH' 
_diffrn_radiation.monochromator                    crystal 
_diffrn_radiation.pdbx_monochromatic_or_laue_m_l   M 
_diffrn_radiation.pdbx_scattering_type             x-ray 
# 
_diffrn_radiation_wavelength.id           1 
_diffrn_radiation_wavelength.wavelength   1.00 
_diffrn_radiation_wavelength.wt           1.0 
# 
_diffrn_source.diffrn_id                   1 
_diffrn_source.source                      SYNCHROTRON 
_diffrn_source.type                        'APS BEAMLINE 22-ID' 
_diffrn_source.pdbx_wavelength             ? 
_diffrn_source.pdbx_wavelength_list        1.00 
_diffrn_source.pdbx_synchrotron_site       APS 
_diffrn_source.pdbx_synchrotron_beamline   22-ID 
# 
_reflns.entry_id                     3K8Y 
_reflns.observed_criterion_sigma_F   0.0 
_reflns.observed_criterion_sigma_I   0.0 
_reflns.d_resolution_high            1.29 
_reflns.d_resolution_low             10.0 
_reflns.number_all                   49586 
_reflns.number_obs                   49586 
_reflns.percent_possible_obs         97.3 
_reflns.pdbx_Rmerge_I_obs            0.1 
_reflns.pdbx_Rsym_value              ? 
_reflns.pdbx_netI_over_sigmaI        17.9 
_reflns.B_iso_Wilson_estimate        ? 
_reflns.pdbx_redundancy              6.3 
_reflns.R_free_details               ? 
_reflns.limit_h_max                  ? 
_reflns.limit_h_min                  ? 
_reflns.limit_k_max                  ? 
_reflns.limit_k_min                  ? 
_reflns.limit_l_max                  ? 
_reflns.limit_l_min                  ? 
_reflns.observed_criterion_F_max     ? 
_reflns.observed_criterion_F_min     ? 
_reflns.pdbx_chi_squared             ? 
_reflns.pdbx_scaling_rejects         ? 
_reflns.pdbx_diffrn_id               1 
_reflns.pdbx_ordinal                 1 
# 
_reflns_shell.d_res_high             1.29 
_reflns_shell.d_res_low              1.35 
_reflns_shell.percent_possible_obs   ? 
_reflns_shell.percent_possible_all   99.7 
_reflns_shell.Rmerge_I_obs           0.857 
_reflns_shell.meanI_over_sigI_obs    2.2 
_reflns_shell.pdbx_Rsym_value        ? 
_reflns_shell.pdbx_redundancy        5.7 
_reflns_shell.number_unique_all      6239 
_reflns_shell.number_measured_all    ? 
_reflns_shell.number_measured_obs    ? 
_reflns_shell.number_unique_obs      ? 
_reflns_shell.pdbx_chi_squared       ? 
_reflns_shell.pdbx_diffrn_id         ? 
_reflns_shell.pdbx_ordinal           1 
# 
_refine.entry_id                                 3K8Y 
_refine.ls_d_res_high                            1.300 
_refine.ls_d_res_low                             9.992 
_refine.pdbx_ls_sigma_F                          0.04 
_refine.pdbx_data_cutoff_high_absF               ? 
_refine.pdbx_data_cutoff_low_absF                ? 
_refine.ls_percent_reflns_obs                    93.390 
_refine.ls_number_reflns_obs                     46632 
_refine.ls_number_reflns_all                     49586 
_refine.pdbx_ls_cross_valid_method               THROUGHOUT 
_refine.pdbx_R_Free_selection_details            random 
_refine.details                                  ? 
_refine.ls_R_factor_all                          ? 
_refine.ls_R_factor_obs                          0.201 
_refine.ls_R_factor_R_work                       0.200 
_refine.ls_wR_factor_R_work                      ? 
_refine.ls_R_factor_R_free                       0.227 
_refine.ls_wR_factor_R_free                      ? 
_refine.ls_percent_reflns_R_free                 3.230 
_refine.ls_number_reflns_R_free                  1504 
_refine.ls_R_factor_R_free_error                 ? 
_refine.B_iso_mean                               21.199 
_refine.solvent_model_param_bsol                 60.007 
_refine.solvent_model_param_ksol                 0.507 
_refine.pdbx_isotropic_thermal_model             ? 
_refine.aniso_B[1][1]                            -1.328 
_refine.aniso_B[2][2]                            -1.328 
_refine.aniso_B[3][3]                            2.657 
_refine.aniso_B[1][2]                            0.000 
_refine.aniso_B[1][3]                            0.000 
_refine.aniso_B[2][3]                            -0.000 
_refine.correlation_coeff_Fo_to_Fc               ? 
_refine.correlation_coeff_Fo_to_Fc_free          ? 
_refine.overall_SU_R_Cruickshank_DPI             ? 
_refine.overall_SU_R_free                        ? 
_refine.pdbx_overall_ESU_R                       ? 
_refine.pdbx_overall_ESU_R_Free                  ? 
_refine.overall_SU_ML                            0.800 
_refine.overall_SU_B                             ? 
_refine.solvent_model_details                    'FLAT BULK SOLVENT MODEL' 
_refine.pdbx_solvent_vdw_probe_radii             1.110 
_refine.pdbx_solvent_ion_probe_radii             ? 
_refine.pdbx_solvent_shrinkage_radii             0.900 
_refine.ls_number_parameters                     ? 
_refine.ls_number_restraints                     ? 
_refine.pdbx_starting_model                      'PDB entry 2RGE' 
_refine.pdbx_method_to_determine_struct          'MOLECULAR REPLACEMENT' 
_refine.pdbx_stereochemistry_target_values       ML 
_refine.pdbx_stereochem_target_val_spec_case     ? 
_refine.overall_FOM_work_R_set                   ? 
_refine.B_iso_max                                52.40 
_refine.B_iso_min                                9.81 
_refine.occupancy_max                            1.00 
_refine.occupancy_min                            1.00 
_refine.pdbx_ls_sigma_I                          ? 
_refine.ls_redundancy_reflns_obs                 ? 
_refine.ls_R_factor_R_free_error_details         ? 
_refine.pdbx_data_cutoff_high_rms_absF           ? 
_refine.overall_FOM_free_R_set                   ? 
_refine.pdbx_overall_phase_error                 ? 
_refine.pdbx_refine_id                           'X-RAY DIFFRACTION' 
_refine.pdbx_diffrn_id                           1 
_refine.pdbx_TLS_residual_ADP_flag               ? 
_refine.pdbx_overall_SU_R_free_Cruickshank_DPI   ? 
_refine.pdbx_overall_SU_R_Blow_DPI               ? 
_refine.pdbx_overall_SU_R_free_Blow_DPI          ? 
# 
_refine_hist.pdbx_refine_id                   'X-RAY DIFFRACTION' 
_refine_hist.cycle_id                         LAST 
_refine_hist.pdbx_number_atoms_protein        1323 
_refine_hist.pdbx_number_atoms_nucleic_acid   0 
_refine_hist.pdbx_number_atoms_ligand         40 
_refine_hist.number_atoms_solvent             184 
_refine_hist.number_atoms_total               1547 
_refine_hist.d_res_high                       1.300 
_refine_hist.d_res_low                        9.992 
# 
loop_
_refine_ls_restr.type 
_refine_ls_restr.number 
_refine_ls_restr.dev_ideal 
_refine_ls_restr.dev_ideal_target 
_refine_ls_restr.weight 
_refine_ls_restr.pdbx_refine_id 
_refine_ls_restr.pdbx_restraint_function 
f_bond_d           1379 0.005  ? ? 'X-RAY DIFFRACTION' ? 
f_angle_d          1869 1.056  ? ? 'X-RAY DIFFRACTION' ? 
f_chiral_restr     207  0.061  ? ? 'X-RAY DIFFRACTION' ? 
f_plane_restr      241  0.003  ? ? 'X-RAY DIFFRACTION' ? 
f_dihedral_angle_d 509  18.532 ? ? 'X-RAY DIFFRACTION' ? 
# 
loop_
_refine_ls_shell.d_res_high 
_refine_ls_shell.d_res_low 
_refine_ls_shell.pdbx_total_number_of_bins_used 
_refine_ls_shell.percent_reflns_obs 
_refine_ls_shell.number_reflns_R_work 
_refine_ls_shell.R_factor_all 
_refine_ls_shell.R_factor_R_work 
_refine_ls_shell.R_factor_R_free 
_refine_ls_shell.percent_reflns_R_free 
_refine_ls_shell.number_reflns_R_free 
_refine_ls_shell.R_factor_R_free_error 
_refine_ls_shell.number_reflns_all 
_refine_ls_shell.number_reflns_obs 
_refine_ls_shell.redundancy_reflns_obs 
_refine_ls_shell.pdbx_refine_id 
1.300 1.342 11 85.000  3699 . 0.286 0.319 . 129 . 3828 . . 'X-RAY DIFFRACTION' 
1.342 1.390 11 88.000  3819 . 0.256 0.276 . 126 . 3945 . . 'X-RAY DIFFRACTION' 
1.390 1.445 11 92.000  4017 . 0.230 0.280 . 126 . 4143 . . 'X-RAY DIFFRACTION' 
1.445 1.511 11 95.000  4115 . 0.211 0.269 . 134 . 4249 . . 'X-RAY DIFFRACTION' 
1.511 1.590 11 96.000  4206 . 0.182 0.214 . 142 . 4348 . . 'X-RAY DIFFRACTION' 
1.590 1.689 11 98.000  4269 . 0.176 0.233 . 144 . 4413 . . 'X-RAY DIFFRACTION' 
1.689 1.819 11 98.000  4290 . 0.171 0.185 . 142 . 4432 . . 'X-RAY DIFFRACTION' 
1.819 2.001 11 99.000  4364 . 0.163 0.187 . 147 . 4511 . . 'X-RAY DIFFRACTION' 
2.001 2.287 11 100.000 4383 . 0.165 0.174 . 146 . 4529 . . 'X-RAY DIFFRACTION' 
2.287 2.870 11 100.000 4432 . 0.181 0.201 . 150 . 4582 . . 'X-RAY DIFFRACTION' 
2.870 9.992 11 78.000  3534 . 0.227 0.267 . 118 . 3652 . . 'X-RAY DIFFRACTION' 
# 
_struct.entry_id                  3K8Y 
_struct.title                     'Allosteric modulation of H-Ras GTPase' 
_struct.pdbx_model_details        ? 
_struct.pdbx_CASP_flag            ? 
_struct.pdbx_model_type_details   ? 
# 
_struct_keywords.entry_id        3K8Y 
_struct_keywords.pdbx_keywords   ONCOPROTEIN 
_struct_keywords.text            
;PROTEIN-NUCLEOTIDE COMPLEX, Acetylation, Cell membrane, Disease mutation, Golgi apparatus, GTP-binding, Lipoprotein, Membrane, Methylation, Nucleotide-binding, Palmitate, Prenylation, Proto-oncogene, S-nitrosylation, ONCOPROTEIN
;
# 
loop_
_struct_asym.id 
_struct_asym.pdbx_blank_PDB_chainid_flag 
_struct_asym.pdbx_modified 
_struct_asym.entity_id 
_struct_asym.details 
A N N 1 ? 
B N N 2 ? 
C N N 3 ? 
D N N 4 ? 
E N N 3 ? 
F N N 4 ? 
G N N 5 ? 
H N N 6 ? 
# 
_struct_biol.id        1 
_struct_biol.details   ? 
# 
loop_
_struct_conf.conf_type_id 
_struct_conf.id 
_struct_conf.pdbx_PDB_helix_id 
_struct_conf.beg_label_comp_id 
_struct_conf.beg_label_asym_id 
_struct_conf.beg_label_seq_id 
_struct_conf.pdbx_beg_PDB_ins_code 
_struct_conf.end_label_comp_id 
_struct_conf.end_label_asym_id 
_struct_conf.end_label_seq_id 
_struct_conf.pdbx_end_PDB_ins_code 
_struct_conf.beg_auth_comp_id 
_struct_conf.beg_auth_asym_id 
_struct_conf.beg_auth_seq_id 
_struct_conf.end_auth_comp_id 
_struct_conf.end_auth_asym_id 
_struct_conf.end_auth_seq_id 
_struct_conf.pdbx_PDB_helix_class 
_struct_conf.details 
_struct_conf.pdbx_PDB_helix_length 
HELX_P HELX_P1 1 GLY A 15  ? ASN A 26  ? GLY A 15  ASN A 26  1 ? 12 
HELX_P HELX_P2 2 GLN A 61  ? ALA A 66  ? GLN A 61  ALA A 66  5 ? 6  
HELX_P HELX_P3 3 MET A 67  ? GLY A 75  ? MET A 67  GLY A 75  1 ? 9  
HELX_P HELX_P4 4 ASN A 86  ? ASP A 105 ? ASN A 86  ASP A 105 1 ? 20 
HELX_P HELX_P5 5 GLU A 126 ? GLY A 138 ? GLU A 126 GLY A 138 1 ? 13 
HELX_P HELX_P6 6 GLY A 151 ? ARG A 164 ? GLY A 151 ARG A 164 1 ? 14 
# 
_struct_conf_type.id          HELX_P 
_struct_conf_type.criteria    ? 
_struct_conf_type.reference   ? 
# 
loop_
_struct_conn.id 
_struct_conn.conn_type_id 
_struct_conn.pdbx_leaving_atom_flag 
_struct_conn.pdbx_PDB_id 
_struct_conn.ptnr1_label_asym_id 
_struct_conn.ptnr1_label_comp_id 
_struct_conn.ptnr1_label_seq_id 
_struct_conn.ptnr1_label_atom_id 
_struct_conn.pdbx_ptnr1_label_alt_id 
_struct_conn.pdbx_ptnr1_PDB_ins_code 
_struct_conn.pdbx_ptnr1_standard_comp_id 
_struct_conn.ptnr1_symmetry 
_struct_conn.ptnr2_label_asym_id 
_struct_conn.ptnr2_label_comp_id 
_struct_conn.ptnr2_label_seq_id 
_struct_conn.ptnr2_label_atom_id 
_struct_conn.pdbx_ptnr2_label_alt_id 
_struct_conn.pdbx_ptnr2_PDB_ins_code 
_struct_conn.ptnr1_auth_asym_id 
_struct_conn.ptnr1_auth_comp_id 
_struct_conn.ptnr1_auth_seq_id 
_struct_conn.ptnr2_auth_asym_id 
_struct_conn.ptnr2_auth_comp_id 
_struct_conn.ptnr2_auth_seq_id 
_struct_conn.ptnr2_symmetry 
_struct_conn.pdbx_ptnr3_label_atom_id 
_struct_conn.pdbx_ptnr3_label_seq_id 
_struct_conn.pdbx_ptnr3_label_comp_id 
_struct_conn.pdbx_ptnr3_label_asym_id 
_struct_conn.pdbx_ptnr3_label_alt_id 
_struct_conn.pdbx_ptnr3_PDB_ins_code 
_struct_conn.details 
_struct_conn.pdbx_dist_value 
_struct_conn.pdbx_value_order 
_struct_conn.pdbx_role 
metalc1  metalc ? ? A SER 17  OG  ? ? ? 1_555 D MG  . MG  ? ? A SER 17  A MG  168 1_555 ? ? ? ? ? ? ? 2.136 ? ? 
metalc2  metalc ? ? A PHE 28  O   ? ? ? 1_555 C CA  . CA  ? ? A PHE 28  A CA  167 1_555 ? ? ? ? ? ? ? 2.354 ? ? 
metalc3  metalc ? ? A ASP 30  OD1 ? ? ? 1_555 C CA  . CA  ? ? A ASP 30  A CA  167 1_555 ? ? ? ? ? ? ? 2.453 ? ? 
metalc4  metalc ? ? A THR 35  OG1 ? ? ? 1_555 D MG  . MG  ? ? A THR 35  A MG  168 1_555 ? ? ? ? ? ? ? 2.156 ? ? 
metalc5  metalc ? ? A ASP 107 O   ? ? ? 1_555 E CA  . CA  ? ? A ASP 107 A CA  169 1_555 ? ? ? ? ? ? ? 2.441 ? ? 
metalc6  metalc ? ? A TYR 137 O   ? ? ? 1_555 E CA  . CA  ? ? A TYR 137 A CA  169 1_555 ? ? ? ? ? ? ? 2.496 ? ? 
metalc7  metalc ? ? C CA  .   CA  ? ? ? 1_555 H HOH . O   ? ? A CA  167 A HOH 200 1_555 ? ? ? ? ? ? ? 2.500 ? ? 
metalc8  metalc ? ? C CA  .   CA  ? ? ? 1_555 H HOH . O   ? ? A CA  167 A HOH 233 1_555 ? ? ? ? ? ? ? 2.579 ? ? 
metalc9  metalc ? ? D MG  .   MG  ? ? ? 1_555 H HOH . O   ? ? A MG  168 A HOH 172 1_555 ? ? ? ? ? ? ? 2.160 ? ? 
metalc10 metalc ? ? D MG  .   MG  ? ? ? 1_555 H HOH . O   ? ? A MG  168 A HOH 173 1_555 ? ? ? ? ? ? ? 2.145 ? ? 
metalc11 metalc ? ? D MG  .   MG  ? ? ? 1_555 B GNP . O2G ? ? A MG  168 A GNP 528 1_555 ? ? ? ? ? ? ? 2.034 ? ? 
metalc12 metalc ? ? D MG  .   MG  ? ? ? 1_555 B GNP . O2B ? ? A MG  168 A GNP 528 1_555 ? ? ? ? ? ? ? 2.103 ? ? 
metalc13 metalc ? ? E CA  .   CA  ? ? ? 1_555 H HOH . O   ? ? A CA  169 A HOH 232 1_555 ? ? ? ? ? ? ? 2.570 ? ? 
metalc14 metalc ? ? E CA  .   CA  ? ? ? 1_555 H HOH . O   ? ? A CA  169 A HOH 366 1_555 ? ? ? ? ? ? ? 2.816 ? ? 
metalc15 metalc ? ? E CA  .   CA  ? ? ? 1_555 H HOH . O   ? ? A CA  169 A HOH 392 1_555 ? ? ? ? ? ? ? 2.639 ? ? 
metalc16 metalc ? ? E CA  .   CA  ? ? ? 1_555 G ACT . O   ? ? A CA  169 A ACT 719 1_555 ? ? ? ? ? ? ? 2.714 ? ? 
metalc17 metalc ? ? E CA  .   CA  ? ? ? 1_555 G ACT . OXT ? ? A CA  169 A ACT 719 1_555 ? ? ? ? ? ? ? 2.647 ? ? 
metalc18 metalc ? ? F MG  .   MG  ? ? ? 1_555 H HOH . O   ? ? A MG  170 A HOH 178 1_555 ? ? ? ? ? ? ? 2.173 ? ? 
metalc19 metalc ? ? F MG  .   MG  ? ? ? 1_555 H HOH . O   ? ? A MG  170 A HOH 182 1_555 ? ? ? ? ? ? ? 2.133 ? ? 
# 
_struct_conn_type.id          metalc 
_struct_conn_type.criteria    ? 
_struct_conn_type.reference   ? 
# 
_struct_sheet.id               A 
_struct_sheet.type             ? 
_struct_sheet.number_strands   6 
_struct_sheet.details          ? 
# 
loop_
_struct_sheet_order.sheet_id 
_struct_sheet_order.range_id_1 
_struct_sheet_order.range_id_2 
_struct_sheet_order.offset 
_struct_sheet_order.sense 
A 1 2 ? anti-parallel 
A 2 3 ? parallel      
A 3 4 ? parallel      
A 4 5 ? parallel      
A 5 6 ? parallel      
# 
loop_
_struct_sheet_range.sheet_id 
_struct_sheet_range.id 
_struct_sheet_range.beg_label_comp_id 
_struct_sheet_range.beg_label_asym_id 
_struct_sheet_range.beg_label_seq_id 
_struct_sheet_range.pdbx_beg_PDB_ins_code 
_struct_sheet_range.end_label_comp_id 
_struct_sheet_range.end_label_asym_id 
_struct_sheet_range.end_label_seq_id 
_struct_sheet_range.pdbx_end_PDB_ins_code 
_struct_sheet_range.beg_auth_comp_id 
_struct_sheet_range.beg_auth_asym_id 
_struct_sheet_range.beg_auth_seq_id 
_struct_sheet_range.end_auth_comp_id 
_struct_sheet_range.end_auth_asym_id 
_struct_sheet_range.end_auth_seq_id 
A 1 GLU A 37  ? ILE A 46  ? GLU A 37  ILE A 46  
A 2 GLU A 49  ? THR A 58  ? GLU A 49  THR A 58  
A 3 THR A 2   ? VAL A 9   ? THR A 2   VAL A 9   
A 4 GLY A 77  ? ALA A 83  ? GLY A 77  ALA A 83  
A 5 MET A 111 ? ASN A 116 ? MET A 111 ASN A 116 
A 6 TYR A 141 ? GLU A 143 ? TYR A 141 GLU A 143 
# 
loop_
_pdbx_struct_sheet_hbond.sheet_id 
_pdbx_struct_sheet_hbond.range_id_1 
_pdbx_struct_sheet_hbond.range_id_2 
_pdbx_struct_sheet_hbond.range_1_label_atom_id 
_pdbx_struct_sheet_hbond.range_1_label_comp_id 
_pdbx_struct_sheet_hbond.range_1_label_asym_id 
_pdbx_struct_sheet_hbond.range_1_label_seq_id 
_pdbx_struct_sheet_hbond.range_1_PDB_ins_code 
_pdbx_struct_sheet_hbond.range_1_auth_atom_id 
_pdbx_struct_sheet_hbond.range_1_auth_comp_id 
_pdbx_struct_sheet_hbond.range_1_auth_asym_id 
_pdbx_struct_sheet_hbond.range_1_auth_seq_id 
_pdbx_struct_sheet_hbond.range_2_label_atom_id 
_pdbx_struct_sheet_hbond.range_2_label_comp_id 
_pdbx_struct_sheet_hbond.range_2_label_asym_id 
_pdbx_struct_sheet_hbond.range_2_label_seq_id 
_pdbx_struct_sheet_hbond.range_2_PDB_ins_code 
_pdbx_struct_sheet_hbond.range_2_auth_atom_id 
_pdbx_struct_sheet_hbond.range_2_auth_comp_id 
_pdbx_struct_sheet_hbond.range_2_auth_asym_id 
_pdbx_struct_sheet_hbond.range_2_auth_seq_id 
A 1 2 N TYR A 40  ? N TYR A 40  O ILE A 55  ? O ILE A 55  
A 2 3 O LEU A 56  ? O LEU A 56  N VAL A 8   ? N VAL A 8   
A 3 4 N VAL A 9   ? N VAL A 9   O VAL A 81  ? O VAL A 81  
A 4 5 N PHE A 82  ? N PHE A 82  O ASN A 116 ? O ASN A 116 
A 5 6 N LEU A 113 ? N LEU A 113 O ILE A 142 ? O ILE A 142 
# 
loop_
_struct_site.id 
_struct_site.pdbx_evidence_code 
_struct_site.pdbx_auth_asym_id 
_struct_site.pdbx_auth_comp_id 
_struct_site.pdbx_auth_seq_id 
_struct_site.pdbx_auth_ins_code 
_struct_site.pdbx_num_residues 
_struct_site.details 
AC1 Software A GNP 528 ? 31 'BINDING SITE FOR RESIDUE GNP A 528' 
AC2 Software A CA  167 ? 6  'BINDING SITE FOR RESIDUE CA A 167'  
AC3 Software A MG  168 ? 5  'BINDING SITE FOR RESIDUE MG A 168'  
AC4 Software A CA  169 ? 6  'BINDING SITE FOR RESIDUE CA A 169'  
AC5 Software A MG  170 ? 6  'BINDING SITE FOR RESIDUE MG A 170'  
AC6 Software A ACT 719 ? 8  'BINDING SITE FOR RESIDUE ACT A 719' 
# 
loop_
_struct_site_gen.id 
_struct_site_gen.site_id 
_struct_site_gen.pdbx_num_res 
_struct_site_gen.label_comp_id 
_struct_site_gen.label_asym_id 
_struct_site_gen.label_seq_id 
_struct_site_gen.pdbx_auth_ins_code 
_struct_site_gen.auth_comp_id 
_struct_site_gen.auth_asym_id 
_struct_site_gen.auth_seq_id 
_struct_site_gen.label_atom_id 
_struct_site_gen.label_alt_id 
_struct_site_gen.symmetry 
_struct_site_gen.details 
1  AC1 31 GLY A 12  ? GLY A 12  . ? 1_555 ? 
2  AC1 31 GLY A 13  ? GLY A 13  . ? 1_555 ? 
3  AC1 31 VAL A 14  ? VAL A 14  . ? 1_555 ? 
4  AC1 31 GLY A 15  ? GLY A 15  . ? 1_555 ? 
5  AC1 31 LYS A 16  ? LYS A 16  . ? 1_555 ? 
6  AC1 31 SER A 17  ? SER A 17  . ? 1_555 ? 
7  AC1 31 ALA A 18  ? ALA A 18  . ? 1_555 ? 
8  AC1 31 PHE A 28  ? PHE A 28  . ? 1_555 ? 
9  AC1 31 VAL A 29  ? VAL A 29  . ? 1_555 ? 
10 AC1 31 ASP A 30  ? ASP A 30  . ? 1_555 ? 
11 AC1 31 GLU A 31  ? GLU A 31  . ? 1_555 ? 
12 AC1 31 PRO A 34  ? PRO A 34  . ? 1_555 ? 
13 AC1 31 THR A 35  ? THR A 35  . ? 1_555 ? 
14 AC1 31 GLY A 60  ? GLY A 60  . ? 1_555 ? 
15 AC1 31 ASN A 116 ? ASN A 116 . ? 1_555 ? 
16 AC1 31 LYS A 117 ? LYS A 117 . ? 1_555 ? 
17 AC1 31 ASP A 119 ? ASP A 119 . ? 1_555 ? 
18 AC1 31 LEU A 120 ? LEU A 120 . ? 1_555 ? 
19 AC1 31 SER A 145 ? SER A 145 . ? 1_555 ? 
20 AC1 31 ALA A 146 ? ALA A 146 . ? 1_555 ? 
21 AC1 31 LYS A 147 ? LYS A 147 . ? 1_555 ? 
22 AC1 31 MG  D .   ? MG  A 168 . ? 1_555 ? 
23 AC1 31 HOH H .   ? HOH A 171 . ? 1_555 ? 
24 AC1 31 HOH H .   ? HOH A 172 . ? 1_555 ? 
25 AC1 31 HOH H .   ? HOH A 173 . ? 1_555 ? 
26 AC1 31 HOH H .   ? HOH A 175 . ? 1_555 ? 
27 AC1 31 HOH H .   ? HOH A 184 . ? 1_555 ? 
28 AC1 31 HOH H .   ? HOH A 189 . ? 1_555 ? 
29 AC1 31 HOH H .   ? HOH A 198 . ? 1_555 ? 
30 AC1 31 HOH H .   ? HOH A 209 . ? 1_555 ? 
31 AC1 31 HOH H .   ? HOH A 288 . ? 1_555 ? 
32 AC2 6  PHE A 28  ? PHE A 28  . ? 1_555 ? 
33 AC2 6  ASP A 30  ? ASP A 30  . ? 1_555 ? 
34 AC2 6  GLU A 31  ? GLU A 31  . ? 5_674 ? 
35 AC2 6  ASP A 33  ? ASP A 33  . ? 5_674 ? 
36 AC2 6  HOH H .   ? HOH A 200 . ? 1_555 ? 
37 AC2 6  HOH H .   ? HOH A 233 . ? 1_555 ? 
38 AC3 5  SER A 17  ? SER A 17  . ? 1_555 ? 
39 AC3 5  THR A 35  ? THR A 35  . ? 1_555 ? 
40 AC3 5  HOH H .   ? HOH A 172 . ? 1_555 ? 
41 AC3 5  HOH H .   ? HOH A 173 . ? 1_555 ? 
42 AC3 5  GNP B .   ? GNP A 528 . ? 1_555 ? 
43 AC4 6  ASP A 107 ? ASP A 107 . ? 1_555 ? 
44 AC4 6  TYR A 137 ? TYR A 137 . ? 1_555 ? 
45 AC4 6  HOH H .   ? HOH A 232 . ? 1_555 ? 
46 AC4 6  HOH H .   ? HOH A 366 . ? 1_555 ? 
47 AC4 6  HOH H .   ? HOH A 392 . ? 1_555 ? 
48 AC4 6  ACT G .   ? ACT A 719 . ? 1_555 ? 
49 AC5 6  HOH H .   ? HOH A 178 . ? 2_665 ? 
50 AC5 6  HOH H .   ? HOH A 178 . ? 3_565 ? 
51 AC5 6  HOH H .   ? HOH A 178 . ? 1_555 ? 
52 AC5 6  HOH H .   ? HOH A 182 . ? 3_565 ? 
53 AC5 6  HOH H .   ? HOH A 182 . ? 1_555 ? 
54 AC5 6  HOH H .   ? HOH A 182 . ? 2_665 ? 
55 AC6 8  ARG A 97  ? ARG A 97  . ? 1_555 ? 
56 AC6 8  LYS A 101 ? LYS A 101 . ? 1_555 ? 
57 AC6 8  ASP A 107 ? ASP A 107 . ? 1_555 ? 
58 AC6 8  ASP A 108 ? ASP A 108 . ? 1_555 ? 
59 AC6 8  VAL A 109 ? VAL A 109 . ? 1_555 ? 
60 AC6 8  MET A 111 ? MET A 111 . ? 1_555 ? 
61 AC6 8  CA  E .   ? CA  A 169 . ? 1_555 ? 
62 AC6 8  HOH H .   ? HOH A 232 . ? 1_555 ? 
# 
_atom_sites.entry_id                    3K8Y 
_atom_sites.fract_transf_matrix[1][1]   -0.00536614 
_atom_sites.fract_transf_matrix[1][2]   0.00909484 
_atom_sites.fract_transf_matrix[1][3]   0.00767040 
_atom_sites.fract_transf_matrix[2][1]   0.00549052 
_atom_sites.fract_transf_matrix[2][2]   0.00292916 
_atom_sites.fract_transf_matrix[2][3]   0.01147182 
_atom_sites.fract_transf_matrix[3][1]   0.00411399 
_atom_sites.fract_transf_matrix[3][2]   0.00520986 
_atom_sites.fract_transf_matrix[3][3]   -0.00329925 
_atom_sites.fract_transf_vector[1]      0.225675 
_atom_sites.fract_transf_vector[2]      0.830909 
_atom_sites.fract_transf_vector[3]      -0.572291 
# 
loop_
_atom_type.symbol 
C  
CA 
MG 
N  
O  
P  
S  
# 
loop_
_atom_site.group_PDB 
_atom_site.id 
_atom_site.type_symbol 
_atom_site.label_atom_id 
_atom_site.label_alt_id 
_atom_site.label_comp_id 
_atom_site.label_asym_id 
_atom_site.label_entity_id 
_atom_site.label_seq_id 
_atom_site.pdbx_PDB_ins_code 
_atom_site.Cartn_x 
_atom_site.Cartn_y 
_atom_site.Cartn_z 
_atom_site.occupancy 
_atom_site.B_iso_or_equiv 
_atom_site.pdbx_formal_charge 
_atom_site.auth_seq_id 
_atom_site.auth_comp_id 
_atom_site.auth_asym_id 
_atom_site.auth_atom_id 
_atom_site.pdbx_PDB_model_num 
ATOM   1    N  N     . MET A 1 1   ? 20.489  -10.117 7.690   1.00 42.40 ? 1   MET A N     1 
ATOM   2    C  CA    . MET A 1 1   ? 19.114  -10.520 7.957   1.00 36.56 ? 1   MET A CA    1 
ATOM   3    C  C     . MET A 1 1   ? 18.256  -10.356 6.707   1.00 31.99 ? 1   MET A C     1 
ATOM   4    O  O     . MET A 1 1   ? 18.678  -9.739  5.728   1.00 32.95 ? 1   MET A O     1 
ATOM   5    C  CB    . MET A 1 1   ? 18.525  -9.703  9.110   1.00 34.19 ? 1   MET A CB    1 
ATOM   6    C  CG    . MET A 1 1   ? 18.248  -8.249  8.767   1.00 33.52 ? 1   MET A CG    1 
ATOM   7    S  SD    . MET A 1 1   ? 17.748  -7.273  10.197  1.00 36.55 ? 1   MET A SD    1 
ATOM   8    C  CE    . MET A 1 1   ? 19.119  -7.580  11.311  1.00 38.11 ? 1   MET A CE    1 
ATOM   9    N  N     . THR A 1 2   ? 17.052  -10.914 6.746   1.00 29.76 ? 2   THR A N     1 
ATOM   10   C  CA    . THR A 1 2   ? 16.145  -10.837 5.611   1.00 27.48 ? 2   THR A CA    1 
ATOM   11   C  C     . THR A 1 2   ? 15.622  -9.418  5.429   1.00 20.54 ? 2   THR A C     1 
ATOM   12   O  O     . THR A 1 2   ? 15.228  -8.770  6.390   1.00 24.84 ? 2   THR A O     1 
ATOM   13   C  CB    . THR A 1 2   ? 14.957  -11.799 5.779   1.00 26.96 ? 2   THR A CB    1 
ATOM   14   O  OG1   . THR A 1 2   ? 15.447  -13.137 5.947   1.00 34.33 ? 2   THR A OG1   1 
ATOM   15   C  CG2   . THR A 1 2   ? 14.054  -11.745 4.560   1.00 25.47 ? 2   THR A CG2   1 
ATOM   16   N  N     . GLU A 1 3   ? 15.646  -8.943  4.192   1.00 20.63 ? 3   GLU A N     1 
ATOM   17   C  CA    . GLU A 1 3   ? 15.107  -7.636  3.850   1.00 22.97 ? 3   GLU A CA    1 
ATOM   18   C  C     . GLU A 1 3   ? 13.883  -7.823  2.970   1.00 20.00 ? 3   GLU A C     1 
ATOM   19   O  O     . GLU A 1 3   ? 13.882  -8.665  2.072   1.00 21.22 ? 3   GLU A O     1 
ATOM   20   C  CB    . GLU A 1 3   ? 16.163  -6.805  3.115   1.00 25.75 ? 3   GLU A CB    1 
ATOM   21   C  CG    . GLU A 1 3   ? 15.697  -5.431  2.660   1.00 28.34 ? 3   GLU A CG    1 
ATOM   22   C  CD    . GLU A 1 3   ? 16.819  -4.614  2.044   1.00 36.07 ? 3   GLU A CD    1 
ATOM   23   O  OE1   . GLU A 1 3   ? 17.993  -4.843  2.408   1.00 41.45 ? 3   GLU A OE1   1 
ATOM   24   O  OE2   . GLU A 1 3   ? 16.527  -3.741  1.200   1.00 36.82 ? 3   GLU A OE2   1 
ATOM   25   N  N     . TYR A 1 4   ? 12.840  -7.047  3.250   1.00 18.38 ? 4   TYR A N     1 
ATOM   26   C  CA    . TYR A 1 4   ? 11.623  -7.046  2.448   1.00 16.57 ? 4   TYR A CA    1 
ATOM   27   C  C     . TYR A 1 4   ? 11.457  -5.670  1.824   1.00 17.21 ? 4   TYR A C     1 
ATOM   28   O  O     . TYR A 1 4   ? 11.381  -4.664  2.537   1.00 17.59 ? 4   TYR A O     1 
ATOM   29   C  CB    . TYR A 1 4   ? 10.403  -7.397  3.311   1.00 16.67 ? 4   TYR A CB    1 
ATOM   30   C  CG    . TYR A 1 4   ? 10.444  -8.808  3.858   1.00 15.74 ? 4   TYR A CG    1 
ATOM   31   C  CD1   . TYR A 1 4   ? 10.083  -9.889  3.063   1.00 17.44 ? 4   TYR A CD1   1 
ATOM   32   C  CD2   . TYR A 1 4   ? 10.866  -9.059  5.159   1.00 18.35 ? 4   TYR A CD2   1 
ATOM   33   C  CE1   . TYR A 1 4   ? 10.130  -11.180 3.552   1.00 18.09 ? 4   TYR A CE1   1 
ATOM   34   C  CE2   . TYR A 1 4   ? 10.915  -10.353 5.658   1.00 18.34 ? 4   TYR A CE2   1 
ATOM   35   C  CZ    . TYR A 1 4   ? 10.552  -11.408 4.848   1.00 16.71 ? 4   TYR A CZ    1 
ATOM   36   O  OH    . TYR A 1 4   ? 10.596  -12.701 5.321   1.00 17.82 ? 4   TYR A OH    1 
ATOM   37   N  N     . LYS A 1 5   ? 11.401  -5.626  0.496   1.00 16.01 ? 5   LYS A N     1 
ATOM   38   C  CA    . LYS A 1 5   ? 11.266  -4.374  -0.233  1.00 16.22 ? 5   LYS A CA    1 
ATOM   39   C  C     . LYS A 1 5   ? 9.803   -4.105  -0.560  1.00 15.17 ? 5   LYS A C     1 
ATOM   40   O  O     . LYS A 1 5   ? 9.240   -4.695  -1.492  1.00 16.63 ? 5   LYS A O     1 
ATOM   41   C  CB    . LYS A 1 5   ? 12.112  -4.406  -1.511  1.00 18.43 ? 5   LYS A CB    1 
ATOM   42   C  CG    . LYS A 1 5   ? 13.601  -4.581  -1.238  1.00 23.12 ? 5   LYS A CG    1 
ATOM   43   C  CD    . LYS A 1 5   ? 14.427  -4.492  -2.513  1.00 29.69 ? 5   LYS A CD    1 
ATOM   44   C  CE    . LYS A 1 5   ? 15.910  -4.669  -2.211  1.00 35.53 ? 5   LYS A CE    1 
ATOM   45   N  NZ    . LYS A 1 5   ? 16.763  -4.422  -3.405  1.00 46.01 ? 5   LYS A NZ    1 
ATOM   46   N  N     . LEU A 1 6   ? 9.191   -3.209  0.211   1.00 14.36 ? 6   LEU A N     1 
ATOM   47   C  CA    . LEU A 1 6   ? 7.774   -2.903  0.070   1.00 14.46 ? 6   LEU A CA    1 
ATOM   48   C  C     . LEU A 1 6   ? 7.605   -1.581  -0.661  1.00 15.36 ? 6   LEU A C     1 
ATOM   49   O  O     . LEU A 1 6   ? 8.395   -0.654  -0.473  1.00 16.55 ? 6   LEU A O     1 
ATOM   50   C  CB    . LEU A 1 6   ? 7.106   -2.798  1.439   1.00 14.90 ? 6   LEU A CB    1 
ATOM   51   C  CG    . LEU A 1 6   ? 7.407   -3.910  2.445   1.00 15.15 ? 6   LEU A CG    1 
ATOM   52   C  CD1   . LEU A 1 6   ? 6.557   -3.747  3.710   1.00 17.93 ? 6   LEU A CD1   1 
ATOM   53   C  CD2   . LEU A 1 6   ? 7.194   -5.280  1.825   1.00 17.33 ? 6   LEU A CD2   1 
ATOM   54   N  N     . VAL A 1 7   ? 6.576   -1.493  -1.490  1.00 13.74 ? 7   VAL A N     1 
ATOM   55   C  CA    . VAL A 1 7   ? 6.288   -0.271  -2.222  1.00 14.56 ? 7   VAL A CA    1 
ATOM   56   C  C     . VAL A 1 7   ? 4.823   0.077   -2.028  1.00 13.61 ? 7   VAL A C     1 
ATOM   57   O  O     . VAL A 1 7   ? 3.953   -0.772  -2.229  1.00 14.76 ? 7   VAL A O     1 
ATOM   58   C  CB    . VAL A 1 7   ? 6.601   -0.430  -3.716  1.00 15.40 ? 7   VAL A CB    1 
ATOM   59   C  CG1   . VAL A 1 7   ? 6.357   0.875   -4.454  1.00 16.55 ? 7   VAL A CG1   1 
ATOM   60   C  CG2   . VAL A 1 7   ? 8.044   -0.879  -3.897  1.00 16.82 ? 7   VAL A CG2   1 
ATOM   61   N  N     . VAL A 1 8   ? 4.554   1.315   -1.621  1.00 12.57 ? 8   VAL A N     1 
ATOM   62   C  CA    . VAL A 1 8   ? 3.195   1.774   -1.346  1.00 13.05 ? 8   VAL A CA    1 
ATOM   63   C  C     . VAL A 1 8   ? 2.730   2.632   -2.523  1.00 14.22 ? 8   VAL A C     1 
ATOM   64   O  O     . VAL A 1 8   ? 3.357   3.648   -2.833  1.00 15.12 ? 8   VAL A O     1 
ATOM   65   C  CB    . VAL A 1 8   ? 3.137   2.591   -0.040  1.00 12.71 ? 8   VAL A CB    1 
ATOM   66   C  CG1   . VAL A 1 8   ? 1.700   2.949   0.299   1.00 14.44 ? 8   VAL A CG1   1 
ATOM   67   C  CG2   . VAL A 1 8   ? 3.775   1.813   1.112   1.00 14.61 ? 8   VAL A CG2   1 
ATOM   68   N  N     . VAL A 1 9   ? 1.664   2.199   -3.199  1.00 13.43 ? 9   VAL A N     1 
ATOM   69   C  CA    . VAL A 1 9   ? 1.162   2.883   -4.400  1.00 13.88 ? 9   VAL A CA    1 
ATOM   70   C  C     . VAL A 1 9   ? -0.325  3.184   -4.282  1.00 13.85 ? 9   VAL A C     1 
ATOM   71   O  O     . VAL A 1 9   ? -1.023  2.605   -3.453  1.00 12.84 ? 9   VAL A O     1 
ATOM   72   C  CB    . VAL A 1 9   ? 1.385   2.053   -5.674  1.00 14.97 ? 9   VAL A CB    1 
ATOM   73   C  CG1   . VAL A 1 9   ? 2.847   1.657   -5.787  1.00 17.41 ? 9   VAL A CG1   1 
ATOM   74   C  CG2   . VAL A 1 9   ? 0.479   0.819   -5.680  1.00 15.61 ? 9   VAL A CG2   1 
ATOM   75   N  N     . GLY A 1 10  ? -0.807  4.096   -5.123  1.00 12.79 ? 10  GLY A N     1 
ATOM   76   C  CA    . GLY A 1 10  ? -2.195  4.522   -5.090  1.00 13.55 ? 10  GLY A CA    1 
ATOM   77   C  C     . GLY A 1 10  ? -2.343  5.982   -5.474  1.00 13.73 ? 10  GLY A C     1 
ATOM   78   O  O     . GLY A 1 10  ? -1.344  6.712   -5.554  1.00 14.17 ? 10  GLY A O     1 
ATOM   79   N  N     . ALA A 1 11  ? -3.584  6.405   -5.702  1.00 14.13 ? 11  ALA A N     1 
ATOM   80   C  CA    . ALA A 1 11  ? -3.875  7.764   -6.154  1.00 14.15 ? 11  ALA A CA    1 
ATOM   81   C  C     . ALA A 1 11  ? -3.442  8.835   -5.154  1.00 15.79 ? 11  ALA A C     1 
ATOM   82   O  O     . ALA A 1 11  ? -3.235  8.564   -3.973  1.00 14.28 ? 11  ALA A O     1 
ATOM   83   C  CB    . ALA A 1 11  ? -5.359  7.899   -6.450  1.00 15.57 ? 11  ALA A CB    1 
ATOM   84   N  N     . GLY A 1 12  ? -3.320  10.065  -5.634  1.00 17.14 ? 12  GLY A N     1 
ATOM   85   C  CA    . GLY A 1 12  ? -2.963  11.170  -4.762  1.00 16.60 ? 12  GLY A CA    1 
ATOM   86   C  C     . GLY A 1 12  ? -3.941  11.357  -3.620  1.00 17.23 ? 12  GLY A C     1 
ATOM   87   O  O     . GLY A 1 12  ? -5.155  11.298  -3.803  1.00 17.23 ? 12  GLY A O     1 
ATOM   88   N  N     . GLY A 1 13  ? -3.403  11.588  -2.427  1.00 14.87 ? 13  GLY A N     1 
ATOM   89   C  CA    . GLY A 1 13  ? -4.208  11.932  -1.270  1.00 14.70 ? 13  GLY A CA    1 
ATOM   90   C  C     . GLY A 1 13  ? -4.904  10.801  -0.532  1.00 13.57 ? 13  GLY A C     1 
ATOM   91   O  O     . GLY A 1 13  ? -5.683  11.064  0.388   1.00 16.19 ? 13  GLY A O     1 
ATOM   92   N  N     . VAL A 1 14  ? -4.631  9.554   -0.905  1.00 13.93 ? 14  VAL A N     1 
ATOM   93   C  CA    . VAL A 1 14  ? -5.317  8.432   -0.260  1.00 12.97 ? 14  VAL A CA    1 
ATOM   94   C  C     . VAL A 1 14  ? -4.746  8.075   1.109   1.00 13.05 ? 14  VAL A C     1 
ATOM   95   O  O     . VAL A 1 14  ? -5.387  7.360   1.868   1.00 13.27 ? 14  VAL A O     1 
ATOM   96   C  CB    . VAL A 1 14  ? -5.354  7.163   -1.132  1.00 11.83 ? 14  VAL A CB    1 
ATOM   97   C  CG1   . VAL A 1 14  ? -6.083  7.452   -2.453  1.00 14.22 ? 14  VAL A CG1   1 
ATOM   98   C  CG2   . VAL A 1 14  ? -3.956  6.635   -1.389  1.00 13.31 ? 14  VAL A CG2   1 
ATOM   99   N  N     . GLY A 1 15  ? -3.545  8.570   1.412   1.00 13.32 ? 15  GLY A N     1 
ATOM   100  C  CA    . GLY A 1 15  ? -2.927  8.362   2.710   1.00 13.51 ? 15  GLY A CA    1 
ATOM   101  C  C     . GLY A 1 15  ? -1.725  7.431   2.701   1.00 12.95 ? 15  GLY A C     1 
ATOM   102  O  O     . GLY A 1 15  ? -1.411  6.825   3.727   1.00 13.11 ? 15  GLY A O     1 
ATOM   103  N  N     . LYS A 1 16  ? -1.043  7.310   1.564   1.00 12.24 ? 16  LYS A N     1 
ATOM   104  C  CA    . LYS A 1 16  ? 0.140   6.464   1.479   1.00 11.80 ? 16  LYS A CA    1 
ATOM   105  C  C     . LYS A 1 16  ? 1.217   6.902   2.476   1.00 13.12 ? 16  LYS A C     1 
ATOM   106  O  O     . LYS A 1 16  ? 1.781   6.078   3.206   1.00 12.71 ? 16  LYS A O     1 
ATOM   107  C  CB    . LYS A 1 16  ? 0.710   6.482   0.055   1.00 12.79 ? 16  LYS A CB    1 
ATOM   108  C  CG    . LYS A 1 16  ? -0.245  5.892   -0.997  1.00 13.50 ? 16  LYS A CG    1 
ATOM   109  C  CD    . LYS A 1 16  ? 0.352   5.883   -2.411  1.00 15.29 ? 16  LYS A CD    1 
ATOM   110  C  CE    . LYS A 1 16  ? 0.693   7.290   -2.909  1.00 14.79 ? 16  LYS A CE    1 
ATOM   111  N  NZ    . LYS A 1 16  ? -0.486  8.188   -3.025  1.00 14.10 ? 16  LYS A NZ    1 
ATOM   112  N  N     . SER A 1 17  ? 1.514   8.196   2.482   1.00 12.71 ? 17  SER A N     1 
ATOM   113  C  CA    . SER A 1 17  ? 2.529   8.725   3.387   1.00 13.28 ? 17  SER A CA    1 
ATOM   114  C  C     . SER A 1 17  ? 2.093   8.623   4.838   1.00 12.72 ? 17  SER A C     1 
ATOM   115  O  O     . SER A 1 17  ? 2.879   8.216   5.697   1.00 13.45 ? 17  SER A O     1 
ATOM   116  C  CB    . SER A 1 17  ? 2.854   10.178  3.043   1.00 14.12 ? 17  SER A CB    1 
ATOM   117  O  OG    . SER A 1 17  ? 3.414   10.254  1.744   1.00 14.69 ? 17  SER A OG    1 
ATOM   118  N  N     . ALA A 1 18  ? 0.852   8.994   5.120   1.00 12.83 ? 18  ALA A N     1 
ATOM   119  C  CA    . ALA A 1 18  ? 0.363   8.919   6.491   1.00 12.81 ? 18  ALA A CA    1 
ATOM   120  C  C     . ALA A 1 18  ? 0.442   7.481   7.019   1.00 12.92 ? 18  ALA A C     1 
ATOM   121  O  O     . ALA A 1 18  ? 0.792   7.257   8.177   1.00 12.90 ? 18  ALA A O     1 
ATOM   122  C  CB    . ALA A 1 18  ? -1.059  9.462   6.595   1.00 13.99 ? 18  ALA A CB    1 
ATOM   123  N  N     . LEU A 1 19  ? 0.108   6.506   6.181   1.00 13.33 ? 19  LEU A N     1 
ATOM   124  C  CA    . LEU A 1 19  ? 0.192   5.107   6.597   1.00 12.94 ? 19  LEU A CA    1 
ATOM   125  C  C     . LEU A 1 19  ? 1.625   4.713   6.936   1.00 13.15 ? 19  LEU A C     1 
ATOM   126  O  O     . LEU A 1 19  ? 1.887   4.104   7.973   1.00 13.56 ? 19  LEU A O     1 
ATOM   127  C  CB    . LEU A 1 19  ? -0.346  4.180   5.505   1.00 13.71 ? 19  LEU A CB    1 
ATOM   128  C  CG    . LEU A 1 19  ? -1.867  4.069   5.416   1.00 14.05 ? 19  LEU A CG    1 
ATOM   129  C  CD1   . LEU A 1 19  ? -2.290  3.347   4.142   1.00 14.29 ? 19  LEU A CD1   1 
ATOM   130  C  CD2   . LEU A 1 19  ? -2.438  3.372   6.648   1.00 15.23 ? 19  LEU A CD2   1 
ATOM   131  N  N     . THR A 1 20  ? 2.544   5.046   6.039   1.00 11.95 ? 20  THR A N     1 
ATOM   132  C  CA    . THR A 1 20  ? 3.937   4.676   6.189   1.00 12.76 ? 20  THR A CA    1 
ATOM   133  C  C     . THR A 1 20  ? 4.553   5.347   7.416   1.00 12.83 ? 20  THR A C     1 
ATOM   134  O  O     . THR A 1 20  ? 5.282   4.714   8.183   1.00 13.81 ? 20  THR A O     1 
ATOM   135  C  CB    . THR A 1 20  ? 4.729   5.039   4.921   1.00 14.32 ? 20  THR A CB    1 
ATOM   136  O  OG1   . THR A 1 20  ? 4.148   4.373   3.787   1.00 15.62 ? 20  THR A OG1   1 
ATOM   137  C  CG2   . THR A 1 20  ? 6.183   4.614   5.059   1.00 16.89 ? 20  THR A CG2   1 
ATOM   138  N  N     . ILE A 1 21  ? 4.241   6.621   7.617   1.00 12.79 ? 21  ILE A N     1 
ATOM   139  C  CA    . ILE A 1 21  ? 4.776   7.370   8.752   1.00 13.21 ? 21  ILE A CA    1 
ATOM   140  C  C     . ILE A 1 21  ? 4.183   6.855   10.064  1.00 13.68 ? 21  ILE A C     1 
ATOM   141  O  O     . ILE A 1 21  ? 4.875   6.772   11.082  1.00 14.31 ? 21  ILE A O     1 
ATOM   142  C  CB    . ILE A 1 21  ? 4.582   8.894   8.544   1.00 13.83 ? 21  ILE A CB    1 
ATOM   143  C  CG1   . ILE A 1 21  ? 5.483   9.356   7.393   1.00 15.31 ? 21  ILE A CG1   1 
ATOM   144  C  CG2   . ILE A 1 21  ? 4.878   9.679   9.834   1.00 14.62 ? 21  ILE A CG2   1 
ATOM   145  C  CD1   . ILE A 1 21  ? 5.112   10.702  6.807   1.00 18.81 ? 21  ILE A CD1   1 
ATOM   146  N  N     . GLN A 1 22  ? 2.909   6.468   10.049  1.00 13.80 ? 22  GLN A N     1 
ATOM   147  C  CA    . GLN A 1 22  ? 2.300   5.895   11.245  1.00 15.13 ? 22  GLN A CA    1 
ATOM   148  C  C     . GLN A 1 22  ? 3.018   4.588   11.606  1.00 14.74 ? 22  GLN A C     1 
ATOM   149  O  O     . GLN A 1 22  ? 3.374   4.363   12.770  1.00 16.28 ? 22  GLN A O     1 
ATOM   150  C  CB    . GLN A 1 22  ? 0.791   5.691   11.034  1.00 17.22 ? 22  GLN A CB    1 
ATOM   151  C  CG    . GLN A 1 22  ? 0.012   5.223   12.260  1.00 18.86 ? 22  GLN A CG    1 
ATOM   152  C  CD    . GLN A 1 22  ? 0.073   6.201   13.425  1.00 16.19 ? 22  GLN A CD    1 
ATOM   153  O  OE1   . GLN A 1 22  ? 0.911   6.059   14.301  1.00 20.29 ? 22  GLN A OE1   1 
ATOM   154  N  NE2   . GLN A 1 22  ? -0.827  7.172   13.451  1.00 17.61 ? 22  GLN A NE2   1 
ATOM   155  N  N     . LEU A 1 23  ? 3.268   3.740   10.611  1.00 13.96 ? 23  LEU A N     1 
ATOM   156  C  CA    . LEU A 1 23  ? 3.958   2.473   10.856  1.00 14.98 ? 23  LEU A CA    1 
ATOM   157  C  C     . LEU A 1 23  ? 5.354   2.685   11.434  1.00 15.92 ? 23  LEU A C     1 
ATOM   158  O  O     . LEU A 1 23  ? 5.720   2.083   12.448  1.00 17.23 ? 23  LEU A O     1 
ATOM   159  C  CB    . LEU A 1 23  ? 4.074   1.660   9.566   1.00 15.67 ? 23  LEU A CB    1 
ATOM   160  C  CG    . LEU A 1 23  ? 4.859   0.355   9.726   1.00 17.19 ? 23  LEU A CG    1 
ATOM   161  C  CD1   . LEU A 1 23  ? 3.975   -0.730  10.338  1.00 18.95 ? 23  LEU A CD1   1 
ATOM   162  C  CD2   . LEU A 1 23  ? 5.449   -0.108  8.403   1.00 17.19 ? 23  LEU A CD2   1 
ATOM   163  N  N     . ILE A 1 24  ? 6.131   3.539   10.775  1.00 14.58 ? 24  ILE A N     1 
ATOM   164  C  CA    . ILE A 1 24  ? 7.552   3.687   11.076  1.00 15.83 ? 24  ILE A CA    1 
ATOM   165  C  C     . ILE A 1 24  ? 7.827   4.618   12.263  1.00 16.69 ? 24  ILE A C     1 
ATOM   166  O  O     . ILE A 1 24  ? 8.724   4.347   13.082  1.00 17.40 ? 24  ILE A O     1 
ATOM   167  C  CB    . ILE A 1 24  ? 8.311   4.196   9.830   1.00 16.27 ? 24  ILE A CB    1 
ATOM   168  C  CG1   . ILE A 1 24  ? 8.172   3.201   8.675   1.00 16.80 ? 24  ILE A CG1   1 
ATOM   169  C  CG2   . ILE A 1 24  ? 9.787   4.441   10.139  1.00 17.30 ? 24  ILE A CG2   1 
ATOM   170  C  CD1   . ILE A 1 24  ? 8.919   1.895   8.881   1.00 21.70 ? 24  ILE A CD1   1 
ATOM   171  N  N     . GLN A 1 25  ? 7.052   5.695   12.364  1.00 15.50 ? 25  GLN A N     1 
ATOM   172  C  CA    . GLN A 1 25  ? 7.307   6.765   13.327  1.00 16.69 ? 25  GLN A CA    1 
ATOM   173  C  C     . GLN A 1 25  ? 6.233   6.955   14.394  1.00 17.01 ? 25  GLN A C     1 
ATOM   174  O  O     . GLN A 1 25  ? 6.400   7.774   15.298  1.00 17.93 ? 25  GLN A O     1 
ATOM   175  C  CB    . GLN A 1 25  ? 7.522   8.090   12.588  1.00 18.02 ? 25  GLN A CB    1 
ATOM   176  C  CG    . GLN A 1 25  ? 8.604   8.023   11.518  1.00 17.16 ? 25  GLN A CG    1 
ATOM   177  C  CD    . GLN A 1 25  ? 8.891   9.373   10.890  1.00 18.34 ? 25  GLN A CD    1 
ATOM   178  O  OE1   . GLN A 1 25  ? 8.185   10.350  11.138  1.00 19.14 ? 25  GLN A OE1   1 
ATOM   179  N  NE2   . GLN A 1 25  ? 9.940   9.435   10.076  1.00 20.33 ? 25  GLN A NE2   1 
ATOM   180  N  N     . ASN A 1 26  ? 5.126   6.227   14.285  1.00 16.01 ? 26  ASN A N     1 
ATOM   181  C  CA    . ASN A 1 26  ? 4.111   6.229   15.333  1.00 16.27 ? 26  ASN A CA    1 
ATOM   182  C  C     . ASN A 1 26  ? 3.458   7.585   15.612  1.00 17.98 ? 26  ASN A C     1 
ATOM   183  O  O     . ASN A 1 26  ? 3.156   7.919   16.761  1.00 19.73 ? 26  ASN A O     1 
ATOM   184  C  CB    . ASN A 1 26  ? 4.692   5.635   16.621  1.00 18.79 ? 26  ASN A CB    1 
ATOM   185  C  CG    . ASN A 1 26  ? 5.130   4.203   16.440  1.00 24.18 ? 26  ASN A CG    1 
ATOM   186  O  OD1   . ASN A 1 26  ? 4.299   3.306   16.314  1.00 30.29 ? 26  ASN A OD1   1 
ATOM   187  N  ND2   . ASN A 1 26  ? 6.440   3.978   16.406  1.00 27.49 ? 26  ASN A ND2   1 
ATOM   188  N  N     . HIS A 1 27  ? 3.240   8.371   14.563  1.00 15.31 ? 27  HIS A N     1 
ATOM   189  C  CA    . HIS A 1 27  ? 2.398   9.559   14.670  1.00 16.56 ? 27  HIS A CA    1 
ATOM   190  C  C     . HIS A 1 27  ? 1.609   9.782   13.385  1.00 14.62 ? 27  HIS A C     1 
ATOM   191  O  O     . HIS A 1 27  ? 1.959   9.236   12.338  1.00 15.74 ? 27  HIS A O     1 
ATOM   192  C  CB    . HIS A 1 27  ? 3.216   10.806  15.037  1.00 17.00 ? 27  HIS A CB    1 
ATOM   193  C  CG    . HIS A 1 27  ? 4.224   11.191  14.001  1.00 17.29 ? 27  HIS A CG    1 
ATOM   194  N  ND1   . HIS A 1 27  ? 4.020   12.219  13.107  1.00 17.08 ? 27  HIS A ND1   1 
ATOM   195  C  CD2   . HIS A 1 27  ? 5.442   10.678  13.713  1.00 17.35 ? 27  HIS A CD2   1 
ATOM   196  C  CE1   . HIS A 1 27  ? 5.072   12.326  12.314  1.00 16.76 ? 27  HIS A CE1   1 
ATOM   197  N  NE2   . HIS A 1 27  ? 5.947   11.399  12.657  1.00 18.46 ? 27  HIS A NE2   1 
ATOM   198  N  N     . PHE A 1 28  ? 0.548   10.578  13.478  1.00 15.48 ? 28  PHE A N     1 
ATOM   199  C  CA    . PHE A 1 28  ? -0.323  10.855  12.339  1.00 15.67 ? 28  PHE A CA    1 
ATOM   200  C  C     . PHE A 1 28  ? 0.012   12.196  11.715  1.00 15.25 ? 28  PHE A C     1 
ATOM   201  O  O     . PHE A 1 28  ? -0.030  13.222  12.393  1.00 15.25 ? 28  PHE A O     1 
ATOM   202  C  CB    . PHE A 1 28  ? -1.790  10.862  12.776  1.00 16.12 ? 28  PHE A CB    1 
ATOM   203  C  CG    . PHE A 1 28  ? -2.755  11.231  11.673  1.00 16.01 ? 28  PHE A CG    1 
ATOM   204  C  CD1   . PHE A 1 28  ? -2.806  10.487  10.505  1.00 15.06 ? 28  PHE A CD1   1 
ATOM   205  C  CD2   . PHE A 1 28  ? -3.614  12.308  11.810  1.00 16.76 ? 28  PHE A CD2   1 
ATOM   206  C  CE1   . PHE A 1 28  ? -3.695  10.817  9.490   1.00 16.52 ? 28  PHE A CE1   1 
ATOM   207  C  CE2   . PHE A 1 28  ? -4.512  12.644  10.793  1.00 16.57 ? 28  PHE A CE2   1 
ATOM   208  C  CZ    . PHE A 1 28  ? -4.546  11.892  9.635   1.00 16.73 ? 28  PHE A CZ    1 
ATOM   209  N  N     . VAL A 1 29  ? 0.319   12.191  10.422  1.00 14.36 ? 29  VAL A N     1 
ATOM   210  C  CA    . VAL A 1 29  ? 0.553   13.431  9.689   1.00 15.63 ? 29  VAL A CA    1 
ATOM   211  C  C     . VAL A 1 29  ? -0.792  13.993  9.201   1.00 15.76 ? 29  VAL A C     1 
ATOM   212  O  O     . VAL A 1 29  ? -1.452  13.389  8.341   1.00 15.54 ? 29  VAL A O     1 
ATOM   213  C  CB    . VAL A 1 29  ? 1.503   13.196  8.500   1.00 15.86 ? 29  VAL A CB    1 
ATOM   214  C  CG1   . VAL A 1 29  ? 1.755   14.497  7.749   1.00 17.67 ? 29  VAL A CG1   1 
ATOM   215  C  CG2   . VAL A 1 29  ? 2.815   12.598  8.987   1.00 20.37 ? 29  VAL A CG2   1 
ATOM   216  N  N     . ASP A 1 30  ? -1.197  15.136  9.759   1.00 15.66 ? 30  ASP A N     1 
ATOM   217  C  CA    . ASP A 1 30  ? -2.498  15.755  9.476   1.00 15.70 ? 30  ASP A CA    1 
ATOM   218  C  C     . ASP A 1 30  ? -2.495  16.576  8.197   1.00 15.43 ? 30  ASP A C     1 
ATOM   219  O  O     . ASP A 1 30  ? -3.524  16.708  7.524   1.00 16.35 ? 30  ASP A O     1 
ATOM   220  C  CB    . ASP A 1 30  ? -2.926  16.678  10.623  1.00 18.05 ? 30  ASP A CB    1 
ATOM   221  C  CG    . ASP A 1 30  ? -3.111  15.944  11.928  1.00 20.45 ? 30  ASP A CG    1 
ATOM   222  O  OD1   . ASP A 1 30  ? -2.104  15.554  12.546  1.00 20.56 ? 30  ASP A OD1   1 
ATOM   223  O  OD2   . ASP A 1 30  ? -4.271  15.775  12.357  1.00 22.75 ? 30  ASP A OD2   1 
ATOM   224  N  N     . GLU A 1 31  ? -1.344  17.150  7.871   1.00 16.11 ? 31  GLU A N     1 
ATOM   225  C  CA    . GLU A 1 31  ? -1.242  18.015  6.704   1.00 16.37 ? 31  GLU A CA    1 
ATOM   226  C  C     . GLU A 1 31  ? -0.996  17.190  5.447   1.00 16.68 ? 31  GLU A C     1 
ATOM   227  O  O     . GLU A 1 31  ? -0.635  16.018  5.518   1.00 15.82 ? 31  GLU A O     1 
ATOM   228  C  CB    . GLU A 1 31  ? -0.120  19.034  6.900   1.00 17.00 ? 31  GLU A CB    1 
ATOM   229  C  CG    . GLU A 1 31  ? 1.273   18.442  6.781   1.00 16.57 ? 31  GLU A CG    1 
ATOM   230  C  CD    . GLU A 1 31  ? 2.319   19.277  7.500   1.00 19.31 ? 31  GLU A CD    1 
ATOM   231  O  OE1   . GLU A 1 31  ? 3.047   20.014  6.821   1.00 16.68 ? 31  GLU A OE1   1 
ATOM   232  O  OE2   . GLU A 1 31  ? 2.403   19.207  8.742   1.00 18.56 ? 31  GLU A OE2   1 
ATOM   233  N  N     . TYR A 1 32  ? -1.190  17.821  4.296   1.00 17.11 ? 32  TYR A N     1 
ATOM   234  C  CA    . TYR A 1 32  ? -1.123  17.145  3.012   1.00 16.76 ? 32  TYR A CA    1 
ATOM   235  C  C     . TYR A 1 32  ? 0.009   17.758  2.183   1.00 17.08 ? 32  TYR A C     1 
ATOM   236  O  O     . TYR A 1 32  ? -0.166  18.808  1.552   1.00 19.53 ? 32  TYR A O     1 
ATOM   237  C  CB    . TYR A 1 32  ? -2.477  17.328  2.332   1.00 19.81 ? 32  TYR A CB    1 
ATOM   238  C  CG    . TYR A 1 32  ? -2.741  16.615  1.027   1.00 21.59 ? 32  TYR A CG    1 
ATOM   239  C  CD1   . TYR A 1 32  ? -4.032  16.599  0.509   1.00 25.64 ? 32  TYR A CD1   1 
ATOM   240  C  CD2   . TYR A 1 32  ? -1.738  15.984  0.308   1.00 19.16 ? 32  TYR A CD2   1 
ATOM   241  C  CE1   . TYR A 1 32  ? -4.329  15.981  -0.678  1.00 27.97 ? 32  TYR A CE1   1 
ATOM   242  C  CE2   . TYR A 1 32  ? -2.032  15.346  -0.913  1.00 23.27 ? 32  TYR A CE2   1 
ATOM   243  C  CZ    . TYR A 1 32  ? -3.337  15.358  -1.390  1.00 23.82 ? 32  TYR A CZ    1 
ATOM   244  O  OH    . TYR A 1 32  ? -3.681  14.749  -2.578  1.00 25.78 ? 32  TYR A OH    1 
ATOM   245  N  N     . ASP A 1 33  ? 1.177   17.115  2.216   1.00 15.74 ? 33  ASP A N     1 
ATOM   246  C  CA    . ASP A 1 33  ? 2.315   17.494  1.385   1.00 16.68 ? 33  ASP A CA    1 
ATOM   247  C  C     . ASP A 1 33  ? 2.528   16.391  0.363   1.00 16.47 ? 33  ASP A C     1 
ATOM   248  O  O     . ASP A 1 33  ? 2.999   15.305  0.705   1.00 15.64 ? 33  ASP A O     1 
ATOM   249  C  CB    . ASP A 1 33  ? 3.588   17.642  2.220   1.00 18.11 ? 33  ASP A CB    1 
ATOM   250  C  CG    . ASP A 1 33  ? 3.535   18.821  3.158   1.00 20.86 ? 33  ASP A CG    1 
ATOM   251  O  OD1   . ASP A 1 33  ? 4.310   18.831  4.137   1.00 21.67 ? 33  ASP A OD1   1 
ATOM   252  O  OD2   . ASP A 1 33  ? 2.715   19.736  2.921   1.00 25.22 ? 33  ASP A OD2   1 
ATOM   253  N  N     . PRO A 1 34  ? 2.181   16.659  -0.900  1.00 16.59 ? 34  PRO A N     1 
ATOM   254  C  CA    . PRO A 1 34  ? 2.306   15.620  -1.929  1.00 16.84 ? 34  PRO A CA    1 
ATOM   255  C  C     . PRO A 1 34  ? 3.736   15.094  -2.040  1.00 17.96 ? 34  PRO A C     1 
ATOM   256  O  O     . PRO A 1 34  ? 4.701   15.860  -1.981  1.00 20.22 ? 34  PRO A O     1 
ATOM   257  C  CB    . PRO A 1 34  ? 1.888   16.343  -3.212  1.00 19.67 ? 34  PRO A CB    1 
ATOM   258  C  CG    . PRO A 1 34  ? 0.983   17.442  -2.745  1.00 20.87 ? 34  PRO A CG    1 
ATOM   259  C  CD    . PRO A 1 34  ? 1.551   17.887  -1.416  1.00 18.21 ? 34  PRO A CD    1 
ATOM   260  N  N     . THR A 1 35  ? 3.865   13.781  -2.197  1.00 16.13 ? 35  THR A N     1 
ATOM   261  C  CA    . THR A 1 35  ? 5.160   13.127  -2.249  1.00 16.32 ? 35  THR A CA    1 
ATOM   262  C  C     . THR A 1 35  ? 5.701   13.023  -3.670  1.00 18.17 ? 35  THR A C     1 
ATOM   263  O  O     . THR A 1 35  ? 4.940   12.853  -4.623  1.00 19.78 ? 35  THR A O     1 
ATOM   264  C  CB    . THR A 1 35  ? 5.049   11.702  -1.671  1.00 15.60 ? 35  THR A CB    1 
ATOM   265  O  OG1   . THR A 1 35  ? 4.466   11.777  -0.370  1.00 15.66 ? 35  THR A OG1   1 
ATOM   266  C  CG2   . THR A 1 35  ? 6.402   11.025  -1.585  1.00 18.43 ? 35  THR A CG2   1 
ATOM   267  N  N     . ILE A 1 36  ? 7.018   13.133  -3.804  1.00 17.88 ? 36  ILE A N     1 
ATOM   268  C  CA    . ILE A 1 36  ? 7.681   12.759  -5.042  1.00 20.81 ? 36  ILE A CA    1 
ATOM   269  C  C     . ILE A 1 36  ? 8.050   11.290  -4.909  1.00 20.86 ? 36  ILE A C     1 
ATOM   270  O  O     . ILE A 1 36  ? 7.440   10.430  -5.544  1.00 21.90 ? 36  ILE A O     1 
ATOM   271  C  CB    . ILE A 1 36  ? 8.924   13.622  -5.308  1.00 23.85 ? 36  ILE A CB    1 
ATOM   272  C  CG1   . ILE A 1 36  ? 8.526   15.097  -5.377  1.00 29.52 ? 36  ILE A CG1   1 
ATOM   273  C  CG2   . ILE A 1 36  ? 9.613   13.194  -6.596  1.00 25.52 ? 36  ILE A CG2   1 
ATOM   274  C  CD1   . ILE A 1 36  ? 7.214   15.331  -6.071  1.00 33.98 ? 36  ILE A CD1   1 
ATOM   275  N  N     . GLU A 1 37  ? 9.020   11.006  -4.046  1.00 18.49 ? 37  GLU A N     1 
ATOM   276  C  CA    . GLU A 1 37  ? 9.360   9.627   -3.711  1.00 18.97 ? 37  GLU A CA    1 
ATOM   277  C  C     . GLU A 1 37  ? 10.270  9.570   -2.489  1.00 20.53 ? 37  GLU A C     1 
ATOM   278  O  O     . GLU A 1 37  ? 11.371  10.121  -2.508  1.00 20.81 ? 37  GLU A O     1 
ATOM   279  C  CB    . GLU A 1 37  ? 10.024  8.926   -4.896  1.00 21.80 ? 37  GLU A CB    1 
ATOM   280  C  CG    . GLU A 1 37  ? 10.046  7.418   -4.770  1.00 24.21 ? 37  GLU A CG    1 
ATOM   281  C  CD    . GLU A 1 37  ? 10.502  6.746   -6.044  1.00 28.32 ? 37  GLU A CD    1 
ATOM   282  O  OE1   . GLU A 1 37  ? 9.665   6.556   -6.952  1.00 29.20 ? 37  GLU A OE1   1 
ATOM   283  O  OE2   . GLU A 1 37  ? 11.698  6.411   -6.135  1.00 30.10 ? 37  GLU A OE2   1 
ATOM   284  N  N     . ASP A 1 38  ? 9.812   8.898   -1.432  1.00 16.28 ? 38  ASP A N     1 
ATOM   285  C  CA    . ASP A 1 38  ? 10.555  8.824   -0.174  1.00 16.63 ? 38  ASP A CA    1 
ATOM   286  C  C     . ASP A 1 38  ? 10.804  7.377   0.241   1.00 19.15 ? 38  ASP A C     1 
ATOM   287  O  O     . ASP A 1 38  ? 10.034  6.477   -0.107  1.00 18.80 ? 38  ASP A O     1 
ATOM   288  C  CB    . ASP A 1 38  ? 9.801   9.541   0.945   1.00 18.91 ? 38  ASP A CB    1 
ATOM   289  C  CG    . ASP A 1 38  ? 9.618   11.021  0.677   1.00 18.95 ? 38  ASP A CG    1 
ATOM   290  O  OD1   . ASP A 1 38  ? 10.487  11.629  0.016   1.00 20.97 ? 38  ASP A OD1   1 
ATOM   291  O  OD2   . ASP A 1 38  ? 8.605   11.572  1.142   1.00 21.14 ? 38  ASP A OD2   1 
ATOM   292  N  N     . SER A 1 39  ? 11.876  7.168   0.995   1.00 16.78 ? 39  SER A N     1 
ATOM   293  C  CA    . SER A 1 39  ? 12.282  5.844   1.445   1.00 18.08 ? 39  SER A CA    1 
ATOM   294  C  C     . SER A 1 39  ? 12.371  5.788   2.969   1.00 18.06 ? 39  SER A C     1 
ATOM   295  O  O     . SER A 1 39  ? 12.852  6.731   3.603   1.00 17.75 ? 39  SER A O     1 
ATOM   296  C  CB    . SER A 1 39  ? 13.646  5.495   0.841   1.00 22.92 ? 39  SER A CB    1 
ATOM   297  O  OG    . SER A 1 39  ? 14.152  4.273   1.346   1.00 32.13 ? 39  SER A OG    1 
ATOM   298  N  N     . TYR A 1 40  ? 11.916  4.680   3.549   1.00 14.95 ? 40  TYR A N     1 
ATOM   299  C  CA    . TYR A 1 40  ? 12.007  4.443   4.990   1.00 15.98 ? 40  TYR A CA    1 
ATOM   300  C  C     . TYR A 1 40  ? 12.573  3.047   5.219   1.00 16.91 ? 40  TYR A C     1 
ATOM   301  O  O     . TYR A 1 40  ? 12.275  2.116   4.467   1.00 19.19 ? 40  TYR A O     1 
ATOM   302  C  CB    . TYR A 1 40  ? 10.627  4.550   5.647   1.00 17.50 ? 40  TYR A CB    1 
ATOM   303  C  CG    . TYR A 1 40  ? 9.967   5.902   5.508   1.00 18.09 ? 40  TYR A CG    1 
ATOM   304  C  CD1   . TYR A 1 40  ? 10.015  6.827   6.547   1.00 19.69 ? 40  TYR A CD1   1 
ATOM   305  C  CD2   . TYR A 1 40  ? 9.287   6.254   4.346   1.00 17.15 ? 40  TYR A CD2   1 
ATOM   306  C  CE1   . TYR A 1 40  ? 9.403   8.067   6.435   1.00 18.10 ? 40  TYR A CE1   1 
ATOM   307  C  CE2   . TYR A 1 40  ? 8.672   7.496   4.224   1.00 17.80 ? 40  TYR A CE2   1 
ATOM   308  C  CZ    . TYR A 1 40  ? 8.746   8.399   5.275   1.00 19.07 ? 40  TYR A CZ    1 
ATOM   309  O  OH    . TYR A 1 40  ? 8.143   9.636   5.172   1.00 21.91 ? 40  TYR A OH    1 
ATOM   310  N  N     . ARG A 1 41  ? 13.396  2.894   6.248   1.00 17.32 ? 41  ARG A N     1 
ATOM   311  C  CA    . ARG A 1 41  ? 13.961  1.594   6.580   1.00 17.29 ? 41  ARG A CA    1 
ATOM   312  C  C     . ARG A 1 41  ? 13.872  1.383   8.077   1.00 22.08 ? 41  ARG A C     1 
ATOM   313  O  O     . ARG A 1 41  ? 14.193  2.284   8.852   1.00 23.59 ? 41  ARG A O     1 
ATOM   314  C  CB    . ARG A 1 41  ? 15.420  1.508   6.131   1.00 21.89 ? 41  ARG A CB    1 
ATOM   315  C  CG    . ARG A 1 41  ? 16.208  0.414   6.828   1.00 31.92 ? 41  ARG A CG    1 
ATOM   316  C  CD    . ARG A 1 41  ? 17.643  0.347   6.337   1.00 36.43 ? 41  ARG A CD    1 
ATOM   317  N  NE    . ARG A 1 41  ? 17.743  -0.321  5.044   1.00 39.83 ? 41  ARG A NE    1 
ATOM   318  C  CZ    . ARG A 1 41  ? 18.879  -0.769  4.522   1.00 40.90 ? 41  ARG A CZ    1 
ATOM   319  N  NH1   . ARG A 1 41  ? 20.018  -0.618  5.184   1.00 42.66 ? 41  ARG A NH1   1 
ATOM   320  N  NH2   . ARG A 1 41  ? 18.877  -1.373  3.342   1.00 41.55 ? 41  ARG A NH2   1 
ATOM   321  N  N     . LYS A 1 42  ? 13.436  0.198   8.490   1.00 18.20 ? 42  LYS A N     1 
ATOM   322  C  CA    . LYS A 1 42  ? 13.346  -0.105  9.911   1.00 18.51 ? 42  LYS A CA    1 
ATOM   323  C  C     . LYS A 1 42  ? 13.448  -1.598  10.161  1.00 18.93 ? 42  LYS A C     1 
ATOM   324  O  O     . LYS A 1 42  ? 12.856  -2.403  9.440   1.00 17.53 ? 42  LYS A O     1 
ATOM   325  C  CB    . LYS A 1 42  ? 12.035  0.414   10.492  1.00 19.59 ? 42  LYS A CB    1 
ATOM   326  C  CG    . LYS A 1 42  ? 11.955  0.318   12.009  1.00 23.46 ? 42  LYS A CG    1 
ATOM   327  C  CD    . LYS A 1 42  ? 10.660  0.922   12.504  1.00 25.99 ? 42  LYS A CD    1 
ATOM   328  C  CE    . LYS A 1 42  ? 10.642  1.048   14.015  1.00 30.97 ? 42  LYS A CE    1 
ATOM   329  N  NZ    . LYS A 1 42  ? 9.362   1.645   14.487  1.00 34.13 ? 42  LYS A NZ    1 
ATOM   330  N  N     . GLN A 1 43  ? 14.201  -1.959  11.195  1.00 18.87 ? 43  GLN A N     1 
ATOM   331  C  CA    . GLN A 1 43  ? 14.320  -3.345  11.612  1.00 19.52 ? 43  GLN A CA    1 
ATOM   332  C  C     . GLN A 1 43  ? 13.178  -3.671  12.565  1.00 19.74 ? 43  GLN A C     1 
ATOM   333  O  O     . GLN A 1 43  ? 12.930  -2.953  13.534  1.00 21.13 ? 43  GLN A O     1 
ATOM   334  C  CB    . GLN A 1 43  ? 15.673  -3.576  12.294  1.00 23.98 ? 43  GLN A CB    1 
ATOM   335  C  CG    . GLN A 1 43  ? 15.888  -4.981  12.841  1.00 27.00 ? 43  GLN A CG    1 
ATOM   336  C  CD    . GLN A 1 43  ? 17.264  -5.154  13.467  1.00 31.97 ? 43  GLN A CD    1 
ATOM   337  O  OE1   . GLN A 1 43  ? 18.267  -4.696  12.922  1.00 35.57 ? 43  GLN A OE1   1 
ATOM   338  N  NE2   . GLN A 1 43  ? 17.314  -5.822  14.614  1.00 33.04 ? 43  GLN A NE2   1 
ATOM   339  N  N     . VAL A 1 44  ? 12.472  -4.757  12.274  1.00 19.24 ? 44  VAL A N     1 
ATOM   340  C  CA    . VAL A 1 44  ? 11.351  -5.182  13.094  1.00 21.12 ? 44  VAL A CA    1 
ATOM   341  C  C     . VAL A 1 44  ? 11.396  -6.695  13.250  1.00 20.29 ? 44  VAL A C     1 
ATOM   342  O  O     . VAL A 1 44  ? 12.189  -7.372  12.595  1.00 22.75 ? 44  VAL A O     1 
ATOM   343  C  CB    . VAL A 1 44  ? 10.013  -4.780  12.451  1.00 23.19 ? 44  VAL A CB    1 
ATOM   344  C  CG1   . VAL A 1 44  ? 9.878   -3.262  12.395  1.00 26.10 ? 44  VAL A CG1   1 
ATOM   345  C  CG2   . VAL A 1 44  ? 9.894   -5.373  11.059  1.00 23.09 ? 44  VAL A CG2   1 
ATOM   346  N  N     . VAL A 1 45  ? 10.556  -7.220  14.134  1.00 18.36 ? 45  VAL A N     1 
ATOM   347  C  CA    . VAL A 1 45  ? 10.397  -8.659  14.257  1.00 17.36 ? 45  VAL A CA    1 
ATOM   348  C  C     . VAL A 1 45  ? 8.991   -9.019  13.814  1.00 17.10 ? 45  VAL A C     1 
ATOM   349  O  O     . VAL A 1 45  ? 8.010   -8.533  14.382  1.00 18.11 ? 45  VAL A O     1 
ATOM   350  C  CB    . VAL A 1 45  ? 10.627  -9.142  15.704  1.00 20.56 ? 45  VAL A CB    1 
ATOM   351  C  CG1   . VAL A 1 45  ? 10.578  -10.659 15.762  1.00 20.55 ? 45  VAL A CG1   1 
ATOM   352  C  CG2   . VAL A 1 45  ? 11.965  -8.636  16.225  1.00 23.87 ? 45  VAL A CG2   1 
ATOM   353  N  N     . ILE A 1 46  ? 8.894   -9.848  12.781  1.00 15.66 ? 46  ILE A N     1 
ATOM   354  C  CA    . ILE A 1 46  ? 7.599   -10.261 12.261  1.00 16.15 ? 46  ILE A CA    1 
ATOM   355  C  C     . ILE A 1 46  ? 7.528   -11.777 12.305  1.00 16.03 ? 46  ILE A C     1 
ATOM   356  O  O     . ILE A 1 46  ? 8.322   -12.461 11.657  1.00 16.53 ? 46  ILE A O     1 
ATOM   357  C  CB    . ILE A 1 46  ? 7.370   -9.758  10.818  1.00 15.76 ? 46  ILE A CB    1 
ATOM   358  C  CG1   . ILE A 1 46  ? 7.470   -8.229  10.766  1.00 17.88 ? 46  ILE A CG1   1 
ATOM   359  C  CG2   . ILE A 1 46  ? 6.013   -10.209 10.298  1.00 17.68 ? 46  ILE A CG2   1 
ATOM   360  C  CD1   . ILE A 1 46  ? 7.453   -7.662  9.348   1.00 17.61 ? 46  ILE A CD1   1 
ATOM   361  N  N     . ASP A 1 47  ? 6.589   -12.293 13.096  1.00 16.50 ? 47  ASP A N     1 
ATOM   362  C  CA    . ASP A 1 47  ? 6.416   -13.735 13.265  1.00 17.64 ? 47  ASP A CA    1 
ATOM   363  C  C     . ASP A 1 47  ? 7.712   -14.413 13.669  1.00 17.58 ? 47  ASP A C     1 
ATOM   364  O  O     . ASP A 1 47  ? 8.059   -15.475 13.145  1.00 20.03 ? 47  ASP A O     1 
ATOM   365  C  CB    . ASP A 1 47  ? 5.841   -14.365 11.997  1.00 17.38 ? 47  ASP A CB    1 
ATOM   366  C  CG    . ASP A 1 47  ? 4.566   -13.687 11.553  1.00 17.78 ? 47  ASP A CG    1 
ATOM   367  O  OD1   . ASP A 1 47  ? 3.659   -13.516 12.396  1.00 17.41 ? 47  ASP A OD1   1 
ATOM   368  O  OD2   . ASP A 1 47  ? 4.469   -13.305 10.367  1.00 18.00 ? 47  ASP A OD2   1 
ATOM   369  N  N     . GLY A 1 48  ? 8.429   -13.784 14.593  1.00 18.22 ? 48  GLY A N     1 
ATOM   370  C  CA    . GLY A 1 48  ? 9.627   -14.363 15.164  1.00 20.06 ? 48  GLY A CA    1 
ATOM   371  C  C     . GLY A 1 48  ? 10.878  -14.119 14.347  1.00 21.95 ? 48  GLY A C     1 
ATOM   372  O  O     . GLY A 1 48  ? 11.983  -14.431 14.785  1.00 22.79 ? 48  GLY A O     1 
ATOM   373  N  N     . GLU A 1 49  ? 10.706  -13.563 13.154  1.00 18.89 ? 49  GLU A N     1 
ATOM   374  C  CA    . GLU A 1 49  ? 11.828  -13.308 12.264  1.00 19.82 ? 49  GLU A CA    1 
ATOM   375  C  C     . GLU A 1 49  ? 12.292  -11.862 12.363  1.00 19.01 ? 49  GLU A C     1 
ATOM   376  O  O     . GLU A 1 49  ? 11.515  -10.936 12.134  1.00 17.70 ? 49  GLU A O     1 
ATOM   377  C  CB    . GLU A 1 49  ? 11.419  -13.602 10.828  1.00 18.86 ? 49  GLU A CB    1 
ATOM   378  C  CG    . GLU A 1 49  ? 12.515  -13.389 9.812   1.00 22.54 ? 49  GLU A CG    1 
ATOM   379  C  CD    . GLU A 1 49  ? 12.036  -13.707 8.424   1.00 22.82 ? 49  GLU A CD    1 
ATOM   380  O  OE1   . GLU A 1 49  ? 11.409  -12.831 7.797   1.00 23.84 ? 49  GLU A OE1   1 
ATOM   381  O  OE2   . GLU A 1 49  ? 12.272  -14.844 7.968   1.00 26.02 ? 49  GLU A OE2   1 
ATOM   382  N  N     . THR A 1 50  ? 13.556  -11.664 12.711  1.00 22.28 ? 50  THR A N     1 
ATOM   383  C  CA    . THR A 1 50  ? 14.113  -10.322 12.696  1.00 21.40 ? 50  THR A CA    1 
ATOM   384  C  C     . THR A 1 50  ? 14.404  -9.974  11.245  1.00 22.45 ? 50  THR A C     1 
ATOM   385  O  O     . THR A 1 50  ? 15.085  -10.723 10.544  1.00 24.23 ? 50  THR A O     1 
ATOM   386  C  CB    . THR A 1 50  ? 15.391  -10.218 13.549  1.00 24.44 ? 50  THR A CB    1 
ATOM   387  O  OG1   . THR A 1 50  ? 15.065  -10.444 14.927  1.00 26.18 ? 50  THR A OG1   1 
ATOM   388  C  CG2   . THR A 1 50  ? 16.005  -8.835  13.413  1.00 27.70 ? 50  THR A CG2   1 
ATOM   389  N  N     . CYS A 1 51  ? 13.861  -8.857  10.779  1.00 18.75 ? 51  CYS A N     1 
ATOM   390  C  CA    . CYS A 1 51  ? 14.038  -8.485  9.384   1.00 20.84 ? 51  CYS A CA    1 
ATOM   391  C  C     . CYS A 1 51  ? 14.053  -6.979  9.195   1.00 19.11 ? 51  CYS A C     1 
ATOM   392  O  O     . CYS A 1 51  ? 13.748  -6.215  10.113  1.00 20.82 ? 51  CYS A O     1 
ATOM   393  C  CB    . CYS A 1 51  ? 12.944  -9.109  8.520   1.00 19.78 ? 51  CYS A CB    1 
ATOM   394  S  SG    . CYS A 1 51  ? 11.277  -8.668  9.047   1.00 23.04 ? 51  CYS A SG    1 
ATOM   395  N  N     . LEU A 1 52  ? 14.418  -6.570  7.988   1.00 17.26 ? 52  LEU A N     1 
ATOM   396  C  CA    . LEU A 1 52  ? 14.520  -5.167  7.635   1.00 18.97 ? 52  LEU A CA    1 
ATOM   397  C  C     . LEU A 1 52  ? 13.417  -4.837  6.644   1.00 18.55 ? 52  LEU A C     1 
ATOM   398  O  O     . LEU A 1 52  ? 13.320  -5.466  5.589   1.00 20.47 ? 52  LEU A O     1 
ATOM   399  C  CB    . LEU A 1 52  ? 15.881  -4.914  6.988   1.00 21.96 ? 52  LEU A CB    1 
ATOM   400  C  CG    . LEU A 1 52  ? 16.302  -3.478  6.692   1.00 28.47 ? 52  LEU A CG    1 
ATOM   401  C  CD1   . LEU A 1 52  ? 16.538  -2.732  7.987   1.00 28.13 ? 52  LEU A CD1   1 
ATOM   402  C  CD2   . LEU A 1 52  ? 17.563  -3.489  5.839   1.00 34.03 ? 52  LEU A CD2   1 
ATOM   403  N  N     . LEU A 1 53  ? 12.571  -3.872  6.986   1.00 16.43 ? 53  LEU A N     1 
ATOM   404  C  CA    . LEU A 1 53  ? 11.594  -3.374  6.032   1.00 17.08 ? 53  LEU A CA    1 
ATOM   405  C  C     . LEU A 1 53  ? 12.183  -2.181  5.313   1.00 18.12 ? 53  LEU A C     1 
ATOM   406  O  O     . LEU A 1 53  ? 12.605  -1.208  5.944   1.00 19.33 ? 53  LEU A O     1 
ATOM   407  C  CB    . LEU A 1 53  ? 10.307  -2.951  6.727   1.00 18.93 ? 53  LEU A CB    1 
ATOM   408  C  CG    . LEU A 1 53  ? 9.619   -4.004  7.591   1.00 18.70 ? 53  LEU A CG    1 
ATOM   409  C  CD1   . LEU A 1 53  ? 8.284   -3.455  8.065   1.00 21.60 ? 53  LEU A CD1   1 
ATOM   410  C  CD2   . LEU A 1 53  ? 9.438   -5.296  6.819   1.00 20.24 ? 53  LEU A CD2   1 
ATOM   411  N  N     . ASP A 1 54  ? 12.225  -2.265  3.992   1.00 16.32 ? 54  ASP A N     1 
ATOM   412  C  CA    . ASP A 1 54  ? 12.621  -1.142  3.164   1.00 18.28 ? 54  ASP A CA    1 
ATOM   413  C  C     . ASP A 1 54  ? 11.382  -0.704  2.406   1.00 17.33 ? 54  ASP A C     1 
ATOM   414  O  O     . ASP A 1 54  ? 10.904  -1.424  1.534   1.00 19.31 ? 54  ASP A O     1 
ATOM   415  C  CB    . ASP A 1 54  ? 13.727  -1.564  2.197   1.00 20.37 ? 54  ASP A CB    1 
ATOM   416  C  CG    . ASP A 1 54  ? 14.114  -0.460  1.235   1.00 28.87 ? 54  ASP A CG    1 
ATOM   417  O  OD1   . ASP A 1 54  ? 15.135  0.218   1.482   1.00 33.26 ? 54  ASP A OD1   1 
ATOM   418  O  OD2   . ASP A 1 54  ? 13.395  -0.267  0.232   1.00 33.12 ? 54  ASP A OD2   1 
ATOM   419  N  N     . ILE A 1 55  ? 10.855  0.465   2.750   1.00 15.51 ? 55  ILE A N     1 
ATOM   420  C  CA    . ILE A 1 55  ? 9.568   0.900   2.221   1.00 14.33 ? 55  ILE A CA    1 
ATOM   421  C  C     . ILE A 1 55  ? 9.712   2.119   1.333   1.00 17.19 ? 55  ILE A C     1 
ATOM   422  O  O     . ILE A 1 55  ? 10.292  3.130   1.733   1.00 16.70 ? 55  ILE A O     1 
ATOM   423  C  CB    . ILE A 1 55  ? 8.592   1.219   3.356   1.00 15.57 ? 55  ILE A CB    1 
ATOM   424  C  CG1   . ILE A 1 55  ? 8.477   0.019   4.305   1.00 18.65 ? 55  ILE A CG1   1 
ATOM   425  C  CG2   . ILE A 1 55  ? 7.233   1.634   2.792   1.00 17.43 ? 55  ILE A CG2   1 
ATOM   426  C  CD1   . ILE A 1 55  ? 7.627   0.284   5.530   1.00 19.33 ? 55  ILE A CD1   1 
ATOM   427  N  N     . LEU A 1 56  ? 9.179   2.017   0.122   1.00 16.36 ? 56  LEU A N     1 
ATOM   428  C  CA    . LEU A 1 56  ? 9.149   3.143   -0.794  1.00 16.29 ? 56  LEU A CA    1 
ATOM   429  C  C     . LEU A 1 56  ? 7.758   3.754   -0.828  1.00 16.98 ? 56  LEU A C     1 
ATOM   430  O  O     . LEU A 1 56  ? 6.777   3.079   -1.155  1.00 16.93 ? 56  LEU A O     1 
ATOM   431  C  CB    . LEU A 1 56  ? 9.552   2.707   -2.196  1.00 18.45 ? 56  LEU A CB    1 
ATOM   432  C  CG    . LEU A 1 56  ? 9.885   3.855   -3.142  1.00 22.29 ? 56  LEU A CG    1 
ATOM   433  C  CD1   . LEU A 1 56  ? 11.254  4.435   -2.806  1.00 23.78 ? 56  LEU A CD1   1 
ATOM   434  C  CD2   . LEU A 1 56  ? 9.851   3.370   -4.573  1.00 24.36 ? 56  LEU A CD2   1 
ATOM   435  N  N     . ASP A 1 57  ? 7.687   5.033   -0.474  1.00 16.05 ? 57  ASP A N     1 
ATOM   436  C  CA    . ASP A 1 57  ? 6.465   5.811   -0.457  1.00 15.96 ? 57  ASP A CA    1 
ATOM   437  C  C     . ASP A 1 57  ? 6.431   6.613   -1.755  1.00 17.63 ? 57  ASP A C     1 
ATOM   438  O  O     . ASP A 1 57  ? 7.236   7.525   -1.954  1.00 18.11 ? 57  ASP A O     1 
ATOM   439  C  CB    . ASP A 1 57  ? 6.517   6.743   0.750   1.00 18.78 ? 57  ASP A CB    1 
ATOM   440  C  CG    . ASP A 1 57  ? 5.283   7.590   0.890   1.00 18.27 ? 57  ASP A CG    1 
ATOM   441  O  OD1   . ASP A 1 57  ? 4.222   7.201   0.356   1.00 18.60 ? 57  ASP A OD1   1 
ATOM   442  O  OD2   . ASP A 1 57  ? 5.374   8.642   1.558   1.00 20.40 ? 57  ASP A OD2   1 
ATOM   443  N  N     . THR A 1 58  ? 5.508   6.269   -2.648  1.00 16.62 ? 58  THR A N     1 
ATOM   444  C  CA    . THR A 1 58  ? 5.524   6.802   -4.012  1.00 17.24 ? 58  THR A CA    1 
ATOM   445  C  C     . THR A 1 58  ? 4.537   7.951   -4.227  1.00 17.14 ? 58  THR A C     1 
ATOM   446  O  O     . THR A 1 58  ? 3.719   8.258   -3.366  1.00 16.72 ? 58  THR A O     1 
ATOM   447  C  CB    . THR A 1 58  ? 5.239   5.693   -5.045  1.00 16.57 ? 58  THR A CB    1 
ATOM   448  O  OG1   . THR A 1 58  ? 3.874   5.267   -4.926  1.00 17.19 ? 58  THR A OG1   1 
ATOM   449  C  CG2   . THR A 1 58  ? 6.169   4.507   -4.817  1.00 18.66 ? 58  THR A CG2   1 
ATOM   450  N  N     . ALA A 1 59  ? 4.622   8.584   -5.394  1.00 17.04 ? 59  ALA A N     1 
ATOM   451  C  CA    . ALA A 1 59  ? 3.756   9.712   -5.738  1.00 17.68 ? 59  ALA A CA    1 
ATOM   452  C  C     . ALA A 1 59  ? 2.415   9.262   -6.303  1.00 18.70 ? 59  ALA A C     1 
ATOM   453  O  O     . ALA A 1 59  ? 2.369   8.431   -7.216  1.00 20.67 ? 59  ALA A O     1 
ATOM   454  C  CB    . ALA A 1 59  ? 4.456   10.625  -6.744  1.00 19.26 ? 59  ALA A CB    1 
ATOM   455  N  N     . GLY A 1 60  ? 1.331   9.826   -5.780  1.00 18.62 ? 60  GLY A N     1 
ATOM   456  C  CA    . GLY A 1 60  ? 0.008   9.577   -6.322  1.00 20.09 ? 60  GLY A CA    1 
ATOM   457  C  C     . GLY A 1 60  ? -0.376  10.577  -7.404  1.00 22.14 ? 60  GLY A C     1 
ATOM   458  O  O     . GLY A 1 60  ? -1.265  10.311  -8.212  1.00 23.33 ? 60  GLY A O     1 
ATOM   459  N  N     . GLN A 1 61  ? 0.283   11.731  -7.424  1.00 21.94 ? 61  GLN A N     1 
ATOM   460  C  CA    . GLN A 1 61  ? 0.006   12.720  -8.464  1.00 27.21 ? 61  GLN A CA    1 
ATOM   461  C  C     . GLN A 1 61  ? 0.436   12.211  -9.838  1.00 29.03 ? 61  GLN A C     1 
ATOM   462  O  O     . GLN A 1 61  ? 1.578   11.791  -10.030 1.00 29.83 ? 61  GLN A O     1 
ATOM   463  C  CB    . GLN A 1 61  ? 0.655   14.066  -8.138  1.00 28.84 ? 61  GLN A CB    1 
ATOM   464  C  CG    . GLN A 1 61  ? -0.160  14.872  -7.148  1.00 29.45 ? 61  GLN A CG    1 
ATOM   465  C  CD    . GLN A 1 61  ? -1.634  14.902  -7.516  1.00 34.87 ? 61  GLN A CD    1 
ATOM   466  O  OE1   . GLN A 1 61  ? -2.444  14.167  -6.949  1.00 35.40 ? 61  GLN A OE1   1 
ATOM   467  N  NE2   . GLN A 1 61  ? -1.986  15.740  -8.486  1.00 37.95 ? 61  GLN A NE2   1 
ATOM   468  N  N     . GLU A 1 62  ? -0.498  12.249  -10.783 1.00 32.01 ? 62  GLU A N     1 
ATOM   469  C  CA    . GLU A 1 62  ? -0.292  11.671  -12.108 1.00 36.15 ? 62  GLU A CA    1 
ATOM   470  C  C     . GLU A 1 62  ? 0.893   12.298  -12.832 1.00 37.21 ? 62  GLU A C     1 
ATOM   471  O  O     . GLU A 1 62  ? 1.473   11.691  -13.733 1.00 38.51 ? 62  GLU A O     1 
ATOM   472  C  CB    . GLU A 1 62  ? -1.563  11.811  -12.950 1.00 39.83 ? 62  GLU A CB    1 
ATOM   473  C  CG    . GLU A 1 62  ? -2.815  11.319  -12.244 1.00 42.99 ? 62  GLU A CG    1 
ATOM   474  C  CD    . GLU A 1 62  ? -4.089  11.735  -12.951 1.00 46.46 ? 62  GLU A CD    1 
ATOM   475  O  OE1   . GLU A 1 62  ? -4.464  11.074  -13.943 1.00 52.40 ? 62  GLU A OE1   1 
ATOM   476  O  OE2   . GLU A 1 62  ? -4.721  12.716  -12.506 1.00 51.11 ? 62  GLU A OE2   1 
ATOM   477  N  N     . GLU A 1 63  ? 1.250   13.515  -12.433 1.00 38.54 ? 63  GLU A N     1 
ATOM   478  C  CA    . GLU A 1 63  ? 2.400   14.208  -13.002 1.00 39.65 ? 63  GLU A CA    1 
ATOM   479  C  C     . GLU A 1 63  ? 3.661   13.346  -12.958 1.00 38.87 ? 63  GLU A C     1 
ATOM   480  O  O     . GLU A 1 63  ? 4.542   13.476  -13.807 1.00 38.84 ? 63  GLU A O     1 
ATOM   481  C  CB    . GLU A 1 63  ? 2.649   15.525  -12.261 1.00 40.25 ? 63  GLU A CB    1 
ATOM   482  C  CG    . GLU A 1 63  ? 1.721   16.665  -12.661 1.00 46.16 ? 63  GLU A CG    1 
ATOM   483  C  CD    . GLU A 1 63  ? 0.259   16.362  -12.399 1.00 47.29 ? 63  GLU A CD    1 
ATOM   484  O  OE1   . GLU A 1 63  ? -0.045  15.661  -11.409 1.00 44.35 ? 63  GLU A OE1   1 
ATOM   485  O  OE2   . GLU A 1 63  ? -0.592  16.833  -13.183 1.00 51.58 ? 63  GLU A OE2   1 
ATOM   486  N  N     . TYR A 1 64  ? 3.741   12.463  -11.966 1.00 37.00 ? 64  TYR A N     1 
ATOM   487  C  CA    . TYR A 1 64  ? 4.951   11.678  -11.744 1.00 34.26 ? 64  TYR A CA    1 
ATOM   488  C  C     . TYR A 1 64  ? 4.808   10.209  -12.139 1.00 31.76 ? 64  TYR A C     1 
ATOM   489  O  O     . TYR A 1 64  ? 5.558   9.359   -11.660 1.00 30.72 ? 64  TYR A O     1 
ATOM   490  C  CB    . TYR A 1 64  ? 5.390   11.783  -10.278 1.00 34.00 ? 64  TYR A CB    1 
ATOM   491  C  CG    . TYR A 1 64  ? 5.848   13.167  -9.884  1.00 36.50 ? 64  TYR A CG    1 
ATOM   492  C  CD1   . TYR A 1 64  ? 7.105   13.631  -10.251 1.00 37.12 ? 64  TYR A CD1   1 
ATOM   493  C  CD2   . TYR A 1 64  ? 5.025   14.012  -9.149  1.00 38.72 ? 64  TYR A CD2   1 
ATOM   494  C  CE1   . TYR A 1 64  ? 7.528   14.896  -9.900  1.00 42.06 ? 64  TYR A CE1   1 
ATOM   495  C  CE2   . TYR A 1 64  ? 5.441   15.282  -8.793  1.00 39.21 ? 64  TYR A CE2   1 
ATOM   496  C  CZ    . TYR A 1 64  ? 6.695   15.718  -9.171  1.00 40.54 ? 64  TYR A CZ    1 
ATOM   497  O  OH    . TYR A 1 64  ? 7.122   16.978  -8.820  1.00 47.41 ? 64  TYR A OH    1 
ATOM   498  N  N     . SER A 1 65  ? 3.859   9.912   -13.020 1.00 30.93 ? 65  SER A N     1 
ATOM   499  C  CA    . SER A 1 65  ? 3.587   8.526   -13.397 1.00 32.26 ? 65  SER A CA    1 
ATOM   500  C  C     . SER A 1 65  ? 4.756   7.857   -14.123 1.00 30.31 ? 65  SER A C     1 
ATOM   501  O  O     . SER A 1 65  ? 4.844   6.630   -14.164 1.00 30.95 ? 65  SER A O     1 
ATOM   502  C  CB    . SER A 1 65  ? 2.310   8.428   -14.238 1.00 33.23 ? 65  SER A CB    1 
ATOM   503  O  OG    . SER A 1 65  ? 2.437   9.151   -15.449 1.00 36.35 ? 65  SER A OG    1 
ATOM   504  N  N     . ALA A 1 66  ? 5.658   8.658   -14.682 1.00 30.86 ? 66  ALA A N     1 
ATOM   505  C  CA    . ALA A 1 66  ? 6.808   8.114   -15.400 1.00 31.63 ? 66  ALA A CA    1 
ATOM   506  C  C     . ALA A 1 66  ? 7.776   7.394   -14.462 1.00 31.57 ? 66  ALA A C     1 
ATOM   507  O  O     . ALA A 1 66  ? 8.600   6.591   -14.906 1.00 29.38 ? 66  ALA A O     1 
ATOM   508  C  CB    . ALA A 1 66  ? 7.528   9.217   -16.172 1.00 33.46 ? 66  ALA A CB    1 
ATOM   509  N  N     . MET A 1 67  ? 7.665   7.678   -13.168 1.00 28.94 ? 67  MET A N     1 
ATOM   510  C  CA    . MET A 1 67  ? 8.556   7.093   -12.167 1.00 27.70 ? 67  MET A CA    1 
ATOM   511  C  C     . MET A 1 67  ? 8.153   5.676   -11.768 1.00 25.92 ? 67  MET A C     1 
ATOM   512  O  O     . MET A 1 67  ? 8.913   4.976   -11.098 1.00 26.12 ? 67  MET A O     1 
ATOM   513  C  CB    . MET A 1 67  ? 8.600   7.972   -10.911 1.00 27.94 ? 67  MET A CB    1 
ATOM   514  C  CG    . MET A 1 67  ? 9.110   9.384   -11.138 1.00 27.66 ? 67  MET A CG    1 
ATOM   515  S  SD    . MET A 1 67  ? 9.096   10.369  -9.624  1.00 32.91 ? 67  MET A SD    1 
ATOM   516  C  CE    . MET A 1 67  ? 10.366  9.555   -8.664  1.00 29.44 ? 67  MET A CE    1 
ATOM   517  N  N     . ARG A 1 68  ? 6.963   5.252   -12.184 1.00 25.53 ? 68  ARG A N     1 
ATOM   518  C  CA    . ARG A 1 68  ? 6.413   3.972   -11.741 1.00 24.70 ? 68  ARG A CA    1 
ATOM   519  C  C     . ARG A 1 68  ? 7.195   2.756   -12.230 1.00 24.57 ? 68  ARG A C     1 
ATOM   520  O  O     . ARG A 1 68  ? 7.416   1.811   -11.473 1.00 25.06 ? 68  ARG A O     1 
ATOM   521  C  CB    . ARG A 1 68  ? 4.938   3.853   -12.136 1.00 23.56 ? 68  ARG A CB    1 
ATOM   522  C  CG    . ARG A 1 68  ? 4.067   4.903   -11.475 1.00 22.99 ? 68  ARG A CG    1 
ATOM   523  C  CD    . ARG A 1 68  ? 2.593   4.702   -11.771 1.00 23.23 ? 68  ARG A CD    1 
ATOM   524  N  NE    . ARG A 1 68  ? 1.831   5.886   -11.383 1.00 25.04 ? 68  ARG A NE    1 
ATOM   525  C  CZ    . ARG A 1 68  ? 0.616   6.182   -11.834 1.00 27.25 ? 68  ARG A CZ    1 
ATOM   526  N  NH1   . ARG A 1 68  ? 0.003   5.371   -12.687 1.00 31.78 ? 68  ARG A NH1   1 
ATOM   527  N  NH2   . ARG A 1 68  ? 0.013   7.292   -11.429 1.00 28.83 ? 68  ARG A NH2   1 
ATOM   528  N  N     . ASP A 1 69  ? 7.617   2.777   -13.489 1.00 26.22 ? 69  ASP A N     1 
ATOM   529  C  CA    . ASP A 1 69  ? 8.334   1.637   -14.045 1.00 27.49 ? 69  ASP A CA    1 
ATOM   530  C  C     . ASP A 1 69  ? 9.537   1.267   -13.180 1.00 25.76 ? 69  ASP A C     1 
ATOM   531  O  O     . ASP A 1 69  ? 9.747   0.098   -12.864 1.00 25.85 ? 69  ASP A O     1 
ATOM   532  C  CB    . ASP A 1 69  ? 8.759   1.912   -15.492 1.00 29.11 ? 69  ASP A CB    1 
ATOM   533  C  CG    . ASP A 1 69  ? 7.576   2.002   -16.442 1.00 35.13 ? 69  ASP A CG    1 
ATOM   534  O  OD1   . ASP A 1 69  ? 7.478   3.006   -17.179 1.00 40.19 ? 69  ASP A OD1   1 
ATOM   535  O  OD2   . ASP A 1 69  ? 6.741   1.069   -16.457 1.00 37.61 ? 69  ASP A OD2   1 
ATOM   536  N  N     . GLN A 1 70  ? 10.308  2.266   -12.765 1.00 26.79 ? 70  GLN A N     1 
ATOM   537  C  CA    . GLN A 1 70  ? 11.501  2.007   -11.966 1.00 28.75 ? 70  GLN A CA    1 
ATOM   538  C  C     . GLN A 1 70  ? 11.191  1.362   -10.617 1.00 25.94 ? 70  GLN A C     1 
ATOM   539  O  O     . GLN A 1 70  ? 11.809  0.368   -10.240 1.00 26.73 ? 70  GLN A O     1 
ATOM   540  C  CB    . GLN A 1 70  ? 12.314  3.284   -11.757 1.00 29.88 ? 70  GLN A CB    1 
ATOM   541  C  CG    . GLN A 1 70  ? 13.579  3.060   -10.948 1.00 36.14 ? 70  GLN A CG    1 
ATOM   542  C  CD    . GLN A 1 70  ? 14.509  2.049   -11.595 1.00 43.33 ? 70  GLN A CD    1 
ATOM   543  O  OE1   . GLN A 1 70  ? 14.925  2.219   -12.742 1.00 47.29 ? 70  GLN A OE1   1 
ATOM   544  N  NE2   . GLN A 1 70  ? 14.841  0.993   -10.861 1.00 43.66 ? 70  GLN A NE2   1 
ATOM   545  N  N     . TYR A 1 71  ? 10.237  1.924   -9.883  1.00 25.04 ? 71  TYR A N     1 
ATOM   546  C  CA    . TYR A 1 71  ? 9.953   1.400   -8.552  1.00 24.69 ? 71  TYR A CA    1 
ATOM   547  C  C     . TYR A 1 71  ? 9.214   0.065   -8.583  1.00 24.33 ? 71  TYR A C     1 
ATOM   548  O  O     . TYR A 1 71  ? 9.350   -0.748  -7.668  1.00 26.05 ? 71  TYR A O     1 
ATOM   549  C  CB    . TYR A 1 71  ? 9.292   2.447   -7.631  1.00 23.33 ? 71  TYR A CB    1 
ATOM   550  C  CG    . TYR A 1 71  ? 7.831   2.805   -7.864  1.00 22.54 ? 71  TYR A CG    1 
ATOM   551  C  CD1   . TYR A 1 71  ? 6.829   1.845   -7.796  1.00 21.90 ? 71  TYR A CD1   1 
ATOM   552  C  CD2   . TYR A 1 71  ? 7.453   4.127   -8.074  1.00 23.96 ? 71  TYR A CD2   1 
ATOM   553  C  CE1   . TYR A 1 71  ? 5.499   2.186   -7.974  1.00 23.05 ? 71  TYR A CE1   1 
ATOM   554  C  CE2   . TYR A 1 71  ? 6.120   4.477   -8.253  1.00 21.94 ? 71  TYR A CE2   1 
ATOM   555  C  CZ    . TYR A 1 71  ? 5.148   3.501   -8.200  1.00 22.60 ? 71  TYR A CZ    1 
ATOM   556  O  OH    . TYR A 1 71  ? 3.820   3.833   -8.369  1.00 24.73 ? 71  TYR A OH    1 
ATOM   557  N  N     . MET A 1 72  ? 8.466   -0.180  -9.654  1.00 22.17 ? 72  MET A N     1 
ATOM   558  C  CA    . MET A 1 72  ? 7.801   -1.467  -9.818  1.00 23.12 ? 72  MET A CA    1 
ATOM   559  C  C     . MET A 1 72  ? 8.789   -2.578  -10.160 1.00 26.33 ? 72  MET A C     1 
ATOM   560  O  O     . MET A 1 72  ? 8.581   -3.734  -9.794  1.00 25.46 ? 72  MET A O     1 
ATOM   561  C  CB    . MET A 1 72  ? 6.690   -1.373  -10.861 1.00 22.19 ? 72  MET A CB    1 
ATOM   562  C  CG    . MET A 1 72  ? 5.524   -0.534  -10.379 1.00 21.09 ? 72  MET A CG    1 
ATOM   563  S  SD    . MET A 1 72  ? 4.287   -0.261  -11.643 1.00 23.03 ? 72  MET A SD    1 
ATOM   564  C  CE    . MET A 1 72  ? 3.084   0.676   -10.702 1.00 21.58 ? 72  MET A CE    1 
ATOM   565  N  N     . ARG A 1 73  ? 9.871   -2.222  -10.849 1.00 25.75 ? 73  ARG A N     1 
ATOM   566  C  CA    . ARG A 1 73  ? 10.930  -3.181  -11.143 1.00 26.05 ? 73  ARG A CA    1 
ATOM   567  C  C     . ARG A 1 73  ? 11.610  -3.687  -9.873  1.00 24.74 ? 73  ARG A C     1 
ATOM   568  O  O     . ARG A 1 73  ? 11.879  -4.876  -9.740  1.00 25.93 ? 73  ARG A O     1 
ATOM   569  C  CB    . ARG A 1 73  ? 11.982  -2.564  -12.071 1.00 29.79 ? 73  ARG A CB    1 
ATOM   570  C  CG    . ARG A 1 73  ? 11.472  -2.184  -13.449 1.00 34.17 ? 73  ARG A CG    1 
ATOM   571  C  CD    . ARG A 1 73  ? 12.612  -1.672  -14.315 1.00 36.26 ? 73  ARG A CD    1 
ATOM   572  N  NE    . ARG A 1 73  ? 13.736  -2.601  -14.292 1.00 39.63 ? 73  ARG A NE    1 
ATOM   573  C  CZ    . ARG A 1 73  ? 13.781  -3.727  -14.994 1.00 37.29 ? 73  ARG A CZ    1 
ATOM   574  N  NH1   . ARG A 1 73  ? 12.764  -4.058  -15.778 1.00 36.11 ? 73  ARG A NH1   1 
ATOM   575  N  NH2   . ARG A 1 73  ? 14.841  -4.522  -14.914 1.00 38.50 ? 73  ARG A NH2   1 
ATOM   576  N  N     . THR A 1 74  ? 11.880  -2.775  -8.943  1.00 26.14 ? 74  THR A N     1 
ATOM   577  C  CA    . THR A 1 74  ? 12.671  -3.080  -7.753  1.00 24.66 ? 74  THR A CA    1 
ATOM   578  C  C     . THR A 1 74  ? 11.875  -3.704  -6.592  1.00 23.84 ? 74  THR A C     1 
ATOM   579  O  O     . THR A 1 74  ? 12.406  -4.513  -5.829  1.00 24.90 ? 74  THR A O     1 
ATOM   580  C  CB    . THR A 1 74  ? 13.392  -1.812  -7.244  1.00 31.92 ? 74  THR A CB    1 
ATOM   581  O  OG1   . THR A 1 74  ? 14.141  -1.224  -8.317  1.00 36.49 ? 74  THR A OG1   1 
ATOM   582  C  CG2   . THR A 1 74  ? 14.334  -2.146  -6.094  1.00 30.74 ? 74  THR A CG2   1 
ATOM   583  N  N     . GLY A 1 75  ? 10.607  -3.332  -6.464  1.00 22.41 ? 75  GLY A N     1 
ATOM   584  C  CA    . GLY A 1 75  ? 9.800   -3.765  -5.331  1.00 21.48 ? 75  GLY A CA    1 
ATOM   585  C  C     . GLY A 1 75  ? 9.482   -5.253  -5.294  1.00 19.13 ? 75  GLY A C     1 
ATOM   586  O  O     . GLY A 1 75  ? 9.304   -5.890  -6.339  1.00 20.25 ? 75  GLY A O     1 
ATOM   587  N  N     . GLU A 1 76  ? 9.408   -5.814  -4.091  1.00 17.11 ? 76  GLU A N     1 
ATOM   588  C  CA    . GLU A 1 76  ? 9.095   -7.232  -3.915  1.00 18.70 ? 76  GLU A CA    1 
ATOM   589  C  C     . GLU A 1 76  ? 7.614   -7.445  -3.600  1.00 18.10 ? 76  GLU A C     1 
ATOM   590  O  O     . GLU A 1 76  ? 7.053   -8.501  -3.892  1.00 20.37 ? 76  GLU A O     1 
ATOM   591  C  CB    . GLU A 1 76  ? 9.964   -7.846  -2.815  1.00 19.13 ? 76  GLU A CB    1 
ATOM   592  C  CG    . GLU A 1 76  ? 11.435  -7.942  -3.204  1.00 22.06 ? 76  GLU A CG    1 
ATOM   593  C  CD    . GLU A 1 76  ? 12.347  -8.359  -2.059  1.00 28.29 ? 76  GLU A CD    1 
ATOM   594  O  OE1   . GLU A 1 76  ? 11.994  -8.147  -0.875  1.00 23.81 ? 76  GLU A OE1   1 
ATOM   595  O  OE2   . GLU A 1 76  ? 13.440  -8.891  -2.353  1.00 32.17 ? 76  GLU A OE2   1 
ATOM   596  N  N     . GLY A 1 77  ? 6.991   -6.444  -2.989  1.00 14.97 ? 77  GLY A N     1 
ATOM   597  C  CA    . GLY A 1 77  ? 5.572   -6.495  -2.687  1.00 15.15 ? 77  GLY A CA    1 
ATOM   598  C  C     . GLY A 1 77  ? 4.972   -5.107  -2.715  1.00 13.42 ? 77  GLY A C     1 
ATOM   599  O  O     . GLY A 1 77  ? 5.668   -4.128  -2.429  1.00 14.64 ? 77  GLY A O     1 
ATOM   600  N  N     . PHE A 1 78  ? 3.683   -5.021  -3.025  1.00 13.11 ? 78  PHE A N     1 
ATOM   601  C  CA    . PHE A 1 78  ? 3.028   -3.736  -3.222  1.00 12.50 ? 78  PHE A CA    1 
ATOM   602  C  C     . PHE A 1 78  ? 1.794   -3.585  -2.353  1.00 13.25 ? 78  PHE A C     1 
ATOM   603  O  O     . PHE A 1 78  ? 0.931   -4.468  -2.330  1.00 13.61 ? 78  PHE A O     1 
ATOM   604  C  CB    . PHE A 1 78  ? 2.676   -3.555  -4.701  1.00 14.29 ? 78  PHE A CB    1 
ATOM   605  C  CG    . PHE A 1 78  ? 3.878   -3.583  -5.594  1.00 14.22 ? 78  PHE A CG    1 
ATOM   606  C  CD1   . PHE A 1 78  ? 4.428   -4.785  -5.992  1.00 16.21 ? 78  PHE A CD1   1 
ATOM   607  C  CD2   . PHE A 1 78  ? 4.492   -2.406  -5.985  1.00 15.26 ? 78  PHE A CD2   1 
ATOM   608  C  CE1   . PHE A 1 78  ? 5.564   -4.820  -6.782  1.00 17.66 ? 78  PHE A CE1   1 
ATOM   609  C  CE2   . PHE A 1 78  ? 5.632   -2.425  -6.779  1.00 16.63 ? 78  PHE A CE2   1 
ATOM   610  C  CZ    . PHE A 1 78  ? 6.170   -3.634  -7.177  1.00 17.30 ? 78  PHE A CZ    1 
ATOM   611  N  N     . LEU A 1 79  ? 1.733   -2.474  -1.628  1.00 11.92 ? 79  LEU A N     1 
ATOM   612  C  CA    . LEU A 1 79  ? 0.544   -2.098  -0.883  1.00 13.29 ? 79  LEU A CA    1 
ATOM   613  C  C     . LEU A 1 79  ? -0.253  -1.166  -1.775  1.00 14.63 ? 79  LEU A C     1 
ATOM   614  O  O     . LEU A 1 79  ? 0.172   -0.045  -2.038  1.00 15.74 ? 79  LEU A O     1 
ATOM   615  C  CB    . LEU A 1 79  ? 0.929   -1.375  0.410   1.00 17.63 ? 79  LEU A CB    1 
ATOM   616  C  CG    . LEU A 1 79  ? -0.027  -1.501  1.595   1.00 17.63 ? 79  LEU A CG    1 
ATOM   617  C  CD1   . LEU A 1 79  ? 0.047   -2.922  2.160   1.00 16.92 ? 79  LEU A CD1   1 
ATOM   618  C  CD2   . LEU A 1 79  ? 0.298   -0.473  2.669   1.00 17.97 ? 79  LEU A CD2   1 
ATOM   619  N  N     . CYS A 1 80  ? -1.393  -1.640  -2.262  1.00 12.83 ? 80  CYS A N     1 
ATOM   620  C  CA    . CYS A 1 80  ? -2.199  -0.874  -3.201  1.00 12.65 ? 80  CYS A CA    1 
ATOM   621  C  C     . CYS A 1 80  ? -3.302  -0.184  -2.429  1.00 13.14 ? 80  CYS A C     1 
ATOM   622  O  O     . CYS A 1 80  ? -4.263  -0.824  -2.004  1.00 13.60 ? 80  CYS A O     1 
ATOM   623  C  CB    . CYS A 1 80  ? -2.772  -1.805  -4.265  1.00 13.63 ? 80  CYS A CB    1 
ATOM   624  S  SG    . CYS A 1 80  ? -1.504  -2.631  -5.248  1.00 18.76 ? 80  CYS A SG    1 
ATOM   625  N  N     . VAL A 1 81  ? -3.147  1.122   -2.243  1.00 11.64 ? 81  VAL A N     1 
ATOM   626  C  CA    . VAL A 1 81  ? -3.991  1.883   -1.334  1.00 11.43 ? 81  VAL A CA    1 
ATOM   627  C  C     . VAL A 1 81  ? -5.026  2.727   -2.068  1.00 11.80 ? 81  VAL A C     1 
ATOM   628  O  O     . VAL A 1 81  ? -4.698  3.417   -3.029  1.00 11.88 ? 81  VAL A O     1 
ATOM   629  C  CB    . VAL A 1 81  ? -3.125  2.826   -0.459  1.00 11.18 ? 81  VAL A CB    1 
ATOM   630  C  CG1   . VAL A 1 81  ? -3.973  3.524   0.593   1.00 12.36 ? 81  VAL A CG1   1 
ATOM   631  C  CG2   . VAL A 1 81  ? -1.979  2.059   0.183   1.00 12.81 ? 81  VAL A CG2   1 
ATOM   632  N  N     . PHE A 1 82  ? -6.275  2.660   -1.615  1.00 11.26 ? 82  PHE A N     1 
ATOM   633  C  CA    . PHE A 1 82  ? -7.283  3.645   -2.013  1.00 9.81  ? 82  PHE A CA    1 
ATOM   634  C  C     . PHE A 1 82  ? -7.914  4.182   -0.735  1.00 11.39 ? 82  PHE A C     1 
ATOM   635  O  O     . PHE A 1 82  ? -7.642  3.680   0.356   1.00 12.23 ? 82  PHE A O     1 
ATOM   636  C  CB    . PHE A 1 82  ? -8.343  3.024   -2.943  1.00 12.05 ? 82  PHE A CB    1 
ATOM   637  C  CG    . PHE A 1 82  ? -9.227  2.018   -2.262  1.00 11.26 ? 82  PHE A CG    1 
ATOM   638  C  CD1   . PHE A 1 82  ? -8.823  0.692   -2.127  1.00 12.10 ? 82  PHE A CD1   1 
ATOM   639  C  CD2   . PHE A 1 82  ? -10.452 2.398   -1.741  1.00 11.96 ? 82  PHE A CD2   1 
ATOM   640  C  CE1   . PHE A 1 82  ? -9.622  -0.231  -1.483  1.00 11.94 ? 82  PHE A CE1   1 
ATOM   641  C  CE2   . PHE A 1 82  ? -11.267 1.477   -1.096  1.00 11.76 ? 82  PHE A CE2   1 
ATOM   642  C  CZ    . PHE A 1 82  ? -10.841 0.150   -0.964  1.00 11.03 ? 82  PHE A CZ    1 
ATOM   643  N  N     . ALA A 1 83  ? -8.735  5.217   -0.849  1.00 11.15 ? 83  ALA A N     1 
ATOM   644  C  CA    . ALA A 1 83  ? -9.452  5.725   0.317   1.00 12.09 ? 83  ALA A CA    1 
ATOM   645  C  C     . ALA A 1 83  ? -10.930 5.373   0.217   1.00 12.08 ? 83  ALA A C     1 
ATOM   646  O  O     . ALA A 1 83  ? -11.538 5.497   -0.853  1.00 12.45 ? 83  ALA A O     1 
ATOM   647  C  CB    . ALA A 1 83  ? -9.258  7.227   0.476   1.00 13.42 ? 83  ALA A CB    1 
ATOM   648  N  N     . ILE A 1 84  ? -11.510 4.932   1.326   1.00 11.44 ? 84  ILE A N     1 
ATOM   649  C  CA    . ILE A 1 84  ? -12.905 4.464   1.299   1.00 14.16 ? 84  ILE A CA    1 
ATOM   650  C  C     . ILE A 1 84  ? -13.932 5.563   1.031   1.00 12.53 ? 84  ILE A C     1 
ATOM   651  O  O     . ILE A 1 84  ? -15.095 5.257   0.750   1.00 14.07 ? 84  ILE A O     1 
ATOM   652  C  CB    . ILE A 1 84  ? -13.298 3.677   2.566   1.00 13.74 ? 84  ILE A CB    1 
ATOM   653  C  CG1   . ILE A 1 84  ? -13.202 4.555   3.819   1.00 17.20 ? 84  ILE A CG1   1 
ATOM   654  C  CG2   . ILE A 1 84  ? -12.429 2.433   2.699   1.00 15.22 ? 84  ILE A CG2   1 
ATOM   655  C  CD1   . ILE A 1 84  ? -14.421 5.391   4.101   1.00 24.17 ? 84  ILE A CD1   1 
ATOM   656  N  N     . ASN A 1 85  ? -13.494 6.820   1.116   1.00 12.57 ? 85  ASN A N     1 
ATOM   657  C  CA    . ASN A 1 85  ? -14.325 7.983   0.782   1.00 13.49 ? 85  ASN A CA    1 
ATOM   658  C  C     . ASN A 1 85  ? -13.949 8.613   -0.560  1.00 14.52 ? 85  ASN A C     1 
ATOM   659  O  O     . ASN A 1 85  ? -14.216 9.792   -0.801  1.00 15.78 ? 85  ASN A O     1 
ATOM   660  C  CB    . ASN A 1 85  ? -14.238 9.040   1.889   1.00 15.40 ? 85  ASN A CB    1 
ATOM   661  C  CG    . ASN A 1 85  ? -12.868 9.679   1.979   1.00 16.47 ? 85  ASN A CG    1 
ATOM   662  O  OD1   . ASN A 1 85  ? -11.865 9.098   1.564   1.00 15.58 ? 85  ASN A OD1   1 
ATOM   663  N  ND2   . ASN A 1 85  ? -12.816 10.890  2.520   1.00 21.45 ? 85  ASN A ND2   1 
ATOM   664  N  N     . ASN A 1 86  ? -13.329 7.827   -1.430  1.00 13.72 ? 86  ASN A N     1 
ATOM   665  C  CA    . ASN A 1 86  ? -12.862 8.322   -2.719  1.00 13.08 ? 86  ASN A CA    1 
ATOM   666  C  C     . ASN A 1 86  ? -13.021 7.229   -3.774  1.00 12.93 ? 86  ASN A C     1 
ATOM   667  O  O     . ASN A 1 86  ? -12.119 6.421   -4.010  1.00 12.22 ? 86  ASN A O     1 
ATOM   668  C  CB    . ASN A 1 86  ? -11.399 8.781   -2.604  1.00 14.69 ? 86  ASN A CB    1 
ATOM   669  C  CG    . ASN A 1 86  ? -10.854 9.384   -3.886  1.00 18.06 ? 86  ASN A CG    1 
ATOM   670  O  OD1   . ASN A 1 86  ? -11.421 9.216   -4.966  1.00 18.57 ? 86  ASN A OD1   1 
ATOM   671  N  ND2   . ASN A 1 86  ? -9.725  10.085  -3.769  1.00 23.01 ? 86  ASN A ND2   1 
ATOM   672  N  N     . THR A 1 87  ? -14.193 7.199   -4.396  1.00 12.85 ? 87  THR A N     1 
ATOM   673  C  CA    . THR A 1 87  ? -14.519 6.158   -5.354  1.00 13.10 ? 87  THR A CA    1 
ATOM   674  C  C     . THR A 1 87  ? -13.548 6.138   -6.531  1.00 13.03 ? 87  THR A C     1 
ATOM   675  O  O     . THR A 1 87  ? -13.140 5.072   -6.982  1.00 13.45 ? 87  THR A O     1 
ATOM   676  C  CB    . THR A 1 87  ? -15.984 6.292   -5.836  1.00 14.02 ? 87  THR A CB    1 
ATOM   677  O  OG1   . THR A 1 87  ? -16.863 5.772   -4.832  1.00 16.08 ? 87  THR A OG1   1 
ATOM   678  C  CG2   . THR A 1 87  ? -16.213 5.516   -7.117  1.00 15.51 ? 87  THR A CG2   1 
ATOM   679  N  N     . LYS A 1 88  ? -13.146 7.312   -7.005  1.00 13.31 ? 88  LYS A N     1 
ATOM   680  C  CA    . LYS A 1 88  ? -12.179 7.387   -8.092  1.00 15.39 ? 88  LYS A CA    1 
ATOM   681  C  C     . LYS A 1 88  ? -10.861 6.684   -7.717  1.00 14.00 ? 88  LYS A C     1 
ATOM   682  O  O     . LYS A 1 88  ? -10.272 5.998   -8.549  1.00 14.80 ? 88  LYS A O     1 
ATOM   683  C  CB    . LYS A 1 88  ? -11.929 8.844   -8.486  1.00 18.92 ? 88  LYS A CB    1 
ATOM   684  C  CG    . LYS A 1 88  ? -10.977 9.025   -9.662  1.00 21.04 ? 88  LYS A CG    1 
ATOM   685  C  CD    . LYS A 1 88  ? -11.406 8.216   -10.865 1.00 23.78 ? 88  LYS A CD    1 
ATOM   686  C  CE    . LYS A 1 88  ? -10.798 8.772   -12.155 1.00 28.98 ? 88  LYS A CE    1 
ATOM   687  N  NZ    . LYS A 1 88  ? -9.308  8.823   -12.108 1.00 29.77 ? 88  LYS A NZ    1 
ATOM   688  N  N     . SER A 1 89  ? -10.404 6.834   -6.468  1.00 13.06 ? 89  SER A N     1 
ATOM   689  C  CA    . SER A 1 89  ? -9.140  6.199   -6.050  1.00 13.59 ? 89  SER A CA    1 
ATOM   690  C  C     . SER A 1 89  ? -9.245  4.676   -6.084  1.00 11.92 ? 89  SER A C     1 
ATOM   691  O  O     . SER A 1 89  ? -8.270  3.978   -6.378  1.00 13.05 ? 89  SER A O     1 
ATOM   692  C  CB    . SER A 1 89  ? -8.671  6.682   -4.665  1.00 14.04 ? 89  SER A CB    1 
ATOM   693  O  OG    . SER A 1 89  ? -9.459  6.167   -3.602  1.00 12.41 ? 89  SER A OG    1 
ATOM   694  N  N     . PHE A 1 90  ? -10.434 4.162   -5.788  1.00 12.23 ? 90  PHE A N     1 
ATOM   695  C  CA    . PHE A 1 90  ? -10.690 2.728   -5.875  1.00 12.23 ? 90  PHE A CA    1 
ATOM   696  C  C     . PHE A 1 90  ? -10.645 2.261   -7.331  1.00 13.39 ? 90  PHE A C     1 
ATOM   697  O  O     . PHE A 1 90  ? -10.025 1.247   -7.652  1.00 13.57 ? 90  PHE A O     1 
ATOM   698  C  CB    . PHE A 1 90  ? -12.036 2.403   -5.219  1.00 13.24 ? 90  PHE A CB    1 
ATOM   699  C  CG    . PHE A 1 90  ? -12.439 0.957   -5.305  1.00 12.00 ? 90  PHE A CG    1 
ATOM   700  C  CD1   . PHE A 1 90  ? -11.799 -0.008  -4.548  1.00 13.44 ? 90  PHE A CD1   1 
ATOM   701  C  CD2   . PHE A 1 90  ? -13.481 0.576   -6.128  1.00 14.40 ? 90  PHE A CD2   1 
ATOM   702  C  CE1   . PHE A 1 90  ? -12.181 -1.330  -4.619  1.00 13.63 ? 90  PHE A CE1   1 
ATOM   703  C  CE2   . PHE A 1 90  ? -13.875 -0.741  -6.207  1.00 14.73 ? 90  PHE A CE2   1 
ATOM   704  C  CZ    . PHE A 1 90  ? -13.224 -1.701  -5.451  1.00 14.39 ? 90  PHE A CZ    1 
ATOM   705  N  N     . GLU A 1 91  ? -11.288 3.017   -8.217  1.00 13.09 ? 91  GLU A N     1 
ATOM   706  C  CA    . GLU A 1 91  ? -11.268 2.721   -9.641  1.00 15.38 ? 91  GLU A CA    1 
ATOM   707  C  C     . GLU A 1 91  ? -9.838  2.791   -10.200 1.00 16.56 ? 91  GLU A C     1 
ATOM   708  O  O     . GLU A 1 91  ? -9.493  2.043   -11.124 1.00 19.08 ? 91  GLU A O     1 
ATOM   709  C  CB    . GLU A 1 91  ? -12.226 3.665   -10.379 1.00 15.13 ? 91  GLU A CB    1 
ATOM   710  C  CG    . GLU A 1 91  ? -13.671 3.492   -9.903  1.00 15.55 ? 91  GLU A CG    1 
ATOM   711  C  CD    . GLU A 1 91  ? -14.635 4.539   -10.437 1.00 15.26 ? 91  GLU A CD    1 
ATOM   712  O  OE1   . GLU A 1 91  ? -14.189 5.582   -10.954 1.00 17.35 ? 91  GLU A OE1   1 
ATOM   713  O  OE2   . GLU A 1 91  ? -15.861 4.309   -10.329 1.00 15.25 ? 91  GLU A OE2   1 
ATOM   714  N  N     . ASP A 1 92  ? -9.013  3.663   -9.621  1.00 15.74 ? 92  ASP A N     1 
ATOM   715  C  CA    . ASP A 1 92  ? -7.625  3.856   -10.053 1.00 16.97 ? 92  ASP A CA    1 
ATOM   716  C  C     . ASP A 1 92  ? -6.717  2.648   -9.747  1.00 17.27 ? 92  ASP A C     1 
ATOM   717  O  O     . ASP A 1 92  ? -5.640  2.504   -10.343 1.00 18.61 ? 92  ASP A O     1 
ATOM   718  C  CB    . ASP A 1 92  ? -7.023  5.113   -9.400  1.00 19.32 ? 92  ASP A CB    1 
ATOM   719  C  CG    . ASP A 1 92  ? -7.505  6.417   -10.033 1.00 22.41 ? 92  ASP A CG    1 
ATOM   720  O  OD1   . ASP A 1 92  ? -8.097  6.396   -11.132 1.00 23.23 ? 92  ASP A OD1   1 
ATOM   721  O  OD2   . ASP A 1 92  ? -7.277  7.482   -9.420  1.00 26.84 ? 92  ASP A OD2   1 
ATOM   722  N  N     . ILE A 1 93  ? -7.137  1.790   -8.821  1.00 15.77 ? 93  ILE A N     1 
ATOM   723  C  CA    . ILE A 1 93  ? -6.312  0.647   -8.413  1.00 15.26 ? 93  ILE A CA    1 
ATOM   724  C  C     . ILE A 1 93  ? -5.949  -0.235  -9.600  1.00 16.99 ? 93  ILE A C     1 
ATOM   725  O  O     . ILE A 1 93  ? -4.817  -0.722  -9.704  1.00 17.05 ? 93  ILE A O     1 
ATOM   726  C  CB    . ILE A 1 93  ? -7.016  -0.217  -7.337  1.00 14.83 ? 93  ILE A CB    1 
ATOM   727  C  CG1   . ILE A 1 93  ? -7.101  0.541   -6.010  1.00 14.42 ? 93  ILE A CG1   1 
ATOM   728  C  CG2   . ILE A 1 93  ? -6.292  -1.559  -7.159  1.00 16.82 ? 93  ILE A CG2   1 
ATOM   729  C  CD1   . ILE A 1 93  ? -5.764  0.705   -5.310  1.00 16.46 ? 93  ILE A CD1   1 
ATOM   730  N  N     . HIS A 1 94  ? -6.898  -0.431  -10.506 1.00 18.17 ? 94  HIS A N     1 
ATOM   731  C  CA    . HIS A 1 94  ? -6.669  -1.340  -11.619 1.00 20.39 ? 94  HIS A CA    1 
ATOM   732  C  C     . HIS A 1 94  ? -5.477  -0.917  -12.479 1.00 19.34 ? 94  HIS A C     1 
ATOM   733  O  O     . HIS A 1 94  ? -4.699  -1.759  -12.908 1.00 20.88 ? 94  HIS A O     1 
ATOM   734  C  CB    . HIS A 1 94  ? -7.934  -1.528  -12.460 1.00 28.07 ? 94  HIS A CB    1 
ATOM   735  C  CG    . HIS A 1 94  ? -7.870  -2.708  -13.381 1.00 31.93 ? 94  HIS A CG    1 
ATOM   736  N  ND1   . HIS A 1 94  ? -7.735  -4.002  -12.925 1.00 32.04 ? 94  HIS A ND1   1 
ATOM   737  C  CD2   . HIS A 1 94  ? -7.914  -2.789  -14.732 1.00 31.84 ? 94  HIS A CD2   1 
ATOM   738  C  CE1   . HIS A 1 94  ? -7.698  -4.829  -13.955 1.00 32.70 ? 94  HIS A CE1   1 
ATOM   739  N  NE2   . HIS A 1 94  ? -7.805  -4.117  -15.063 1.00 35.47 ? 94  HIS A NE2   1 
ATOM   740  N  N     . GLN A 1 95  ? -5.315  0.382   -12.710 1.00 20.18 ? 95  GLN A N     1 
ATOM   741  C  CA    . GLN A 1 95  ? -4.171  0.846   -13.502 1.00 22.37 ? 95  GLN A CA    1 
ATOM   742  C  C     . GLN A 1 95  ? -2.832  0.599   -12.796 1.00 19.30 ? 95  GLN A C     1 
ATOM   743  O  O     . GLN A 1 95  ? -1.812  0.342   -13.441 1.00 19.31 ? 95  GLN A O     1 
ATOM   744  C  CB    . GLN A 1 95  ? -4.328  2.311   -13.923 1.00 26.90 ? 95  GLN A CB    1 
ATOM   745  C  CG    . GLN A 1 95  ? -5.519  2.576   -14.851 1.00 33.67 ? 95  GLN A CG    1 
ATOM   746  C  CD    . GLN A 1 95  ? -5.434  1.848   -16.191 1.00 37.26 ? 95  GLN A CD    1 
ATOM   747  O  OE1   . GLN A 1 95  ? -6.309  2.001   -17.045 1.00 41.62 ? 95  GLN A OE1   1 
ATOM   748  N  NE2   . GLN A 1 95  ? -4.382  1.057   -16.380 1.00 39.63 ? 95  GLN A NE2   1 
ATOM   749  N  N     . TYR A 1 96  ? -2.832  0.657   -11.466 1.00 15.96 ? 96  TYR A N     1 
ATOM   750  C  CA    . TYR A 1 96  ? -1.643  0.290   -10.710 1.00 17.20 ? 96  TYR A CA    1 
ATOM   751  C  C     . TYR A 1 96  ? -1.362  -1.209  -10.808 1.00 16.05 ? 96  TYR A C     1 
ATOM   752  O  O     . TYR A 1 96  ? -0.228  -1.623  -11.068 1.00 18.17 ? 96  TYR A O     1 
ATOM   753  C  CB    . TYR A 1 96  ? -1.767  0.739   -9.253  1.00 16.46 ? 96  TYR A CB    1 
ATOM   754  C  CG    . TYR A 1 96  ? -1.419  2.192   -9.070  1.00 16.72 ? 96  TYR A CG    1 
ATOM   755  C  CD1   . TYR A 1 96  ? -2.399  3.169   -8.993  1.00 21.15 ? 96  TYR A CD1   1 
ATOM   756  C  CD2   . TYR A 1 96  ? -0.091  2.587   -8.996  1.00 20.91 ? 96  TYR A CD2   1 
ATOM   757  C  CE1   . TYR A 1 96  ? -2.051  4.515   -8.829  1.00 21.55 ? 96  TYR A CE1   1 
ATOM   758  C  CE2   . TYR A 1 96  ? 0.258   3.904   -8.836  1.00 23.10 ? 96  TYR A CE2   1 
ATOM   759  C  CZ    . TYR A 1 96  ? -0.714  4.865   -8.757  1.00 20.79 ? 96  TYR A CZ    1 
ATOM   760  O  OH    . TYR A 1 96  ? -0.328  6.179   -8.590  1.00 24.08 ? 96  TYR A OH    1 
ATOM   761  N  N     . ARG A 1 97  ? -2.393  -2.020  -10.614 1.00 16.30 ? 97  ARG A N     1 
ATOM   762  C  CA    . ARG A 1 97  ? -2.240  -3.468  -10.709 1.00 18.27 ? 97  ARG A CA    1 
ATOM   763  C  C     . ARG A 1 97  ? -1.798  -3.888  -12.111 1.00 19.63 ? 97  ARG A C     1 
ATOM   764  O  O     . ARG A 1 97  ? -0.918  -4.735  -12.257 1.00 20.11 ? 97  ARG A O     1 
ATOM   765  C  CB    . ARG A 1 97  ? -3.536  -4.185  -10.307 1.00 19.53 ? 97  ARG A CB    1 
ATOM   766  C  CG    . ARG A 1 97  ? -3.421  -5.714  -10.243 1.00 22.87 ? 97  ARG A CG    1 
ATOM   767  C  CD    . ARG A 1 97  ? -3.836  -6.370  -11.548 1.00 25.13 ? 97  ARG A CD    1 
ATOM   768  N  NE    . ARG A 1 97  ? -3.817  -7.828  -11.452 1.00 23.96 ? 97  ARG A NE    1 
ATOM   769  C  CZ    . ARG A 1 97  ? -4.542  -8.630  -12.225 1.00 27.16 ? 97  ARG A CZ    1 
ATOM   770  N  NH1   . ARG A 1 97  ? -5.348  -8.114  -13.143 1.00 31.10 ? 97  ARG A NH1   1 
ATOM   771  N  NH2   . ARG A 1 97  ? -4.470  -9.946  -12.077 1.00 28.61 ? 97  ARG A NH2   1 
ATOM   772  N  N     . GLU A 1 98  ? -2.390  -3.281  -13.133 1.00 19.33 ? 98  GLU A N     1 
ATOM   773  C  CA    . GLU A 1 98  ? -2.085  -3.672  -14.505 1.00 21.20 ? 98  GLU A CA    1 
ATOM   774  C  C     . GLU A 1 98  ? -0.637  -3.373  -14.855 1.00 20.58 ? 98  GLU A C     1 
ATOM   775  O  O     . GLU A 1 98  ? 0.010   -4.166  -15.544 1.00 21.99 ? 98  GLU A O     1 
ATOM   776  C  CB    . GLU A 1 98  ? -3.034  -3.001  -15.498 1.00 23.02 ? 98  GLU A CB    1 
ATOM   777  C  CG    . GLU A 1 98  ? -4.430  -3.600  -15.489 1.00 27.39 ? 98  GLU A CG    1 
ATOM   778  C  CD    . GLU A 1 98  ? -4.435  -5.050  -15.930 1.00 33.28 ? 98  GLU A CD    1 
ATOM   779  O  OE1   . GLU A 1 98  ? -4.993  -5.897  -15.201 1.00 36.26 ? 98  GLU A OE1   1 
ATOM   780  O  OE2   . GLU A 1 98  ? -3.868  -5.342  -17.002 1.00 37.51 ? 98  GLU A OE2   1 
ATOM   781  N  N     . GLN A 1 99  ? -0.116  -2.247  -14.377 1.00 20.88 ? 99  GLN A N     1 
ATOM   782  C  CA    . GLN A 1 99  ? 1.281   -1.924  -14.637 1.00 24.90 ? 99  GLN A CA    1 
ATOM   783  C  C     . GLN A 1 99  ? 2.215   -2.835  -13.851 1.00 22.05 ? 99  GLN A C     1 
ATOM   784  O  O     . GLN A 1 99  ? 3.205   -3.327  -14.382 1.00 21.98 ? 99  GLN A O     1 
ATOM   785  C  CB    . GLN A 1 99  ? 1.607   -0.457  -14.355 1.00 24.89 ? 99  GLN A CB    1 
ATOM   786  C  CG    . GLN A 1 99  ? 3.001   -0.088  -14.852 1.00 24.21 ? 99  GLN A CG    1 
ATOM   787  C  CD    . GLN A 1 99  ? 3.296   1.397   -14.812 1.00 28.71 ? 99  GLN A CD    1 
ATOM   788  O  OE1   . GLN A 1 99  ? 2.473   2.199   -14.371 1.00 29.94 ? 99  GLN A OE1   1 
ATOM   789  N  NE2   . GLN A 1 99  ? 4.483   1.771   -15.277 1.00 28.46 ? 99  GLN A NE2   1 
ATOM   790  N  N     . ILE A 1 100 ? 1.905   -3.056  -12.579 1.00 20.02 ? 100 ILE A N     1 
ATOM   791  C  CA    . ILE A 1 100 ? 2.685   -3.998  -11.786 1.00 20.43 ? 100 ILE A CA    1 
ATOM   792  C  C     . ILE A 1 100 ? 2.751   -5.345  -12.519 1.00 19.86 ? 100 ILE A C     1 
ATOM   793  O  O     . ILE A 1 100 ? 3.824   -5.938  -12.658 1.00 21.65 ? 100 ILE A O     1 
ATOM   794  C  CB    . ILE A 1 100 ? 2.101   -4.151  -10.354 1.00 17.47 ? 100 ILE A CB    1 
ATOM   795  C  CG1   . ILE A 1 100 ? 2.290   -2.848  -9.568  1.00 19.13 ? 100 ILE A CG1   1 
ATOM   796  C  CG2   . ILE A 1 100 ? 2.756   -5.319  -9.627  1.00 18.77 ? 100 ILE A CG2   1 
ATOM   797  C  CD1   . ILE A 1 100 ? 1.439   -2.738  -8.303  1.00 19.66 ? 100 ILE A CD1   1 
ATOM   798  N  N     . LYS A 1 101 ? 1.607   -5.817  -13.006 1.00 20.81 ? 101 LYS A N     1 
ATOM   799  C  CA    . LYS A 1 101 ? 1.552   -7.090  -13.730 1.00 20.30 ? 101 LYS A CA    1 
ATOM   800  C  C     . LYS A 1 101 ? 2.441   -7.101  -14.973 1.00 23.28 ? 101 LYS A C     1 
ATOM   801  O  O     . LYS A 1 101 ? 3.141   -8.084  -15.236 1.00 24.12 ? 101 LYS A O     1 
ATOM   802  C  CB    . LYS A 1 101 ? 0.114   -7.424  -14.126 1.00 22.10 ? 101 LYS A CB    1 
ATOM   803  C  CG    . LYS A 1 101 ? 0.000   -8.656  -15.010 1.00 28.83 ? 101 LYS A CG    1 
ATOM   804  C  CD    . LYS A 1 101 ? -1.359  -8.728  -15.671 1.00 33.48 ? 101 LYS A CD    1 
ATOM   805  C  CE    . LYS A 1 101 ? -2.461  -8.747  -14.639 1.00 34.78 ? 101 LYS A CE    1 
ATOM   806  N  NZ    . LYS A 1 101 ? -3.801  -8.626  -15.277 1.00 38.15 ? 101 LYS A NZ    1 
ATOM   807  N  N     . ARG A 1 102 ? 2.405   -6.012  -15.734 1.00 22.17 ? 102 ARG A N     1 
ATOM   808  C  CA    . ARG A 1 102 ? 3.216   -5.883  -16.943 1.00 24.44 ? 102 ARG A CA    1 
ATOM   809  C  C     . ARG A 1 102 ? 4.707   -5.841  -16.624 1.00 27.05 ? 102 ARG A C     1 
ATOM   810  O  O     . ARG A 1 102 ? 5.507   -6.544  -17.243 1.00 29.00 ? 102 ARG A O     1 
ATOM   811  C  CB    . ARG A 1 102 ? 2.838   -4.617  -17.713 1.00 26.90 ? 102 ARG A CB    1 
ATOM   812  C  CG    . ARG A 1 102 ? 1.386   -4.531  -18.133 1.00 31.40 ? 102 ARG A CG    1 
ATOM   813  C  CD    . ARG A 1 102 ? 1.183   -3.431  -19.172 1.00 36.54 ? 102 ARG A CD    1 
ATOM   814  N  NE    . ARG A 1 102 ? 1.515   -2.104  -18.656 1.00 34.70 ? 102 ARG A NE    1 
ATOM   815  C  CZ    . ARG A 1 102 ? 0.615   -1.224  -18.229 1.00 34.43 ? 102 ARG A CZ    1 
ATOM   816  N  NH1   . ARG A 1 102 ? -0.673  -1.531  -18.257 1.00 34.88 ? 102 ARG A NH1   1 
ATOM   817  N  NH2   . ARG A 1 102 ? 1.001   -0.039  -17.777 1.00 34.78 ? 102 ARG A NH2   1 
ATOM   818  N  N     . VAL A 1 103 ? 5.076   -5.001  -15.663 1.00 24.49 ? 103 VAL A N     1 
ATOM   819  C  CA    . VAL A 1 103 ? 6.474   -4.835  -15.284 1.00 24.50 ? 103 VAL A CA    1 
ATOM   820  C  C     . VAL A 1 103 ? 7.060   -6.118  -14.691 1.00 27.17 ? 103 VAL A C     1 
ATOM   821  O  O     . VAL A 1 103 ? 8.179   -6.512  -15.024 1.00 27.76 ? 103 VAL A O     1 
ATOM   822  C  CB    . VAL A 1 103 ? 6.640   -3.667  -14.295 1.00 18.42 ? 103 VAL A CB    1 
ATOM   823  C  CG1   . VAL A 1 103 ? 8.054   -3.632  -13.743 1.00 24.23 ? 103 VAL A CG1   1 
ATOM   824  C  CG2   . VAL A 1 103 ? 6.293   -2.354  -14.969 1.00 24.69 ? 103 VAL A CG2   1 
ATOM   825  N  N     . LYS A 1 104 ? 6.297   -6.768  -13.815 1.00 25.65 ? 104 LYS A N     1 
ATOM   826  C  CA    . LYS A 1 104 ? 6.719   -8.020  -13.196 1.00 26.96 ? 104 LYS A CA    1 
ATOM   827  C  C     . LYS A 1 104 ? 6.554   -9.213  -14.127 1.00 26.37 ? 104 LYS A C     1 
ATOM   828  O  O     . LYS A 1 104 ? 7.074   -10.295 -13.855 1.00 29.92 ? 104 LYS A O     1 
ATOM   829  C  CB    . LYS A 1 104 ? 5.913   -8.283  -11.922 1.00 27.76 ? 104 LYS A CB    1 
ATOM   830  C  CG    . LYS A 1 104 ? 6.235   -7.354  -10.778 1.00 28.55 ? 104 LYS A CG    1 
ATOM   831  C  CD    . LYS A 1 104 ? 7.730   -7.266  -10.581 1.00 29.68 ? 104 LYS A CD    1 
ATOM   832  C  CE    . LYS A 1 104 ? 8.056   -6.659  -9.235  1.00 26.03 ? 104 LYS A CE    1 
ATOM   833  N  NZ    . LYS A 1 104 ? 9.523   -6.496  -9.075  1.00 27.34 ? 104 LYS A NZ    1 
ATOM   834  N  N     . ASP A 1 105 ? 5.816   -9.012  -15.213 1.00 26.34 ? 105 ASP A N     1 
ATOM   835  C  CA    . ASP A 1 105 ? 5.473   -10.094 -16.128 1.00 29.84 ? 105 ASP A CA    1 
ATOM   836  C  C     . ASP A 1 105 ? 4.928   -11.279 -15.345 1.00 31.13 ? 105 ASP A C     1 
ATOM   837  O  O     . ASP A 1 105 ? 5.343   -12.418 -15.549 1.00 32.51 ? 105 ASP A O     1 
ATOM   838  C  CB    . ASP A 1 105 ? 6.690   -10.521 -16.949 1.00 31.82 ? 105 ASP A CB    1 
ATOM   839  C  CG    . ASP A 1 105 ? 6.316   -11.414 -18.113 1.00 33.90 ? 105 ASP A CG    1 
ATOM   840  O  OD1   . ASP A 1 105 ? 5.284   -11.142 -18.763 1.00 36.07 ? 105 ASP A OD1   1 
ATOM   841  O  OD2   . ASP A 1 105 ? 7.054   -12.383 -18.381 1.00 35.16 ? 105 ASP A OD2   1 
ATOM   842  N  N     . SER A 1 106 ? 3.990   -11.005 -14.446 1.00 29.03 ? 106 SER A N     1 
ATOM   843  C  CA    . SER A 1 106 ? 3.459   -12.042 -13.573 1.00 26.71 ? 106 SER A CA    1 
ATOM   844  C  C     . SER A 1 106 ? 2.049   -11.713 -13.113 1.00 30.09 ? 106 SER A C     1 
ATOM   845  O  O     . SER A 1 106 ? 1.733   -10.558 -12.829 1.00 26.90 ? 106 SER A O     1 
ATOM   846  C  CB    . SER A 1 106 ? 4.370   -12.226 -12.356 1.00 31.59 ? 106 SER A CB    1 
ATOM   847  O  OG    . SER A 1 106 ? 3.809   -13.138 -11.427 1.00 33.82 ? 106 SER A OG    1 
ATOM   848  N  N     . ASP A 1 107 ? 1.210   -12.740 -13.046 1.00 31.95 ? 107 ASP A N     1 
ATOM   849  C  CA    . ASP A 1 107 ? -0.129  -12.615 -12.493 1.00 32.25 ? 107 ASP A CA    1 
ATOM   850  C  C     . ASP A 1 107 ? -0.116  -12.954 -11.009 1.00 29.70 ? 107 ASP A C     1 
ATOM   851  O  O     . ASP A 1 107 ? -1.168  -13.015 -10.386 1.00 30.24 ? 107 ASP A O     1 
ATOM   852  C  CB    . ASP A 1 107 ? -1.096  -13.567 -13.210 1.00 37.89 ? 107 ASP A CB    1 
ATOM   853  C  CG    . ASP A 1 107 ? -1.397  -13.141 -14.635 1.00 41.88 ? 107 ASP A CG    1 
ATOM   854  O  OD1   . ASP A 1 107 ? -2.000  -12.063 -14.824 1.00 43.11 ? 107 ASP A OD1   1 
ATOM   855  O  OD2   . ASP A 1 107 ? -1.048  -13.896 -15.568 1.00 46.20 ? 107 ASP A OD2   1 
ATOM   856  N  N     . ASP A 1 108 ? 1.066   -13.193 -10.448 1.00 28.00 ? 108 ASP A N     1 
ATOM   857  C  CA    . ASP A 1 108 ? 1.181   -13.613 -9.050  1.00 26.84 ? 108 ASP A CA    1 
ATOM   858  C  C     . ASP A 1 108 ? 2.156   -12.757 -8.242  1.00 28.28 ? 108 ASP A C     1 
ATOM   859  O  O     . ASP A 1 108 ? 2.999   -13.286 -7.523  1.00 30.42 ? 108 ASP A O     1 
ATOM   860  C  CB    . ASP A 1 108 ? 1.615   -15.082 -8.961  1.00 33.87 ? 108 ASP A CB    1 
ATOM   861  C  CG    . ASP A 1 108 ? 0.460   -16.050 -9.139  1.00 40.42 ? 108 ASP A CG    1 
ATOM   862  O  OD1   . ASP A 1 108 ? -0.617  -15.818 -8.546  1.00 41.73 ? 108 ASP A OD1   1 
ATOM   863  O  OD2   . ASP A 1 108 ? 0.633   -17.052 -9.864  1.00 43.26 ? 108 ASP A OD2   1 
ATOM   864  N  N     . VAL A 1 109 ? 2.041   -11.439 -8.358  1.00 22.64 ? 109 VAL A N     1 
ATOM   865  C  CA    . VAL A 1 109 ? 2.908   -10.528 -7.609  1.00 20.05 ? 109 VAL A CA    1 
ATOM   866  C  C     . VAL A 1 109 ? 2.372   -10.334 -6.192  1.00 18.37 ? 109 VAL A C     1 
ATOM   867  O  O     . VAL A 1 109 ? 1.176   -10.122 -6.019  1.00 18.46 ? 109 VAL A O     1 
ATOM   868  C  CB    . VAL A 1 109 ? 2.968   -9.155  -8.297  1.00 20.60 ? 109 VAL A CB    1 
ATOM   869  C  CG1   . VAL A 1 109 ? 3.919   -8.231  -7.554  1.00 19.40 ? 109 VAL A CG1   1 
ATOM   870  C  CG2   . VAL A 1 109 ? 3.394   -9.316  -9.752  1.00 22.63 ? 109 VAL A CG2   1 
ATOM   871  N  N     . PRO A 1 110 ? 3.248   -10.394 -5.173  1.00 16.94 ? 110 PRO A N     1 
ATOM   872  C  CA    . PRO A 1 110 ? 2.745   -10.169 -3.812  1.00 15.53 ? 110 PRO A CA    1 
ATOM   873  C  C     . PRO A 1 110 ? 2.167   -8.765  -3.654  1.00 15.96 ? 110 PRO A C     1 
ATOM   874  O  O     . PRO A 1 110 ? 2.846   -7.766  -3.916  1.00 14.24 ? 110 PRO A O     1 
ATOM   875  C  CB    . PRO A 1 110 ? 3.993   -10.337 -2.939  1.00 15.16 ? 110 PRO A CB    1 
ATOM   876  C  CG    . PRO A 1 110 ? 4.922   -11.179 -3.766  1.00 17.96 ? 110 PRO A CG    1 
ATOM   877  C  CD    . PRO A 1 110 ? 4.684   -10.714 -5.179  1.00 15.84 ? 110 PRO A CD    1 
ATOM   878  N  N     . MET A 1 111 ? 0.907   -8.704  -3.234  1.00 14.09 ? 111 MET A N     1 
ATOM   879  C  CA    . MET A 1 111 ? 0.186   -7.443  -3.092  1.00 13.45 ? 111 MET A CA    1 
ATOM   880  C  C     . MET A 1 111 ? -0.861  -7.567  -2.003  1.00 13.99 ? 111 MET A C     1 
ATOM   881  O  O     . MET A 1 111 ? -1.333  -8.663  -1.699  1.00 13.85 ? 111 MET A O     1 
ATOM   882  C  CB    . MET A 1 111 ? -0.542  -7.084  -4.391  1.00 18.84 ? 111 MET A CB    1 
ATOM   883  C  CG    . MET A 1 111 ? 0.329   -6.869  -5.617  1.00 18.60 ? 111 MET A CG    1 
ATOM   884  S  SD    . MET A 1 111 ? -0.661  -6.267  -7.006  1.00 23.72 ? 111 MET A SD    1 
ATOM   885  C  CE    . MET A 1 111 ? -1.749  -7.661  -7.268  1.00 26.20 ? 111 MET A CE    1 
ATOM   886  N  N     . VAL A 1 112 ? -1.234  -6.429  -1.435  1.00 11.91 ? 112 VAL A N     1 
ATOM   887  C  CA    . VAL A 1 112 ? -2.368  -6.339  -0.515  1.00 12.31 ? 112 VAL A CA    1 
ATOM   888  C  C     . VAL A 1 112 ? -3.192  -5.124  -0.918  1.00 12.13 ? 112 VAL A C     1 
ATOM   889  O  O     . VAL A 1 112 ? -2.632  -4.062  -1.189  1.00 12.68 ? 112 VAL A O     1 
ATOM   890  C  CB    . VAL A 1 112 ? -1.906  -6.191  0.958   1.00 12.85 ? 112 VAL A CB    1 
ATOM   891  C  CG1   . VAL A 1 112 ? -3.091  -5.882  1.878   1.00 13.67 ? 112 VAL A CG1   1 
ATOM   892  C  CG2   . VAL A 1 112 ? -1.161  -7.448  1.409   1.00 14.05 ? 112 VAL A CG2   1 
ATOM   893  N  N     . LEU A 1 113 ? -4.511  -5.280  -0.985  1.00 10.93 ? 113 LEU A N     1 
ATOM   894  C  CA    . LEU A 1 113 ? -5.396  -4.143  -1.241  1.00 12.61 ? 113 LEU A CA    1 
ATOM   895  C  C     . LEU A 1 113 ? -5.773  -3.480  0.080   1.00 11.51 ? 113 LEU A C     1 
ATOM   896  O  O     . LEU A 1 113 ? -6.238  -4.150  1.007   1.00 11.73 ? 113 LEU A O     1 
ATOM   897  C  CB    . LEU A 1 113 ? -6.656  -4.607  -1.968  1.00 11.90 ? 113 LEU A CB    1 
ATOM   898  C  CG    . LEU A 1 113 ? -7.643  -3.513  -2.390  1.00 11.71 ? 113 LEU A CG    1 
ATOM   899  C  CD1   . LEU A 1 113 ? -7.036  -2.600  -3.449  1.00 13.96 ? 113 LEU A CD1   1 
ATOM   900  C  CD2   . LEU A 1 113 ? -8.961  -4.115  -2.875  1.00 13.08 ? 113 LEU A CD2   1 
ATOM   901  N  N     . VAL A 1 114 ? -5.562  -2.166  0.173   1.00 11.07 ? 114 VAL A N     1 
ATOM   902  C  CA    . VAL A 1 114 ? -5.794  -1.434  1.413   1.00 11.75 ? 114 VAL A CA    1 
ATOM   903  C  C     . VAL A 1 114 ? -6.818  -0.336  1.221   1.00 11.59 ? 114 VAL A C     1 
ATOM   904  O  O     . VAL A 1 114 ? -6.632  0.533   0.367   1.00 12.18 ? 114 VAL A O     1 
ATOM   905  C  CB    . VAL A 1 114 ? -4.481  -0.805  1.940   1.00 11.45 ? 114 VAL A CB    1 
ATOM   906  C  CG1   . VAL A 1 114 ? -4.751  0.098   3.147   1.00 12.74 ? 114 VAL A CG1   1 
ATOM   907  C  CG2   . VAL A 1 114 ? -3.475  -1.908  2.292   1.00 13.72 ? 114 VAL A CG2   1 
ATOM   908  N  N     . GLY A 1 115 ? -7.891  -0.371  2.012   1.00 11.10 ? 115 GLY A N     1 
ATOM   909  C  CA    . GLY A 1 115 ? -8.878  0.699   2.020   1.00 11.47 ? 115 GLY A CA    1 
ATOM   910  C  C     . GLY A 1 115 ? -8.630  1.592   3.223   1.00 10.93 ? 115 GLY A C     1 
ATOM   911  O  O     . GLY A 1 115 ? -8.959  1.236   4.354   1.00 11.55 ? 115 GLY A O     1 
ATOM   912  N  N     . ASN A 1 116 ? -8.050  2.758   2.973   1.00 11.38 ? 116 ASN A N     1 
ATOM   913  C  CA    . ASN A 1 116 ? -7.649  3.663   4.044   1.00 11.54 ? 116 ASN A CA    1 
ATOM   914  C  C     . ASN A 1 116 ? -8.716  4.697   4.372   1.00 11.95 ? 116 ASN A C     1 
ATOM   915  O  O     . ASN A 1 116 ? -9.694  4.847   3.642   1.00 12.54 ? 116 ASN A O     1 
ATOM   916  C  CB    . ASN A 1 116 ? -6.334  4.349   3.669   1.00 12.30 ? 116 ASN A CB    1 
ATOM   917  C  CG    . ASN A 1 116 ? -5.687  5.077   4.842   1.00 11.77 ? 116 ASN A CG    1 
ATOM   918  O  OD1   . ASN A 1 116 ? -5.631  4.572   5.972   1.00 12.75 ? 116 ASN A OD1   1 
ATOM   919  N  ND2   . ASN A 1 116 ? -5.199  6.280   4.573   1.00 12.90 ? 116 ASN A ND2   1 
ATOM   920  N  N     . LYS A 1 117 ? -8.508  5.399   5.485   1.00 12.35 ? 117 LYS A N     1 
ATOM   921  C  CA    . LYS A 1 117 ? -9.420  6.419   6.016   1.00 14.07 ? 117 LYS A CA    1 
ATOM   922  C  C     . LYS A 1 117 ? -10.704 5.801   6.555   1.00 14.53 ? 117 LYS A C     1 
ATOM   923  O  O     . LYS A 1 117 ? -11.770 6.417   6.496   1.00 14.81 ? 117 LYS A O     1 
ATOM   924  C  CB    . LYS A 1 117 ? -9.723  7.520   4.984   1.00 14.02 ? 117 LYS A CB    1 
ATOM   925  C  CG    . LYS A 1 117 ? -8.473  8.132   4.369   1.00 13.82 ? 117 LYS A CG    1 
ATOM   926  C  CD    . LYS A 1 117 ? -8.742  9.504   3.760   1.00 15.23 ? 117 LYS A CD    1 
ATOM   927  C  CE    . LYS A 1 117 ? -7.537  9.990   2.984   1.00 15.10 ? 117 LYS A CE    1 
ATOM   928  N  NZ    . LYS A 1 117 ? -7.754  11.342  2.384   1.00 18.20 ? 117 LYS A NZ    1 
ATOM   929  N  N     . CYS A 1 118 ? -10.603 4.593   7.111   1.00 14.53 ? 118 CYS A N     1 
ATOM   930  C  CA    . CYS A 1 118 ? -11.795 3.911   7.617   1.00 17.22 ? 118 CYS A CA    1 
ATOM   931  C  C     . CYS A 1 118 ? -12.397 4.571   8.861   1.00 18.24 ? 118 CYS A C     1 
ATOM   932  O  O     . CYS A 1 118 ? -13.471 4.177   9.317   1.00 20.05 ? 118 CYS A O     1 
ATOM   933  C  CB    . CYS A 1 118 ? -11.539 2.415   7.843   1.00 18.00 ? 118 CYS A CB    1 
ATOM   934  S  SG    . CYS A 1 118 ? -10.477 1.998   9.241   1.00 20.96 ? 118 CYS A SG    1 
ATOM   935  N  N     . ASP A 1 119 ? -11.711 5.580   9.400   1.00 16.65 ? 119 ASP A N     1 
ATOM   936  C  CA    . ASP A 1 119 ? -12.254 6.393   10.492  1.00 17.62 ? 119 ASP A CA    1 
ATOM   937  C  C     . ASP A 1 119 ? -13.301 7.403   10.002  1.00 20.30 ? 119 ASP A C     1 
ATOM   938  O  O     . ASP A 1 119 ? -14.067 7.949   10.799  1.00 22.22 ? 119 ASP A O     1 
ATOM   939  C  CB    . ASP A 1 119 ? -11.130 7.146   11.207  1.00 18.85 ? 119 ASP A CB    1 
ATOM   940  C  CG    . ASP A 1 119 ? -10.353 8.052   10.272  1.00 18.73 ? 119 ASP A CG    1 
ATOM   941  O  OD1   . ASP A 1 119 ? -9.566  7.522   9.464   1.00 16.92 ? 119 ASP A OD1   1 
ATOM   942  O  OD2   . ASP A 1 119 ? -10.525 9.288   10.344  1.00 18.35 ? 119 ASP A OD2   1 
ATOM   943  N  N     . LEU A 1 120 ? -13.324 7.659   8.696   1.00 17.58 ? 120 LEU A N     1 
ATOM   944  C  CA    . LEU A 1 120 ? -14.255 8.632   8.122   1.00 19.77 ? 120 LEU A CA    1 
ATOM   945  C  C     . LEU A 1 120 ? -15.575 7.975   7.749   1.00 21.65 ? 120 LEU A C     1 
ATOM   946  O  O     . LEU A 1 120 ? -15.612 6.818   7.337   1.00 23.26 ? 120 LEU A O     1 
ATOM   947  C  CB    . LEU A 1 120 ? -13.646 9.314   6.895   1.00 19.38 ? 120 LEU A CB    1 
ATOM   948  C  CG    . LEU A 1 120 ? -12.409 10.165  7.192   1.00 20.36 ? 120 LEU A CG    1 
ATOM   949  C  CD1   . LEU A 1 120 ? -11.893 10.855  5.940   1.00 25.38 ? 120 LEU A CD1   1 
ATOM   950  C  CD2   . LEU A 1 120 ? -12.722 11.186  8.281   1.00 23.07 ? 120 LEU A CD2   1 
ATOM   951  N  N     . ALA A 1 121 ? -16.660 8.730   7.881   1.00 23.48 ? 121 ALA A N     1 
ATOM   952  C  CA    . ALA A 1 121 ? -17.997 8.184   7.675   1.00 24.01 ? 121 ALA A CA    1 
ATOM   953  C  C     . ALA A 1 121 ? -18.561 8.418   6.276   1.00 20.37 ? 121 ALA A C     1 
ATOM   954  O  O     . ALA A 1 121 ? -19.614 7.883   5.946   1.00 23.38 ? 121 ALA A O     1 
ATOM   955  C  CB    . ALA A 1 121 ? -18.954 8.737   8.719   1.00 24.62 ? 121 ALA A CB    1 
ATOM   956  N  N     . ALA A 1 122 ? -17.883 9.226   5.463   1.00 20.01 ? 122 ALA A N     1 
ATOM   957  C  CA    . ALA A 1 122 ? -18.348 9.502   4.104   1.00 21.27 ? 122 ALA A CA    1 
ATOM   958  C  C     . ALA A 1 122 ? -17.946 8.385   3.149   1.00 19.96 ? 122 ALA A C     1 
ATOM   959  O  O     . ALA A 1 122 ? -17.369 8.623   2.083   1.00 20.55 ? 122 ALA A O     1 
ATOM   960  C  CB    . ALA A 1 122 ? -17.824 10.845  3.615   1.00 23.59 ? 122 ALA A CB    1 
ATOM   961  N  N     . ARG A 1 123 ? -18.279 7.162   3.537   1.00 17.58 ? 123 ARG A N     1 
ATOM   962  C  CA    . ARG A 1 123 ? -17.895 5.981   2.784   1.00 15.93 ? 123 ARG A CA    1 
ATOM   963  C  C     . ARG A 1 123 ? -18.671 5.876   1.474   1.00 16.17 ? 123 ARG A C     1 
ATOM   964  O  O     . ARG A 1 123 ? -19.900 5.942   1.464   1.00 16.52 ? 123 ARG A O     1 
ATOM   965  C  CB    . ARG A 1 123 ? -18.139 4.725   3.627   1.00 17.14 ? 123 ARG A CB    1 
ATOM   966  C  CG    . ARG A 1 123 ? -17.769 3.437   2.920   1.00 15.29 ? 123 ARG A CG    1 
ATOM   967  C  CD    . ARG A 1 123 ? -18.132 2.210   3.739   1.00 18.58 ? 123 ARG A CD    1 
ATOM   968  N  NE    . ARG A 1 123 ? -17.257 2.008   4.892   1.00 18.66 ? 123 ARG A NE    1 
ATOM   969  C  CZ    . ARG A 1 123 ? -16.168 1.241   4.890   1.00 16.62 ? 123 ARG A CZ    1 
ATOM   970  N  NH1   . ARG A 1 123 ? -15.449 1.110   5.998   1.00 19.32 ? 123 ARG A NH1   1 
ATOM   971  N  NH2   . ARG A 1 123 ? -15.794 0.616   3.785   1.00 15.75 ? 123 ARG A NH2   1 
ATOM   972  N  N     . THR A 1 124 ? -17.946 5.712   0.371   1.00 13.72 ? 124 THR A N     1 
ATOM   973  C  CA    . THR A 1 124 ? -18.557 5.406   -0.916  1.00 13.98 ? 124 THR A CA    1 
ATOM   974  C  C     . THR A 1 124 ? -18.074 4.071   -1.485  1.00 13.75 ? 124 THR A C     1 
ATOM   975  O  O     . THR A 1 124 ? -18.614 3.594   -2.474  1.00 15.15 ? 124 THR A O     1 
ATOM   976  C  CB    . THR A 1 124 ? -18.304 6.520   -1.950  1.00 13.94 ? 124 THR A CB    1 
ATOM   977  O  OG1   . THR A 1 124 ? -16.892 6.680   -2.141  1.00 15.08 ? 124 THR A OG1   1 
ATOM   978  C  CG2   . THR A 1 124 ? -18.917 7.840   -1.496  1.00 15.60 ? 124 THR A CG2   1 
ATOM   979  N  N     . VAL A 1 125 ? -17.048 3.480   -0.873  1.00 13.80 ? 125 VAL A N     1 
ATOM   980  C  CA    . VAL A 1 125 ? -16.612 2.139   -1.277  1.00 13.73 ? 125 VAL A CA    1 
ATOM   981  C  C     . VAL A 1 125 ? -16.970 1.170   -0.159  1.00 11.99 ? 125 VAL A C     1 
ATOM   982  O  O     . VAL A 1 125 ? -16.431 1.255   0.938   1.00 14.29 ? 125 VAL A O     1 
ATOM   983  C  CB    . VAL A 1 125 ? -15.090 2.071   -1.571  1.00 13.35 ? 125 VAL A CB    1 
ATOM   984  C  CG1   . VAL A 1 125 ? -14.709 0.678   -2.089  1.00 14.56 ? 125 VAL A CG1   1 
ATOM   985  C  CG2   . VAL A 1 125 ? -14.685 3.140   -2.569  1.00 16.21 ? 125 VAL A CG2   1 
ATOM   986  N  N     . GLU A 1 126 ? -17.931 0.290   -0.412  1.00 14.56 ? 126 GLU A N     1 
ATOM   987  C  CA    . GLU A 1 126 ? -18.350 -0.647  0.622   1.00 15.25 ? 126 GLU A CA    1 
ATOM   988  C  C     . GLU A 1 126 ? -17.342 -1.783  0.727   1.00 13.72 ? 126 GLU A C     1 
ATOM   989  O  O     . GLU A 1 126 ? -16.700 -2.151  -0.256  1.00 14.69 ? 126 GLU A O     1 
ATOM   990  C  CB    . GLU A 1 126 ? -19.763 -1.178  0.367   1.00 18.15 ? 126 GLU A CB    1 
ATOM   991  C  CG    . GLU A 1 126 ? -20.859 -0.094  0.392   1.00 20.27 ? 126 GLU A CG    1 
ATOM   992  C  CD    . GLU A 1 126 ? -20.980 0.639   1.731   1.00 24.68 ? 126 GLU A CD    1 
ATOM   993  O  OE1   . GLU A 1 126 ? -21.247 1.862   1.719   1.00 28.62 ? 126 GLU A OE1   1 
ATOM   994  O  OE2   . GLU A 1 126 ? -20.823 0.010   2.799   1.00 29.59 ? 126 GLU A OE2   1 
ATOM   995  N  N     . SER A 1 127 ? -17.196 -2.326  1.928   1.00 14.48 ? 127 SER A N     1 
ATOM   996  C  CA    . SER A 1 127 ? -16.239 -3.403  2.159   1.00 14.43 ? 127 SER A CA    1 
ATOM   997  C  C     . SER A 1 127 ? -16.339 -4.522  1.122   1.00 14.46 ? 127 SER A C     1 
ATOM   998  O  O     . SER A 1 127 ? -15.329 -4.966  0.571   1.00 14.23 ? 127 SER A O     1 
ATOM   999  C  CB    . SER A 1 127 ? -16.411 -3.973  3.567   1.00 17.30 ? 127 SER A CB    1 
ATOM   1000 O  OG    . SER A 1 127 ? -15.407 -4.940  3.834   1.00 16.36 ? 127 SER A OG    1 
ATOM   1001 N  N     . ARG A 1 128 ? -17.554 -4.989  0.850   1.00 15.27 ? 128 ARG A N     1 
ATOM   1002 C  CA    . ARG A 1 128 ? -17.720 -6.102  -0.078  1.00 16.48 ? 128 ARG A CA    1 
ATOM   1003 C  C     . ARG A 1 128 ? -17.246 -5.785  -1.499  1.00 14.12 ? 128 ARG A C     1 
ATOM   1004 O  O     . ARG A 1 128 ? -16.734 -6.662  -2.197  1.00 14.88 ? 128 ARG A O     1 
ATOM   1005 C  CB    . ARG A 1 128 ? -19.171 -6.579  -0.112  1.00 22.23 ? 128 ARG A CB    1 
ATOM   1006 C  CG    . ARG A 1 128 ? -19.422 -7.659  -1.162  1.00 25.85 ? 128 ARG A CG    1 
ATOM   1007 C  CD    . ARG A 1 128 ? -19.348 -9.078  -0.599  1.00 33.49 ? 128 ARG A CD    1 
ATOM   1008 N  NE    . ARG A 1 128 ? -17.992 -9.581  -0.367  1.00 32.81 ? 128 ARG A NE    1 
ATOM   1009 C  CZ    . ARG A 1 128 ? -17.713 -10.868 -0.166  1.00 34.61 ? 128 ARG A CZ    1 
ATOM   1010 N  NH1   . ARG A 1 128 ? -18.692 -11.763 -0.181  1.00 41.34 ? 128 ARG A NH1   1 
ATOM   1011 N  NH2   . ARG A 1 128 ? -16.465 -11.270 0.047   1.00 30.66 ? 128 ARG A NH2   1 
ATOM   1012 N  N     . GLN A 1 129 ? -17.411 -4.537  -1.932  1.00 14.47 ? 129 GLN A N     1 
ATOM   1013 C  CA    . GLN A 1 129 ? -16.917 -4.145  -3.245  1.00 13.48 ? 129 GLN A CA    1 
ATOM   1014 C  C     . GLN A 1 129 ? -15.401 -4.333  -3.349  1.00 13.81 ? 129 GLN A C     1 
ATOM   1015 O  O     . GLN A 1 129 ? -14.881 -4.812  -4.364  1.00 14.64 ? 129 GLN A O     1 
ATOM   1016 C  CB    . GLN A 1 129 ? -17.304 -2.690  -3.547  1.00 16.74 ? 129 GLN A CB    1 
ATOM   1017 C  CG    . GLN A 1 129 ? -18.815 -2.469  -3.590  1.00 21.00 ? 129 GLN A CG    1 
ATOM   1018 C  CD    . GLN A 1 129 ? -19.222 -1.031  -3.885  1.00 19.12 ? 129 GLN A CD    1 
ATOM   1019 O  OE1   . GLN A 1 129 ? -18.934 -0.105  -3.111  1.00 16.60 ? 129 GLN A OE1   1 
ATOM   1020 N  NE2   . GLN A 1 129 ? -19.924 -0.843  -5.000  1.00 22.95 ? 129 GLN A NE2   1 
ATOM   1021 N  N     . ALA A 1 130 ? -14.696 -3.955  -2.289  1.00 13.55 ? 130 ALA A N     1 
ATOM   1022 C  CA    . ALA A 1 130 ? -13.248 -4.086  -2.253  1.00 13.88 ? 130 ALA A CA    1 
ATOM   1023 C  C     . ALA A 1 130 ? -12.801 -5.537  -2.057  1.00 13.50 ? 130 ALA A C     1 
ATOM   1024 O  O     . ALA A 1 130 ? -11.808 -5.975  -2.643  1.00 13.97 ? 130 ALA A O     1 
ATOM   1025 C  CB    . ALA A 1 130 ? -12.675 -3.184  -1.175  1.00 13.94 ? 130 ALA A CB    1 
ATOM   1026 N  N     . GLN A 1 131 ? -13.535 -6.273  -1.229  1.00 13.27 ? 131 GLN A N     1 
ATOM   1027 C  CA    . GLN A 1 131 ? -13.269 -7.703  -1.071  1.00 14.57 ? 131 GLN A CA    1 
ATOM   1028 C  C     . GLN A 1 131 ? -13.304 -8.402  -2.427  1.00 13.96 ? 131 GLN A C     1 
ATOM   1029 O  O     . GLN A 1 131 ? -12.452 -9.248  -2.719  1.00 15.66 ? 131 GLN A O     1 
ATOM   1030 C  CB    . GLN A 1 131 ? -14.299 -8.344  -0.139  1.00 14.26 ? 131 GLN A CB    1 
ATOM   1031 C  CG    . GLN A 1 131 ? -14.229 -7.880  1.299   1.00 14.01 ? 131 GLN A CG    1 
ATOM   1032 C  CD    . GLN A 1 131 ? -15.378 -8.436  2.113   1.00 15.26 ? 131 GLN A CD    1 
ATOM   1033 O  OE1   . GLN A 1 131 ? -15.848 -9.544  1.854   1.00 18.82 ? 131 GLN A OE1   1 
ATOM   1034 N  NE2   . GLN A 1 131 ? -15.841 -7.675  3.091   1.00 16.41 ? 131 GLN A NE2   1 
ATOM   1035 N  N     . ASP A 1 132 ? -14.287 -8.048  -3.253  1.00 13.96 ? 132 ASP A N     1 
ATOM   1036 C  CA    . ASP A 1 132 ? -14.458 -8.650  -4.569  1.00 15.41 ? 132 ASP A CA    1 
ATOM   1037 C  C     . ASP A 1 132 ? -13.308 -8.303  -5.511  1.00 14.97 ? 132 ASP A C     1 
ATOM   1038 O  O     . ASP A 1 132 ? -12.852 -9.154  -6.274  1.00 15.56 ? 132 ASP A O     1 
ATOM   1039 C  CB    . ASP A 1 132 ? -15.792 -8.225  -5.189  1.00 17.82 ? 132 ASP A CB    1 
ATOM   1040 C  CG    . ASP A 1 132 ? -16.983 -8.889  -4.524  1.00 22.70 ? 132 ASP A CG    1 
ATOM   1041 O  OD1   . ASP A 1 132 ? -16.784 -9.819  -3.710  1.00 24.29 ? 132 ASP A OD1   1 
ATOM   1042 O  OD2   . ASP A 1 132 ? -18.124 -8.476  -4.815  1.00 27.03 ? 132 ASP A OD2   1 
ATOM   1043 N  N     . LEU A 1 133 ? -12.843 -7.055  -5.472  1.00 14.02 ? 133 LEU A N     1 
ATOM   1044 C  CA    . LEU A 1 133 ? -11.705 -6.673  -6.296  1.00 14.80 ? 133 LEU A CA    1 
ATOM   1045 C  C     . LEU A 1 133 ? -10.471 -7.472  -5.882  1.00 14.98 ? 133 LEU A C     1 
ATOM   1046 O  O     . LEU A 1 133 ? -9.778  -8.051  -6.720  1.00 16.37 ? 133 LEU A O     1 
ATOM   1047 C  CB    . LEU A 1 133 ? -11.422 -5.179  -6.174  1.00 14.18 ? 133 LEU A CB    1 
ATOM   1048 C  CG    . LEU A 1 133 ? -10.208 -4.730  -6.988  1.00 15.51 ? 133 LEU A CG    1 
ATOM   1049 C  CD1   . LEU A 1 133 ? -10.374 -5.077  -8.467  1.00 16.93 ? 133 LEU A CD1   1 
ATOM   1050 C  CD2   . LEU A 1 133 ? -9.966  -3.237  -6.790  1.00 17.76 ? 133 LEU A CD2   1 
ATOM   1051 N  N     . ALA A 1 134 ? -10.201 -7.505  -4.581  1.00 14.15 ? 134 ALA A N     1 
ATOM   1052 C  CA    . ALA A 1 134 ? -9.053  -8.239  -4.051  1.00 13.73 ? 134 ALA A CA    1 
ATOM   1053 C  C     . ALA A 1 134 ? -9.137  -9.720  -4.429  1.00 15.95 ? 134 ALA A C     1 
ATOM   1054 O  O     . ALA A 1 134 ? -8.140  -10.328 -4.828  1.00 16.07 ? 134 ALA A O     1 
ATOM   1055 C  CB    . ALA A 1 134 ? -8.971  -8.066  -2.545  1.00 14.19 ? 134 ALA A CB    1 
ATOM   1056 N  N     . ARG A 1 135 ? -10.325 -10.299 -4.316  1.00 15.47 ? 135 ARG A N     1 
ATOM   1057 C  CA    . ARG A 1 135 ? -10.508 -11.700 -4.690  1.00 16.13 ? 135 ARG A CA    1 
ATOM   1058 C  C     . ARG A 1 135 ? -10.111 -11.957 -6.147  1.00 18.24 ? 135 ARG A C     1 
ATOM   1059 O  O     . ARG A 1 135 ? -9.468  -12.968 -6.451  1.00 18.22 ? 135 ARG A O     1 
ATOM   1060 C  CB    . ARG A 1 135 ? -11.950 -12.138 -4.438  1.00 17.61 ? 135 ARG A CB    1 
ATOM   1061 C  CG    . ARG A 1 135 ? -12.283 -13.545 -4.918  1.00 19.65 ? 135 ARG A CG    1 
ATOM   1062 C  CD    . ARG A 1 135 ? -13.679 -13.930 -4.460  1.00 23.55 ? 135 ARG A CD    1 
ATOM   1063 N  NE    . ARG A 1 135 ? -14.124 -15.197 -5.029  1.00 34.60 ? 135 ARG A NE    1 
ATOM   1064 C  CZ    . ARG A 1 135 ? -14.820 -15.308 -6.157  1.00 38.08 ? 135 ARG A CZ    1 
ATOM   1065 N  NH1   . ARG A 1 135 ? -15.150 -14.223 -6.846  1.00 38.39 ? 135 ARG A NH1   1 
ATOM   1066 N  NH2   . ARG A 1 135 ? -15.184 -16.505 -6.597  1.00 41.83 ? 135 ARG A NH2   1 
ATOM   1067 N  N     . SER A 1 136 ? -10.469 -11.039 -7.039  1.00 16.75 ? 136 SER A N     1 
ATOM   1068 C  CA    . SER A 1 136 ? -10.147 -11.189 -8.459  1.00 17.87 ? 136 SER A CA    1 
ATOM   1069 C  C     . SER A 1 136 ? -8.638  -11.179 -8.698  1.00 19.89 ? 136 SER A C     1 
ATOM   1070 O  O     . SER A 1 136 ? -8.150  -11.797 -9.651  1.00 21.65 ? 136 SER A O     1 
ATOM   1071 C  CB    . SER A 1 136 ? -10.814 -10.088 -9.292  1.00 20.51 ? 136 SER A CB    1 
ATOM   1072 O  OG    . SER A 1 136 ? -10.061 -8.883  -9.256  1.00 21.51 ? 136 SER A OG    1 
ATOM   1073 N  N     . TYR A 1 137 ? -7.903  -10.473 -7.841  1.00 17.58 ? 137 TYR A N     1 
ATOM   1074 C  CA    . TYR A 1 137 ? -6.447  -10.415 -7.946  1.00 19.90 ? 137 TYR A CA    1 
ATOM   1075 C  C     . TYR A 1 137 ? -5.762  -11.544 -7.178  1.00 19.25 ? 137 TYR A C     1 
ATOM   1076 O  O     . TYR A 1 137 ? -4.552  -11.721 -7.289  1.00 22.91 ? 137 TYR A O     1 
ATOM   1077 C  CB    . TYR A 1 137 ? -5.910  -9.088  -7.402  1.00 20.03 ? 137 TYR A CB    1 
ATOM   1078 C  CG    . TYR A 1 137 ? -6.326  -7.831  -8.138  1.00 19.15 ? 137 TYR A CG    1 
ATOM   1079 C  CD1   . TYR A 1 137 ? -6.766  -7.872  -9.454  1.00 20.16 ? 137 TYR A CD1   1 
ATOM   1080 C  CD2   . TYR A 1 137 ? -6.234  -6.589  -7.515  1.00 20.18 ? 137 TYR A CD2   1 
ATOM   1081 C  CE1   . TYR A 1 137 ? -7.130  -6.711  -10.121 1.00 20.79 ? 137 TYR A CE1   1 
ATOM   1082 C  CE2   . TYR A 1 137 ? -6.588  -5.430  -8.175  1.00 20.65 ? 137 TYR A CE2   1 
ATOM   1083 C  CZ    . TYR A 1 137 ? -7.034  -5.496  -9.475  1.00 21.22 ? 137 TYR A CZ    1 
ATOM   1084 O  OH    . TYR A 1 137 ? -7.388  -4.337  -10.129 1.00 22.86 ? 137 TYR A OH    1 
ATOM   1085 N  N     . GLY A 1 138 ? -6.525  -12.279 -6.378  1.00 17.18 ? 138 GLY A N     1 
ATOM   1086 C  CA    . GLY A 1 138 ? -5.964  -13.318 -5.528  1.00 20.36 ? 138 GLY A CA    1 
ATOM   1087 C  C     . GLY A 1 138 ? -5.199  -12.801 -4.318  1.00 17.32 ? 138 GLY A C     1 
ATOM   1088 O  O     . GLY A 1 138 ? -4.230  -13.423 -3.882  1.00 17.84 ? 138 GLY A O     1 
ATOM   1089 N  N     . ILE A 1 139 ? -5.652  -11.680 -3.753  1.00 14.79 ? 139 ILE A N     1 
ATOM   1090 C  CA    . ILE A 1 139 ? -4.950  -11.032 -2.644  1.00 14.87 ? 139 ILE A CA    1 
ATOM   1091 C  C     . ILE A 1 139 ? -5.920  -10.644 -1.526  1.00 13.57 ? 139 ILE A C     1 
ATOM   1092 O  O     . ILE A 1 139 ? -7.131  -10.585 -1.755  1.00 13.78 ? 139 ILE A O     1 
ATOM   1093 C  CB    . ILE A 1 139 ? -4.203  -9.771  -3.124  1.00 15.60 ? 139 ILE A CB    1 
ATOM   1094 C  CG1   . ILE A 1 139 ? -5.191  -8.663  -3.505  1.00 16.19 ? 139 ILE A CG1   1 
ATOM   1095 C  CG2   . ILE A 1 139 ? -3.260  -10.113 -4.283  1.00 17.81 ? 139 ILE A CG2   1 
ATOM   1096 C  CD1   . ILE A 1 139 ? -4.515  -7.414  -4.059  1.00 16.82 ? 139 ILE A CD1   1 
ATOM   1097 N  N     . PRO A 1 140 ? -5.401  -10.394 -0.312  1.00 13.13 ? 140 PRO A N     1 
ATOM   1098 C  CA    . PRO A 1 140 ? -6.265  -9.954  0.799   1.00 14.56 ? 140 PRO A CA    1 
ATOM   1099 C  C     . PRO A 1 140 ? -6.668  -8.481  0.695   1.00 13.24 ? 140 PRO A C     1 
ATOM   1100 O  O     . PRO A 1 140 ? -5.945  -7.679  0.089   1.00 13.77 ? 140 PRO A O     1 
ATOM   1101 C  CB    . PRO A 1 140 ? -5.384  -10.123 2.045   1.00 16.10 ? 140 PRO A CB    1 
ATOM   1102 C  CG    . PRO A 1 140 ? -4.105  -10.738 1.588   1.00 20.23 ? 140 PRO A CG    1 
ATOM   1103 C  CD    . PRO A 1 140 ? -4.008  -10.632 0.111   1.00 14.46 ? 140 PRO A CD    1 
ATOM   1104 N  N     . TYR A 1 141 ? -7.812  -8.145  1.292   1.00 12.13 ? 141 TYR A N     1 
ATOM   1105 C  CA    . TYR A 1 141 ? -8.248  -6.767  1.485   1.00 11.68 ? 141 TYR A CA    1 
ATOM   1106 C  C     . TYR A 1 141 ? -8.244  -6.445  2.964   1.00 13.01 ? 141 TYR A C     1 
ATOM   1107 O  O     . TYR A 1 141 ? -8.766  -7.216  3.779   1.00 12.51 ? 141 TYR A O     1 
ATOM   1108 C  CB    . TYR A 1 141 ? -9.661  -6.565  0.936   1.00 12.14 ? 141 TYR A CB    1 
ATOM   1109 C  CG    . TYR A 1 141 ? -10.274 -5.220  1.277   1.00 12.22 ? 141 TYR A CG    1 
ATOM   1110 C  CD1   . TYR A 1 141 ? -9.681  -4.046  0.840   1.00 12.65 ? 141 TYR A CD1   1 
ATOM   1111 C  CD2   . TYR A 1 141 ? -11.449 -5.127  2.027   1.00 12.72 ? 141 TYR A CD2   1 
ATOM   1112 C  CE1   . TYR A 1 141 ? -10.223 -2.814  1.133   1.00 12.48 ? 141 TYR A CE1   1 
ATOM   1113 C  CE2   . TYR A 1 141 ? -12.012 -3.884  2.323   1.00 12.11 ? 141 TYR A CE2   1 
ATOM   1114 C  CZ    . TYR A 1 141 ? -11.383 -2.729  1.874   1.00 12.76 ? 141 TYR A CZ    1 
ATOM   1115 O  OH    . TYR A 1 141 ? -11.920 -1.479  2.127   1.00 15.03 ? 141 TYR A OH    1 
ATOM   1116 N  N     . ILE A 1 142 ? -7.675  -5.292  3.309   1.00 11.49 ? 142 ILE A N     1 
ATOM   1117 C  CA    . ILE A 1 142 ? -7.624  -4.848  4.693   1.00 13.05 ? 142 ILE A CA    1 
ATOM   1118 C  C     . ILE A 1 142 ? -7.973  -3.368  4.766   1.00 12.35 ? 142 ILE A C     1 
ATOM   1119 O  O     . ILE A 1 142 ? -7.511  -2.582  3.934   1.00 12.59 ? 142 ILE A O     1 
ATOM   1120 C  CB    . ILE A 1 142 ? -6.222  -5.058  5.310   1.00 13.93 ? 142 ILE A CB    1 
ATOM   1121 C  CG1   . ILE A 1 142 ? -5.787  -6.522  5.190   1.00 19.14 ? 142 ILE A CG1   1 
ATOM   1122 C  CG2   . ILE A 1 142 ? -6.205  -4.608  6.771   1.00 16.48 ? 142 ILE A CG2   1 
ATOM   1123 C  CD1   . ILE A 1 142 ? -4.342  -6.780  5.600   1.00 20.61 ? 142 ILE A CD1   1 
ATOM   1124 N  N     . GLU A 1 143 ? -8.779  -2.991  5.756   1.00 12.40 ? 143 GLU A N     1 
ATOM   1125 C  CA    . GLU A 1 143 ? -9.078  -1.573  5.989   1.00 12.26 ? 143 GLU A CA    1 
ATOM   1126 C  C     . GLU A 1 143 ? -8.185  -0.977  7.068   1.00 12.92 ? 143 GLU A C     1 
ATOM   1127 O  O     . GLU A 1 143 ? -7.831  -1.642  8.049   1.00 15.56 ? 143 GLU A O     1 
ATOM   1128 C  CB    . GLU A 1 143 ? -10.563 -1.352  6.304   1.00 14.04 ? 143 GLU A CB    1 
ATOM   1129 C  CG    . GLU A 1 143 ? -11.440 -1.635  5.098   1.00 14.42 ? 143 GLU A CG    1 
ATOM   1130 C  CD    . GLU A 1 143 ? -12.857 -1.090  5.196   1.00 14.61 ? 143 GLU A CD    1 
ATOM   1131 O  OE1   . GLU A 1 143 ? -13.279 -0.648  6.285   1.00 16.16 ? 143 GLU A OE1   1 
ATOM   1132 O  OE2   . GLU A 1 143 ? -13.542 -1.101  4.154   1.00 14.75 ? 143 GLU A OE2   1 
ATOM   1133 N  N     . THR A 1 144 ? -7.814  0.280   6.875   1.00 12.19 ? 144 THR A N     1 
ATOM   1134 C  CA    . THR A 1 144 ? -6.883  0.940   7.769   1.00 12.69 ? 144 THR A CA    1 
ATOM   1135 C  C     . THR A 1 144 ? -7.339  2.354   8.052   1.00 12.18 ? 144 THR A C     1 
ATOM   1136 O  O     . THR A 1 144 ? -8.129  2.946   7.302   1.00 13.24 ? 144 THR A O     1 
ATOM   1137 C  CB    . THR A 1 144 ? -5.466  1.028   7.144   1.00 13.03 ? 144 THR A CB    1 
ATOM   1138 O  OG1   . THR A 1 144 ? -5.521  1.781   5.927   1.00 13.55 ? 144 THR A OG1   1 
ATOM   1139 C  CG2   . THR A 1 144 ? -4.907  -0.347  6.846   1.00 14.15 ? 144 THR A CG2   1 
ATOM   1140 N  N     . SER A 1 145 ? -6.825  2.894   9.149   1.00 13.47 ? 145 SER A N     1 
ATOM   1141 C  CA    . SER A 1 145 ? -6.871  4.324   9.392   1.00 13.73 ? 145 SER A CA    1 
ATOM   1142 C  C     . SER A 1 145 ? -5.499  4.759   9.875   1.00 13.73 ? 145 SER A C     1 
ATOM   1143 O  O     . SER A 1 145 ? -5.058  4.357   10.957  1.00 13.97 ? 145 SER A O     1 
ATOM   1144 C  CB    . SER A 1 145 ? -7.904  4.682   10.453  1.00 14.97 ? 145 SER A CB    1 
ATOM   1145 O  OG    . SER A 1 145 ? -7.745  6.041   10.862  1.00 14.63 ? 145 SER A OG    1 
ATOM   1146 N  N     . ALA A 1 146 ? -4.822  5.574   9.075   1.00 13.97 ? 146 ALA A N     1 
ATOM   1147 C  CA    . ALA A 1 146 ? -3.557  6.157   9.497   1.00 14.96 ? 146 ALA A CA    1 
ATOM   1148 C  C     . ALA A 1 146 ? -3.764  7.071   10.698  1.00 15.02 ? 146 ALA A C     1 
ATOM   1149 O  O     . ALA A 1 146 ? -2.837  7.303   11.475  1.00 16.26 ? 146 ALA A O     1 
ATOM   1150 C  CB    . ALA A 1 146 ? -2.924  6.931   8.354   1.00 15.38 ? 146 ALA A CB    1 
ATOM   1151 N  N     . LYS A 1 147 ? -4.973  7.605   10.842  1.00 14.94 ? 147 LYS A N     1 
ATOM   1152 C  CA    . LYS A 1 147 ? -5.278  8.513   11.942  1.00 16.09 ? 147 LYS A CA    1 
ATOM   1153 C  C     . LYS A 1 147 ? -5.402  7.789   13.284  1.00 18.26 ? 147 LYS A C     1 
ATOM   1154 O  O     . LYS A 1 147 ? -4.826  8.225   14.281  1.00 21.01 ? 147 LYS A O     1 
ATOM   1155 C  CB    . LYS A 1 147 ? -6.548  9.312   11.650  1.00 16.92 ? 147 LYS A CB    1 
ATOM   1156 C  CG    . LYS A 1 147 ? -6.915  10.293  12.761  1.00 19.30 ? 147 LYS A CG    1 
ATOM   1157 C  CD    . LYS A 1 147 ? -8.096  11.170  12.382  1.00 22.91 ? 147 LYS A CD    1 
ATOM   1158 C  CE    . LYS A 1 147 ? -8.452  12.118  13.523  1.00 27.73 ? 147 LYS A CE    1 
ATOM   1159 N  NZ    . LYS A 1 147 ? -9.557  13.047  13.154  1.00 37.02 ? 147 LYS A NZ    1 
ATOM   1160 N  N     . THR A 1 148 ? -6.143  6.685   13.323  1.00 16.26 ? 148 THR A N     1 
ATOM   1161 C  CA    . THR A 1 148 ? -6.359  5.977   14.588  1.00 16.15 ? 148 THR A CA    1 
ATOM   1162 C  C     . THR A 1 148 ? -5.401  4.806   14.795  1.00 18.12 ? 148 THR A C     1 
ATOM   1163 O  O     . THR A 1 148 ? -5.375  4.211   15.876  1.00 19.62 ? 148 THR A O     1 
ATOM   1164 C  CB    . THR A 1 148 ? -7.775  5.406   14.692  1.00 16.93 ? 148 THR A CB    1 
ATOM   1165 O  OG1   . THR A 1 148 ? -7.918  4.340   13.745  1.00 17.41 ? 148 THR A OG1   1 
ATOM   1166 C  CG2   . THR A 1 148 ? -8.829  6.480   14.449  1.00 19.38 ? 148 THR A CG2   1 
ATOM   1167 N  N     . ARG A 1 149 ? -4.637  4.470   13.755  1.00 15.34 ? 149 ARG A N     1 
ATOM   1168 C  CA    . ARG A 1 149 ? -3.734  3.313   13.731  1.00 15.16 ? 149 ARG A CA    1 
ATOM   1169 C  C     . ARG A 1 149 ? -4.430  1.988   13.420  1.00 16.28 ? 149 ARG A C     1 
ATOM   1170 O  O     . ARG A 1 149 ? -3.766  0.962   13.262  1.00 16.26 ? 149 ARG A O     1 
ATOM   1171 C  CB    . ARG A 1 149 ? -2.921  3.183   15.025  1.00 19.51 ? 149 ARG A CB    1 
ATOM   1172 C  CG    . ARG A 1 149 ? -1.775  4.165   15.130  1.00 25.56 ? 149 ARG A CG    1 
ATOM   1173 C  CD    . ARG A 1 149 ? -0.831  3.829   16.283  1.00 25.19 ? 149 ARG A CD    1 
ATOM   1174 N  NE    . ARG A 1 149 ? -0.197  2.519   16.130  1.00 27.26 ? 149 ARG A NE    1 
ATOM   1175 C  CZ    . ARG A 1 149 ? 0.903   2.291   15.419  1.00 29.80 ? 149 ARG A CZ    1 
ATOM   1176 N  NH1   . ARG A 1 149 ? 1.500   3.284   14.773  1.00 24.23 ? 149 ARG A NH1   1 
ATOM   1177 N  NH2   . ARG A 1 149 ? 1.404   1.063   15.344  1.00 27.77 ? 149 ARG A NH2   1 
ATOM   1178 N  N     . GLN A 1 150 ? -5.756  1.992   13.334  1.00 15.51 ? 150 GLN A N     1 
ATOM   1179 C  CA    . GLN A 1 150 ? -6.470  0.759   13.012  1.00 16.18 ? 150 GLN A CA    1 
ATOM   1180 C  C     . GLN A 1 150 ? -5.902  0.091   11.757  1.00 15.03 ? 150 GLN A C     1 
ATOM   1181 O  O     . GLN A 1 150 ? -5.801  0.716   10.699  1.00 14.21 ? 150 GLN A O     1 
ATOM   1182 C  CB    . GLN A 1 150 ? -7.972  1.014   12.831  1.00 17.09 ? 150 GLN A CB    1 
ATOM   1183 C  CG    . GLN A 1 150 ? -8.760  -0.250  12.493  1.00 24.20 ? 150 GLN A CG    1 
ATOM   1184 C  CD    . GLN A 1 150 ? -10.267 -0.065  12.581  1.00 26.47 ? 150 GLN A CD    1 
ATOM   1185 O  OE1   . GLN A 1 150 ? -10.794 1.020   12.330  1.00 25.98 ? 150 GLN A OE1   1 
ATOM   1186 N  NE2   . GLN A 1 150 ? -10.970 -1.135  12.941  1.00 30.25 ? 150 GLN A NE2   1 
ATOM   1187 N  N     . GLY A 1 151 ? -5.516  -1.177  11.883  1.00 14.34 ? 151 GLY A N     1 
ATOM   1188 C  CA    . GLY A 1 151 ? -5.108  -1.974  10.742  1.00 14.90 ? 151 GLY A CA    1 
ATOM   1189 C  C     . GLY A 1 151 ? -3.756  -1.657  10.128  1.00 14.09 ? 151 GLY A C     1 
ATOM   1190 O  O     . GLY A 1 151 ? -3.352  -2.340  9.195   1.00 14.64 ? 151 GLY A O     1 
ATOM   1191 N  N     . VAL A 1 152 ? -3.056  -0.643  10.629  1.00 13.25 ? 152 VAL A N     1 
ATOM   1192 C  CA    . VAL A 1 152 ? -1.832  -0.194  9.958   1.00 15.12 ? 152 VAL A CA    1 
ATOM   1193 C  C     . VAL A 1 152 ? -0.715  -1.241  9.974   1.00 14.93 ? 152 VAL A C     1 
ATOM   1194 O  O     . VAL A 1 152 ? -0.195  -1.633  8.922   1.00 14.99 ? 152 VAL A O     1 
ATOM   1195 C  CB    . VAL A 1 152 ? -1.324  1.148   10.526  1.00 14.06 ? 152 VAL A CB    1 
ATOM   1196 C  CG1   . VAL A 1 152 ? 0.007   1.516   9.892   1.00 18.41 ? 152 VAL A CG1   1 
ATOM   1197 C  CG2   . VAL A 1 152 ? -2.367  2.245   10.300  1.00 16.43 ? 152 VAL A CG2   1 
ATOM   1198 N  N     . GLU A 1 153 ? -0.335  -1.689  11.165  1.00 15.67 ? 153 GLU A N     1 
ATOM   1199 C  CA    . GLU A 1 153 ? 0.646   -2.757  11.268  1.00 16.42 ? 153 GLU A CA    1 
ATOM   1200 C  C     . GLU A 1 153 ? 0.167   -3.982  10.505  1.00 16.61 ? 153 GLU A C     1 
ATOM   1201 O  O     . GLU A 1 153 ? 0.942   -4.624  9.786   1.00 16.04 ? 153 GLU A O     1 
ATOM   1202 C  CB    . GLU A 1 153 ? 0.892   -3.131  12.728  1.00 21.17 ? 153 GLU A CB    1 
ATOM   1203 C  CG    . GLU A 1 153 ? 1.737   -2.147  13.505  1.00 27.76 ? 153 GLU A CG    1 
ATOM   1204 C  CD    . GLU A 1 153 ? 2.216   -2.727  14.822  1.00 32.78 ? 153 GLU A CD    1 
ATOM   1205 O  OE1   . GLU A 1 153 ? 2.242   -1.985  15.826  1.00 36.89 ? 153 GLU A OE1   1 
ATOM   1206 O  OE2   . GLU A 1 153 ? 2.559   -3.929  14.852  1.00 36.18 ? 153 GLU A OE2   1 
ATOM   1207 N  N     . ASP A 1 154 ? -1.112  -4.309  10.657  1.00 16.18 ? 154 ASP A N     1 
ATOM   1208 C  CA    . ASP A 1 154 ? -1.691  -5.468  9.993   1.00 16.53 ? 154 ASP A CA    1 
ATOM   1209 C  C     . ASP A 1 154 ? -1.498  -5.435  8.472   1.00 15.90 ? 154 ASP A C     1 
ATOM   1210 O  O     . ASP A 1 154 ? -1.180  -6.452  7.848   1.00 14.77 ? 154 ASP A O     1 
ATOM   1211 C  CB    . ASP A 1 154 ? -3.180  -5.595  10.322  1.00 18.23 ? 154 ASP A CB    1 
ATOM   1212 C  CG    . ASP A 1 154 ? -3.439  -5.747  11.807  1.00 25.59 ? 154 ASP A CG    1 
ATOM   1213 O  OD1   . ASP A 1 154 ? -2.503  -6.117  12.544  1.00 29.05 ? 154 ASP A OD1   1 
ATOM   1214 O  OD2   . ASP A 1 154 ? -4.581  -5.489  12.236  1.00 29.65 ? 154 ASP A OD2   1 
ATOM   1215 N  N     . ALA A 1 155 ? -1.710  -4.274  7.863   1.00 13.79 ? 155 ALA A N     1 
ATOM   1216 C  CA    . ALA A 1 155 ? -1.580  -4.163  6.415   1.00 13.94 ? 155 ALA A CA    1 
ATOM   1217 C  C     . ALA A 1 155 ? -0.149  -4.442  5.959   1.00 12.94 ? 155 ALA A C     1 
ATOM   1218 O  O     . ALA A 1 155 ? 0.077   -5.241  5.054   1.00 12.78 ? 155 ALA A O     1 
ATOM   1219 C  CB    . ALA A 1 155 ? -2.029  -2.781  5.951   1.00 14.10 ? 155 ALA A CB    1 
ATOM   1220 N  N     . PHE A 1 156 ? 0.818   -3.797  6.600   1.00 12.67 ? 156 PHE A N     1 
ATOM   1221 C  CA    . PHE A 1 156 ? 2.212   -3.998  6.212   1.00 12.95 ? 156 PHE A CA    1 
ATOM   1222 C  C     . PHE A 1 156 ? 2.719   -5.409  6.530   1.00 13.36 ? 156 PHE A C     1 
ATOM   1223 O  O     . PHE A 1 156 ? 3.428   -6.030  5.728   1.00 13.73 ? 156 PHE A O     1 
ATOM   1224 C  CB    . PHE A 1 156 ? 3.112   -2.949  6.865   1.00 14.65 ? 156 PHE A CB    1 
ATOM   1225 C  CG    . PHE A 1 156 ? 2.992   -1.574  6.252   1.00 14.03 ? 156 PHE A CG    1 
ATOM   1226 C  CD1   . PHE A 1 156 ? 3.750   -1.230  5.145   1.00 14.38 ? 156 PHE A CD1   1 
ATOM   1227 C  CD2   . PHE A 1 156 ? 2.149   -0.622  6.798   1.00 14.59 ? 156 PHE A CD2   1 
ATOM   1228 C  CE1   . PHE A 1 156 ? 3.660   0.043   4.590   1.00 14.75 ? 156 PHE A CE1   1 
ATOM   1229 C  CE2   . PHE A 1 156 ? 2.049   0.646   6.243   1.00 14.90 ? 156 PHE A CE2   1 
ATOM   1230 C  CZ    . PHE A 1 156 ? 2.810   0.976   5.136   1.00 15.07 ? 156 PHE A CZ    1 
ATOM   1231 N  N     . TYR A 1 157 ? 2.350   -5.922  7.699   1.00 12.77 ? 157 TYR A N     1 
ATOM   1232 C  CA    . TYR A 1 157 ? 2.790   -7.266  8.072   1.00 14.27 ? 157 TYR A CA    1 
ATOM   1233 C  C     . TYR A 1 157 ? 2.138   -8.322  7.173   1.00 13.85 ? 157 TYR A C     1 
ATOM   1234 O  O     . TYR A 1 157 ? 2.763   -9.332  6.829   1.00 14.13 ? 157 TYR A O     1 
ATOM   1235 C  CB    . TYR A 1 157 ? 2.507   -7.543  9.554   1.00 14.46 ? 157 TYR A CB    1 
ATOM   1236 C  CG    . TYR A 1 157 ? 3.453   -6.856  10.517  1.00 17.40 ? 157 TYR A CG    1 
ATOM   1237 C  CD1   . TYR A 1 157 ? 4.272   -5.811  10.108  1.00 17.28 ? 157 TYR A CD1   1 
ATOM   1238 C  CD2   . TYR A 1 157 ? 3.516   -7.251  11.846  1.00 20.96 ? 157 TYR A CD2   1 
ATOM   1239 C  CE1   . TYR A 1 157 ? 5.136   -5.186  10.995  1.00 22.60 ? 157 TYR A CE1   1 
ATOM   1240 C  CE2   . TYR A 1 157 ? 4.374   -6.632  12.740  1.00 22.05 ? 157 TYR A CE2   1 
ATOM   1241 C  CZ    . TYR A 1 157 ? 5.179   -5.602  12.309  1.00 24.17 ? 157 TYR A CZ    1 
ATOM   1242 O  OH    . TYR A 1 157 ? 6.037   -4.987  13.196  1.00 30.58 ? 157 TYR A OH    1 
ATOM   1243 N  N     . THR A 1 158 ? 0.888   -8.093  6.779   1.00 13.22 ? 158 THR A N     1 
ATOM   1244 C  CA    . THR A 1 158 ? 0.213   -8.991  5.845   1.00 13.58 ? 158 THR A CA    1 
ATOM   1245 C  C     . THR A 1 158 ? 0.951   -9.025  4.512   1.00 12.83 ? 158 THR A C     1 
ATOM   1246 O  O     . THR A 1 158 ? 1.094   -10.087 3.901   1.00 13.65 ? 158 THR A O     1 
ATOM   1247 C  CB    . THR A 1 158 ? -1.258  -8.597  5.638   1.00 13.99 ? 158 THR A CB    1 
ATOM   1248 O  OG1   . THR A 1 158 ? -1.959  -8.795  6.870   1.00 15.65 ? 158 THR A OG1   1 
ATOM   1249 C  CG2   . THR A 1 158 ? -1.918  -9.441  4.544   1.00 15.83 ? 158 THR A CG2   1 
ATOM   1250 N  N     . LEU A 1 159 ? 1.431   -7.867  4.064   1.00 12.42 ? 159 LEU A N     1 
ATOM   1251 C  CA    . LEU A 1 159 ? 2.196   -7.821  2.819   1.00 13.42 ? 159 LEU A CA    1 
ATOM   1252 C  C     . LEU A 1 159 ? 3.481   -8.650  2.930   1.00 12.51 ? 159 LEU A C     1 
ATOM   1253 O  O     . LEU A 1 159 ? 3.821   -9.393  2.007   1.00 12.81 ? 159 LEU A O     1 
ATOM   1254 C  CB    . LEU A 1 159 ? 2.496   -6.379  2.406   1.00 13.18 ? 159 LEU A CB    1 
ATOM   1255 C  CG    . LEU A 1 159 ? 3.248   -6.237  1.076   1.00 13.37 ? 159 LEU A CG    1 
ATOM   1256 C  CD1   . LEU A 1 159 ? 2.543   -6.973  -0.063  1.00 13.15 ? 159 LEU A CD1   1 
ATOM   1257 C  CD2   . LEU A 1 159 ? 3.409   -4.763  0.740   1.00 14.80 ? 159 LEU A CD2   1 
ATOM   1258 N  N     . VAL A 1 160 ? 4.178   -8.555  4.063   1.00 12.57 ? 160 VAL A N     1 
ATOM   1259 C  CA    . VAL A 1 160 ? 5.353   -9.399  4.297   1.00 13.81 ? 160 VAL A CA    1 
ATOM   1260 C  C     . VAL A 1 160 ? 4.970   -10.881 4.222   1.00 14.03 ? 160 VAL A C     1 
ATOM   1261 O  O     . VAL A 1 160 ? 5.660   -11.688 3.582   1.00 13.61 ? 160 VAL A O     1 
ATOM   1262 C  CB    . VAL A 1 160 ? 6.028   -9.077  5.639   1.00 14.28 ? 160 VAL A CB    1 
ATOM   1263 C  CG1   . VAL A 1 160 ? 7.078   -10.138 5.963   1.00 15.42 ? 160 VAL A CG1   1 
ATOM   1264 C  CG2   . VAL A 1 160 ? 6.662   -7.695  5.596   1.00 15.39 ? 160 VAL A CG2   1 
ATOM   1265 N  N     . ARG A 1 161 ? 3.850   -11.240 4.842   1.00 14.03 ? 161 ARG A N     1 
ATOM   1266 C  CA    . ARG A 1 161 ? 3.379   -12.620 4.816   1.00 14.69 ? 161 ARG A CA    1 
ATOM   1267 C  C     . ARG A 1 161 ? 2.991   -13.076 3.402   1.00 14.19 ? 161 ARG A C     1 
ATOM   1268 O  O     . ARG A 1 161 ? 3.074   -14.265 3.088   1.00 15.44 ? 161 ARG A O     1 
ATOM   1269 C  CB    . ARG A 1 161 ? 2.241   -12.814 5.824   1.00 14.57 ? 161 ARG A CB    1 
ATOM   1270 C  CG    . ARG A 1 161 ? 2.698   -12.610 7.271   1.00 14.75 ? 161 ARG A CG    1 
ATOM   1271 C  CD    . ARG A 1 161 ? 1.579   -12.786 8.288   1.00 18.46 ? 161 ARG A CD    1 
ATOM   1272 N  NE    . ARG A 1 161 ? 2.040   -12.403 9.622   1.00 17.76 ? 161 ARG A NE    1 
ATOM   1273 C  CZ    . ARG A 1 161 ? 1.513   -11.417 10.344  1.00 18.37 ? 161 ARG A CZ    1 
ATOM   1274 N  NH1   . ARG A 1 161 ? 0.480   -10.728 9.879   1.00 21.84 ? 161 ARG A NH1   1 
ATOM   1275 N  NH2   . ARG A 1 161 ? 2.012   -11.135 11.536  1.00 20.68 ? 161 ARG A NH2   1 
ATOM   1276 N  N     . GLU A 1 162 ? 2.587   -12.138 2.539   1.00 13.66 ? 162 GLU A N     1 
ATOM   1277 C  CA    . GLU A 1 162 ? 2.307   -12.456 1.137   1.00 14.47 ? 162 GLU A CA    1 
ATOM   1278 C  C     . GLU A 1 162 ? 3.596   -12.678 0.344   1.00 14.98 ? 162 GLU A C     1 
ATOM   1279 O  O     . GLU A 1 162 ? 3.678   -13.590 -0.485  1.00 15.88 ? 162 GLU A O     1 
ATOM   1280 C  CB    . GLU A 1 162 ? 1.467   -11.350 0.479   1.00 16.04 ? 162 GLU A CB    1 
ATOM   1281 C  CG    . GLU A 1 162 ? 0.015   -11.284 0.957   1.00 18.41 ? 162 GLU A CG    1 
ATOM   1282 C  CD    . GLU A 1 162 ? -0.784  -12.535 0.610   1.00 18.91 ? 162 GLU A CD    1 
ATOM   1283 O  OE1   . GLU A 1 162 ? -0.797  -12.933 -0.574  1.00 22.86 ? 162 GLU A OE1   1 
ATOM   1284 O  OE2   . GLU A 1 162 ? -1.406  -13.111 1.522   1.00 23.20 ? 162 GLU A OE2   1 
ATOM   1285 N  N     . ILE A 1 163 ? 4.600   -11.842 0.586   1.00 14.74 ? 163 ILE A N     1 
ATOM   1286 C  CA    . ILE A 1 163 ? 5.905   -12.029 -0.046  1.00 15.25 ? 163 ILE A CA    1 
ATOM   1287 C  C     . ILE A 1 163 ? 6.475   -13.410 0.303   1.00 15.58 ? 163 ILE A C     1 
ATOM   1288 O  O     . ILE A 1 163 ? 7.009   -14.107 -0.562  1.00 16.12 ? 163 ILE A O     1 
ATOM   1289 C  CB    . ILE A 1 163 ? 6.887   -10.915 0.356   1.00 14.71 ? 163 ILE A CB    1 
ATOM   1290 C  CG1   . ILE A 1 163 ? 6.408   -9.569  -0.200  1.00 16.01 ? 163 ILE A CG1   1 
ATOM   1291 C  CG2   . ILE A 1 163 ? 8.301   -11.236 -0.139  1.00 16.78 ? 163 ILE A CG2   1 
ATOM   1292 C  CD1   . ILE A 1 163 ? 7.121   -8.378  0.396   1.00 15.40 ? 163 ILE A CD1   1 
ATOM   1293 N  N     . ARG A 1 164 ? 6.325   -13.822 1.558   1.00 15.01 ? 164 ARG A N     1 
ATOM   1294 C  CA    . ARG A 1 164 ? 6.813   -15.127 2.005   1.00 14.57 ? 164 ARG A CA    1 
ATOM   1295 C  C     . ARG A 1 164 ? 6.112   -16.318 1.341   1.00 16.73 ? 164 ARG A C     1 
ATOM   1296 O  O     . ARG A 1 164 ? 6.631   -17.439 1.363   1.00 19.54 ? 164 ARG A O     1 
ATOM   1297 C  CB    . ARG A 1 164 ? 6.681   -15.240 3.524   1.00 13.96 ? 164 ARG A CB    1 
ATOM   1298 C  CG    . ARG A 1 164 ? 7.577   -14.304 4.308   1.00 14.22 ? 164 ARG A CG    1 
ATOM   1299 C  CD    . ARG A 1 164 ? 7.128   -14.301 5.757   1.00 15.19 ? 164 ARG A CD    1 
ATOM   1300 N  NE    . ARG A 1 164 ? 8.024   -13.569 6.640   1.00 15.26 ? 164 ARG A NE    1 
ATOM   1301 C  CZ    . ARG A 1 164 ? 7.721   -13.269 7.898   1.00 14.34 ? 164 ARG A CZ    1 
ATOM   1302 N  NH1   . ARG A 1 164 ? 6.553   -13.641 8.396   1.00 15.53 ? 164 ARG A NH1   1 
ATOM   1303 N  NH2   . ARG A 1 164 ? 8.572   -12.597 8.653   1.00 16.73 ? 164 ARG A NH2   1 
ATOM   1304 N  N     . GLN A 1 165 ? 4.935   -16.091 0.773   1.00 16.26 ? 165 GLN A N     1 
ATOM   1305 C  CA    . GLN A 1 165 ? 4.200   -17.162 0.102   1.00 18.41 ? 165 GLN A CA    1 
ATOM   1306 C  C     . GLN A 1 165 ? 4.623   -17.337 -1.349  1.00 23.50 ? 165 GLN A C     1 
ATOM   1307 O  O     . GLN A 1 165 ? 4.207   -18.288 -2.016  1.00 22.22 ? 165 GLN A O     1 
ATOM   1308 C  CB    . GLN A 1 165 ? 2.700   -16.895 0.161   1.00 19.85 ? 165 GLN A CB    1 
ATOM   1309 C  CG    . GLN A 1 165 ? 2.106   -17.086 1.528   1.00 19.88 ? 165 GLN A CG    1 
ATOM   1310 C  CD    . GLN A 1 165 ? 0.662   -16.655 1.574   1.00 19.42 ? 165 GLN A CD    1 
ATOM   1311 O  OE1   . GLN A 1 165 ? -0.199  -17.267 0.945   1.00 26.10 ? 165 GLN A OE1   1 
ATOM   1312 N  NE2   . GLN A 1 165 ? 0.387   -15.601 2.315   1.00 18.38 ? 165 GLN A NE2   1 
ATOM   1313 N  N     . HIS A 1 166 ? 5.439   -16.413 -1.844  1.00 21.87 ? 166 HIS A N     1 
ATOM   1314 C  CA    . HIS A 1 166 ? 5.910   -16.493 -3.220  1.00 26.57 ? 166 HIS A CA    1 
ATOM   1315 C  C     . HIS A 1 166 ? 7.350   -16.996 -3.286  1.00 32.08 ? 166 HIS A C     1 
ATOM   1316 O  O     . HIS A 1 166 ? 8.064   -17.029 -2.280  1.00 33.95 ? 166 HIS A O     1 
ATOM   1317 C  CB    . HIS A 1 166 ? 5.761   -15.136 -3.909  1.00 28.96 ? 166 HIS A CB    1 
ATOM   1318 C  CG    . HIS A 1 166 ? 4.336   -14.710 -4.089  1.00 28.56 ? 166 HIS A CG    1 
ATOM   1319 N  ND1   . HIS A 1 166 ? 3.494   -14.463 -3.028  1.00 30.51 ? 166 HIS A ND1   1 
ATOM   1320 C  CD2   . HIS A 1 166 ? 3.605   -14.489 -5.207  1.00 29.41 ? 166 HIS A CD2   1 
ATOM   1321 C  CE1   . HIS A 1 166 ? 2.304   -14.108 -3.481  1.00 29.26 ? 166 HIS A CE1   1 
ATOM   1322 N  NE2   . HIS A 1 166 ? 2.345   -14.116 -4.802  1.00 33.20 ? 166 HIS A NE2   1 
ATOM   1323 O  OXT   . HIS A 1 166 ? 7.831   -17.398 -4.347  1.00 41.11 ? 166 HIS A OXT   1 
HETATM 1324 P  PG    . GNP B 2 .   ? 0.507   11.794  -2.417  1.00 14.39 ? 528 GNP A PG    1 
HETATM 1325 O  O1G   . GNP B 2 .   ? 0.254   13.131  -3.097  1.00 16.28 ? 528 GNP A O1G   1 
HETATM 1326 O  O2G   . GNP B 2 .   ? 1.891   11.707  -1.841  1.00 15.05 ? 528 GNP A O2G   1 
HETATM 1327 O  O3G   . GNP B 2 .   ? 0.187   10.705  -3.408  1.00 17.55 ? 528 GNP A O3G   1 
HETATM 1328 N  N3B   . GNP B 2 .   ? -0.552  11.647  -1.208  1.00 15.58 ? 528 GNP A N3B   1 
HETATM 1329 P  PB    . GNP B 2 .   ? -0.706  10.499  -0.065  1.00 13.18 ? 528 GNP A PB    1 
HETATM 1330 O  O1B   . GNP B 2 .   ? -1.430  9.299   -0.582  1.00 14.29 ? 528 GNP A O1B   1 
HETATM 1331 O  O2B   . GNP B 2 .   ? 0.617   10.199  0.515   1.00 13.86 ? 528 GNP A O2B   1 
HETATM 1332 O  O3A   . GNP B 2 .   ? -1.572  11.114  1.077   1.00 13.47 ? 528 GNP A O3A   1 
HETATM 1333 P  PA    . GNP B 2 .   ? -1.162  11.684  2.487   1.00 13.81 ? 528 GNP A PA    1 
HETATM 1334 O  O1A   . GNP B 2 .   ? -0.612  10.605  3.345   1.00 15.00 ? 528 GNP A O1A   1 
HETATM 1335 O  O2A   . GNP B 2 .   ? -0.356  12.912  2.261   1.00 15.16 ? 528 GNP A O2A   1 
HETATM 1336 O  "O5'" . GNP B 2 .   ? -2.540  12.106  3.121   1.00 13.93 ? 528 GNP A "O5'" 1 
HETATM 1337 C  "C5'" . GNP B 2 .   ? -3.394  13.064  2.464   1.00 15.03 ? 528 GNP A "C5'" 1 
HETATM 1338 C  "C4'" . GNP B 2 .   ? -4.327  13.709  3.473   1.00 15.45 ? 528 GNP A "C4'" 1 
HETATM 1339 O  "O4'" . GNP B 2 .   ? -5.236  12.705  3.993   1.00 14.60 ? 528 GNP A "O4'" 1 
HETATM 1340 C  "C3'" . GNP B 2 .   ? -3.634  14.304  4.698   1.00 15.04 ? 528 GNP A "C3'" 1 
HETATM 1341 O  "O3'" . GNP B 2 .   ? -4.289  15.506  5.093   1.00 16.47 ? 528 GNP A "O3'" 1 
HETATM 1342 C  "C2'" . GNP B 2 .   ? -3.786  13.218  5.763   1.00 14.77 ? 528 GNP A "C2'" 1 
HETATM 1343 O  "O2'" . GNP B 2 .   ? -3.802  13.723  7.086   1.00 14.64 ? 528 GNP A "O2'" 1 
HETATM 1344 C  "C1'" . GNP B 2 .   ? -5.152  12.643  5.402   1.00 13.71 ? 528 GNP A "C1'" 1 
HETATM 1345 N  N9    . GNP B 2 .   ? -5.265  11.242  5.802   1.00 12.83 ? 528 GNP A N9    1 
HETATM 1346 C  C8    . GNP B 2 .   ? -4.420  10.207  5.457   1.00 13.77 ? 528 GNP A C8    1 
HETATM 1347 N  N7    . GNP B 2 .   ? -4.772  9.063   5.986   1.00 13.10 ? 528 GNP A N7    1 
HETATM 1348 C  C5    . GNP B 2 .   ? -5.915  9.351   6.714   1.00 12.74 ? 528 GNP A C5    1 
HETATM 1349 C  C6    . GNP B 2 .   ? -6.743  8.502   7.487   1.00 14.04 ? 528 GNP A C6    1 
HETATM 1350 O  O6    . GNP B 2 .   ? -6.601  7.286   7.675   1.00 14.91 ? 528 GNP A O6    1 
HETATM 1351 N  N1    . GNP B 2 .   ? -7.814  9.189   8.055   1.00 14.31 ? 528 GNP A N1    1 
HETATM 1352 C  C2    . GNP B 2 .   ? -8.039  10.538  7.901   1.00 15.24 ? 528 GNP A C2    1 
HETATM 1353 N  N2    . GNP B 2 .   ? -9.113  11.038  8.526   1.00 18.51 ? 528 GNP A N2    1 
HETATM 1354 N  N3    . GNP B 2 .   ? -7.276  11.342  7.171   1.00 14.37 ? 528 GNP A N3    1 
HETATM 1355 C  C4    . GNP B 2 .   ? -6.232  10.686  6.608   1.00 12.64 ? 528 GNP A C4    1 
HETATM 1356 CA CA    . CA  C 3 .   ? 0.087   15.238  13.602  1.00 16.24 ? 167 CA  A CA    1 
HETATM 1357 MG MG    . MG  D 4 .   ? 2.488   10.984  -0.037  1.00 14.11 ? 168 MG  A MG    1 
HETATM 1358 CA CA    . CA  E 3 .   ? -2.484  -11.870 -8.679  1.00 26.85 ? 169 CA  A CA    1 
HETATM 1359 MG MG    . MG  F 4 .   ? -21.964 2.664   -4.486  0.50 13.12 ? 170 MG  A MG    1 
HETATM 1360 C  C     . ACT G 5 .   ? -1.078  -9.398  -9.949  1.00 29.56 ? 719 ACT A C     1 
HETATM 1361 O  O     . ACT G 5 .   ? -0.403  -10.257 -9.339  1.00 29.41 ? 719 ACT A O     1 
HETATM 1362 O  OXT   . ACT G 5 .   ? -2.323  -9.517  -9.880  1.00 29.13 ? 719 ACT A OXT   1 
HETATM 1363 C  CH3   . ACT G 5 .   ? -0.431  -8.285  -10.716 1.00 29.01 ? 719 ACT A CH3   1 
HETATM 1364 O  O     . HOH H 6 .   ? -6.186  17.177  4.052   1.00 31.55 ? 171 HOH A O     1 
HETATM 1365 O  O     . HOH H 6 .   ? 2.007   12.813  1.006   1.00 15.88 ? 172 HOH A O     1 
HETATM 1366 O  O     . HOH H 6 .   ? 3.079   9.121   -0.920  1.00 15.10 ? 173 HOH A O     1 
HETATM 1367 O  O     . HOH H 6 .   ? 1.953   3.818   18.137  1.00 36.29 ? 174 HOH A O     1 
HETATM 1368 O  O     . HOH H 6 .   ? 2.098   12.949  -5.233  1.00 20.05 ? 175 HOH A O     1 
HETATM 1369 O  O     . HOH H 6 .   ? -3.276  13.211  -9.886  1.00 40.21 ? 176 HOH A O     1 
HETATM 1370 O  O     . HOH H 6 .   ? 1.055   9.543   9.719   1.00 14.90 ? 177 HOH A O     1 
HETATM 1371 O  O     . HOH H 6 .   ? -20.963 4.279   -3.433  1.00 14.28 ? 178 HOH A O     1 
HETATM 1372 O  O     . HOH H 6 .   ? 3.393   -16.291 5.146   1.00 15.08 ? 179 HOH A O     1 
HETATM 1373 O  O     . HOH H 6 .   ? -5.723  4.513   -5.380  1.00 16.04 ? 180 HOH A O     1 
HETATM 1374 O  O     . HOH H 6 .   ? 4.740   -15.605 7.505   1.00 14.71 ? 181 HOH A O     1 
HETATM 1375 O  O     . HOH H 6 .   ? -21.267 1.369   -2.940  1.00 15.34 ? 182 HOH A O     1 
HETATM 1376 O  O     . HOH H 6 .   ? -9.726  5.203   -12.828 1.00 29.25 ? 183 HOH A O     1 
HETATM 1377 O  O     . HOH H 6 .   ? 1.030   14.626  3.842   1.00 16.79 ? 184 HOH A O     1 
HETATM 1378 O  O     . HOH H 6 .   ? -2.181  19.300  13.177  1.00 30.48 ? 185 HOH A O     1 
HETATM 1379 O  O     . HOH H 6 .   ? 10.448  -11.893 -3.387  1.00 34.05 ? 186 HOH A O     1 
HETATM 1380 O  O     . HOH H 6 .   ? -4.717  -11.167 4.940   1.00 29.92 ? 187 HOH A O     1 
HETATM 1381 O  O     . HOH H 6 .   ? 4.073   1.130   14.394  1.00 31.57 ? 188 HOH A O     1 
HETATM 1382 O  O     . HOH H 6 .   ? -1.764  14.371  -4.232  1.00 27.29 ? 189 HOH A O     1 
HETATM 1383 O  O     . HOH H 6 .   ? 2.261   23.568  1.302   1.00 37.12 ? 190 HOH A O     1 
HETATM 1384 O  O     . HOH H 6 .   ? 1.460   5.631   -6.324  1.00 19.10 ? 191 HOH A O     1 
HETATM 1385 O  O     . HOH H 6 .   ? -9.900  10.755  0.504   1.00 21.37 ? 192 HOH A O     1 
HETATM 1386 O  O     . HOH H 6 .   ? -15.807 7.827   -11.039 1.00 19.13 ? 193 HOH A O     1 
HETATM 1387 O  O     . HOH H 6 .   ? 12.226  -16.365 16.705  1.00 28.56 ? 194 HOH A O     1 
HETATM 1388 O  O     . HOH H 6 .   ? 5.315   13.752  1.245   1.00 21.26 ? 195 HOH A O     1 
HETATM 1389 O  O     . HOH H 6 .   ? 8.593   5.856   17.298  1.00 33.40 ? 196 HOH A O     1 
HETATM 1390 O  O     . HOH H 6 .   ? -1.150  -13.179 -4.456  1.00 28.28 ? 197 HOH A O     1 
HETATM 1391 O  O     . HOH H 6 .   ? -6.213  15.103  8.093   1.00 22.95 ? 198 HOH A O     1 
HETATM 1392 O  O     . HOH H 6 .   ? 2.048   21.111  0.581   1.00 32.48 ? 199 HOH A O     1 
HETATM 1393 O  O     . HOH H 6 .   ? -1.082  14.084  15.487  1.00 24.02 ? 200 HOH A O     1 
HETATM 1394 O  O     . HOH H 6 .   ? -17.808 2.998   -4.943  1.00 17.83 ? 201 HOH A O     1 
HETATM 1395 O  O     . HOH H 6 .   ? 8.646   13.756  12.074  1.00 22.14 ? 202 HOH A O     1 
HETATM 1396 O  O     . HOH H 6 .   ? -19.942 -4.469  2.511   1.00 23.04 ? 203 HOH A O     1 
HETATM 1397 O  O     . HOH H 6 .   ? 7.152   -11.765 16.338  1.00 20.87 ? 204 HOH A O     1 
HETATM 1398 O  O     . HOH H 6 .   ? -0.888  -8.699  11.321  1.00 30.21 ? 205 HOH A O     1 
HETATM 1399 O  O     . HOH H 6 .   ? -13.055 -0.346  8.967   1.00 22.14 ? 206 HOH A O     1 
HETATM 1400 O  O     . HOH H 6 .   ? 7.001   10.329  2.911   1.00 21.12 ? 207 HOH A O     1 
HETATM 1401 O  O     . HOH H 6 .   ? -1.710  -0.836  13.699  1.00 21.51 ? 208 HOH A O     1 
HETATM 1402 O  O     . HOH H 6 .   ? -8.523  12.977  4.904   1.00 22.17 ? 209 HOH A O     1 
HETATM 1403 O  O     . HOH H 6 .   ? 15.339  6.350   4.917   1.00 21.99 ? 210 HOH A O     1 
HETATM 1404 O  O     . HOH H 6 .   ? -8.799  -3.609  9.634   1.00 24.15 ? 211 HOH A O     1 
HETATM 1405 O  O     . HOH H 6 .   ? -18.844 -1.408  4.172   1.00 22.09 ? 212 HOH A O     1 
HETATM 1406 O  O     . HOH H 6 .   ? -1.744  -11.406 8.138   1.00 21.44 ? 213 HOH A O     1 
HETATM 1407 O  O     . HOH H 6 .   ? 4.804   -10.908 14.838  1.00 24.08 ? 214 HOH A O     1 
HETATM 1408 O  O     . HOH H 6 .   ? 7.169   8.093   -6.915  1.00 22.64 ? 215 HOH A O     1 
HETATM 1409 O  O     . HOH H 6 .   ? -5.379  -15.845 -8.411  1.00 43.25 ? 216 HOH A O     1 
HETATM 1410 O  O     . HOH H 6 .   ? -10.197 -10.691 -1.010  1.00 22.52 ? 217 HOH A O     1 
HETATM 1411 O  O     . HOH H 6 .   ? -2.713  20.325  4.393   1.00 25.08 ? 218 HOH A O     1 
HETATM 1412 O  O     . HOH H 6 .   ? 11.158  -0.889  -1.308  1.00 24.55 ? 219 HOH A O     1 
HETATM 1413 O  O     . HOH H 6 .   ? -10.648 12.764  3.011   1.00 25.95 ? 220 HOH A O     1 
HETATM 1414 O  O     . HOH H 6 .   ? 4.237   16.727  6.106   1.00 25.44 ? 221 HOH A O     1 
HETATM 1415 O  O     . HOH H 6 .   ? -7.118  -5.259  11.097  1.00 25.98 ? 222 HOH A O     1 
HETATM 1416 O  O     . HOH H 6 .   ? -21.476 -3.326  -1.808  1.00 32.53 ? 223 HOH A O     1 
HETATM 1417 O  O     . HOH H 6 .   ? 13.663  9.364   1.232   1.00 21.15 ? 224 HOH A O     1 
HETATM 1418 O  O     . HOH H 6 .   ? -14.177 -1.314  13.032  1.00 31.83 ? 225 HOH A O     1 
HETATM 1419 O  O     . HOH H 6 .   ? -1.733  20.007  10.397  1.00 30.64 ? 226 HOH A O     1 
HETATM 1420 O  O     . HOH H 6 .   ? 13.249  11.484  -0.368  1.00 23.97 ? 227 HOH A O     1 
HETATM 1421 O  O     . HOH H 6 .   ? 14.092  3.255   11.327  1.00 27.33 ? 228 HOH A O     1 
HETATM 1422 O  O     . HOH H 6 .   ? 12.514  9.593   3.766   1.00 22.78 ? 229 HOH A O     1 
HETATM 1423 O  O     . HOH H 6 .   ? 5.412   7.945   -9.241  1.00 27.76 ? 230 HOH A O     1 
HETATM 1424 O  O     . HOH H 6 .   ? -0.528  -11.335 -2.517  1.00 24.14 ? 231 HOH A O     1 
HETATM 1425 O  O     . HOH H 6 .   ? -0.978  -11.518 -6.627  1.00 28.35 ? 232 HOH A O     1 
HETATM 1426 O  O     . HOH H 6 .   ? -0.575  17.590  14.431  1.00 25.02 ? 233 HOH A O     1 
HETATM 1427 O  O     . HOH H 6 .   ? -14.268 -11.201 -7.496  1.00 23.42 ? 234 HOH A O     1 
HETATM 1428 O  O     . HOH H 6 .   ? -2.279  -17.277 -0.418  1.00 24.49 ? 235 HOH A O     1 
HETATM 1429 O  O     . HOH H 6 .   ? 7.143   12.815  9.856   1.00 27.92 ? 236 HOH A O     1 
HETATM 1430 O  O     . HOH H 6 .   ? 3.729   14.529  4.495   1.00 24.60 ? 237 HOH A O     1 
HETATM 1431 O  O     . HOH H 6 .   ? -16.500 -4.336  -6.700  1.00 22.62 ? 238 HOH A O     1 
HETATM 1432 O  O     . HOH H 6 .   ? 8.776   -4.457  -17.997 0.50 24.70 ? 239 HOH A O     1 
HETATM 1433 O  O     . HOH H 6 .   ? -0.090  11.667  16.133  1.00 24.48 ? 240 HOH A O     1 
HETATM 1434 O  O     . HOH H 6 .   ? -0.431  -12.673 3.897   1.00 26.83 ? 241 HOH A O     1 
HETATM 1435 O  O     . HOH H 6 .   ? 11.691  -14.450 3.262   1.00 29.17 ? 242 HOH A O     1 
HETATM 1436 O  O     . HOH H 6 .   ? 15.295  -14.004 12.669  1.00 27.17 ? 243 HOH A O     1 
HETATM 1437 O  O     . HOH H 6 .   ? -2.022  -6.378  14.943  1.00 29.35 ? 244 HOH A O     1 
HETATM 1438 O  O     . HOH H 6 .   ? 7.942   14.016  0.483   1.00 22.85 ? 245 HOH A O     1 
HETATM 1439 O  O     . HOH H 6 .   ? -5.814  -2.454  14.492  1.00 27.37 ? 246 HOH A O     1 
HETATM 1440 O  O     . HOH H 6 .   ? -4.770  8.653   -9.945  1.00 34.18 ? 247 HOH A O     1 
HETATM 1441 O  O     . HOH H 6 .   ? 13.972  -12.869 15.905  1.00 29.60 ? 248 HOH A O     1 
HETATM 1442 O  O     . HOH H 6 .   ? -11.736 10.783  12.151  1.00 26.11 ? 249 HOH A O     1 
HETATM 1443 O  O     . HOH H 6 .   ? 8.675   11.814  7.571   0.50 25.65 ? 250 HOH A O     1 
HETATM 1444 O  O     . HOH H 6 .   ? -16.892 9.086   -8.553  0.50 23.41 ? 251 HOH A O     1 
HETATM 1445 O  O     . HOH H 6 .   ? 15.771  0.066   12.661  1.00 28.06 ? 252 HOH A O     1 
HETATM 1446 O  O     . HOH H 6 .   ? 16.382  4.571   2.850   1.00 29.01 ? 253 HOH A O     1 
HETATM 1447 O  O     . HOH H 6 .   ? 8.038   -10.083 -5.855  1.00 28.23 ? 254 HOH A O     1 
HETATM 1448 O  O     . HOH H 6 .   ? 15.392  -8.276  -0.498  1.00 32.81 ? 255 HOH A O     1 
HETATM 1449 O  O     . HOH H 6 .   ? -10.374 3.731   12.962  1.00 28.01 ? 256 HOH A O     1 
HETATM 1450 O  O     . HOH H 6 .   ? 5.263   18.464  -1.419  1.00 29.88 ? 257 HOH A O     1 
HETATM 1451 O  O     . HOH H 6 .   ? -4.358  10.908  -8.295  1.00 26.72 ? 258 HOH A O     1 
HETATM 1452 O  O     . HOH H 6 .   ? -20.032 5.284   7.083   1.00 27.72 ? 259 HOH A O     1 
HETATM 1453 O  O     . HOH H 6 .   ? -12.608 5.921   -12.984 1.00 26.96 ? 260 HOH A O     1 
HETATM 1454 O  O     . HOH H 6 .   ? 12.964  2.190   -0.113  1.00 30.23 ? 261 HOH A O     1 
HETATM 1455 O  O     . HOH H 6 .   ? -1.636  0.671   -16.257 1.00 30.28 ? 262 HOH A O     1 
HETATM 1456 O  O     . HOH H 6 .   ? 5.010   0.044   16.617  1.00 40.56 ? 263 HOH A O     1 
HETATM 1457 O  O     . HOH H 6 .   ? 9.775   13.311  -2.037  1.00 28.33 ? 264 HOH A O     1 
HETATM 1458 O  O     . HOH H 6 .   ? 9.582   -5.404  16.116  1.00 29.03 ? 265 HOH A O     1 
HETATM 1459 O  O     . HOH H 6 .   ? -6.432  16.020  10.951  1.00 30.76 ? 266 HOH A O     1 
HETATM 1460 O  O     . HOH H 6 .   ? -2.585  -15.115 -3.805  1.00 33.35 ? 267 HOH A O     1 
HETATM 1461 O  O     . HOH H 6 .   ? 17.120  -10.321 2.043   1.00 32.98 ? 268 HOH A O     1 
HETATM 1462 O  O     . HOH H 6 .   ? -18.683 -5.751  -6.575  1.00 31.20 ? 269 HOH A O     1 
HETATM 1463 O  O     . HOH H 6 .   ? 13.344  7.879   -2.107  1.00 33.21 ? 270 HOH A O     1 
HETATM 1464 O  O     . HOH H 6 .   ? -0.316  21.450  2.487   1.00 29.66 ? 271 HOH A O     1 
HETATM 1465 O  O     . HOH H 6 .   ? -11.215 0.100   -12.169 1.00 26.37 ? 272 HOH A O     1 
HETATM 1466 O  O     . HOH H 6 .   ? -4.283  10.557  15.463  1.00 31.34 ? 273 HOH A O     1 
HETATM 1467 O  O     . HOH H 6 .   ? 14.370  -16.404 8.804   1.00 32.61 ? 274 HOH A O     1 
HETATM 1468 O  O     . HOH H 6 .   ? -4.070  14.613  14.967  1.00 32.04 ? 275 HOH A O     1 
HETATM 1469 O  O     . HOH H 6 .   ? 12.566  -10.712 0.659   1.00 32.30 ? 276 HOH A O     1 
HETATM 1470 O  O     . HOH H 6 .   ? -0.316  -18.213 -1.985  1.00 33.20 ? 277 HOH A O     1 
HETATM 1471 O  O     . HOH H 6 .   ? -17.097 11.146  9.280   1.00 29.10 ? 278 HOH A O     1 
HETATM 1472 O  O     . HOH H 6 .   ? -12.848 -13.052 -9.080  1.00 31.70 ? 279 HOH A O     1 
HETATM 1473 O  O     . HOH H 6 .   ? -9.677  -0.597  -9.771  1.00 26.26 ? 280 HOH A O     1 
HETATM 1474 O  O     . HOH H 6 .   ? 2.311   -20.296 -1.677  1.00 29.49 ? 281 HOH A O     1 
HETATM 1475 O  O     . HOH H 6 .   ? 12.665  12.034  -3.875  1.00 34.99 ? 282 HOH A O     1 
HETATM 1476 O  O     . HOH H 6 .   ? -12.618 4.882   14.033  1.00 33.03 ? 283 HOH A O     1 
HETATM 1477 O  O     . HOH H 6 .   ? -22.176 -4.069  0.791   1.00 29.25 ? 284 HOH A O     1 
HETATM 1478 O  O     . HOH H 6 .   ? -8.275  9.631   -7.673  1.00 34.22 ? 285 HOH A O     1 
HETATM 1479 O  O     . HOH H 6 .   ? -0.642  -1.058  16.180  1.00 35.24 ? 286 HOH A O     1 
HETATM 1480 O  O     . HOH H 6 .   ? 4.515   20.306  0.133   1.00 31.43 ? 287 HOH A O     1 
HETATM 1481 O  O     . HOH H 6 .   ? -9.639  13.889  8.800   1.00 34.33 ? 288 HOH A O     1 
HETATM 1482 O  O     . HOH H 6 .   ? -3.174  -13.121 3.940   0.50 30.06 ? 289 HOH A O     1 
HETATM 1483 O  O     . HOH H 6 .   ? 6.484   -2.484  13.663  1.00 35.53 ? 290 HOH A O     1 
HETATM 1484 O  O     . HOH H 6 .   ? 0.531   7.319   17.933  1.00 37.87 ? 291 HOH A O     1 
HETATM 1485 O  O     . HOH H 6 .   ? -1.567  17.020  -5.131  1.00 35.19 ? 292 HOH A O     1 
HETATM 1486 O  O     . HOH H 6 .   ? -17.505 4.103   7.172   1.00 30.32 ? 293 HOH A O     1 
HETATM 1487 O  O     . HOH H 6 .   ? -0.568  -15.406 -1.623  1.00 33.81 ? 294 HOH A O     1 
HETATM 1488 O  O     . HOH H 6 .   ? 6.550   -6.266  15.475  1.00 31.50 ? 295 HOH A O     1 
HETATM 1489 O  O     . HOH H 6 .   ? -12.112 11.705  -6.104  1.00 30.64 ? 296 HOH A O     1 
HETATM 1490 O  O     . HOH H 6 .   ? -16.385 11.681  6.546   1.00 29.28 ? 297 HOH A O     1 
HETATM 1491 O  O     . HOH H 6 .   ? 7.734   15.777  -1.309  1.00 33.46 ? 298 HOH A O     1 
HETATM 1492 O  O     . HOH H 6 .   ? -6.443  -13.890 -9.760  1.00 36.50 ? 299 HOH A O     1 
HETATM 1493 O  O     . HOH H 6 .   ? -1.041  8.791   16.093  1.00 33.13 ? 300 HOH A O     1 
HETATM 1494 O  O     . HOH H 6 .   ? -7.301  10.892  -5.585  1.00 32.10 ? 301 HOH A O     1 
HETATM 1495 O  O     . HOH H 6 .   ? -12.440 11.869  -1.033  1.00 25.93 ? 302 HOH A O     1 
HETATM 1496 O  O     . HOH H 6 .   ? 0.276   -6.360  12.932  1.00 31.68 ? 303 HOH A O     1 
HETATM 1497 O  O     . HOH H 6 .   ? -15.043 -11.467 -2.156  1.00 30.07 ? 304 HOH A O     1 
HETATM 1498 O  O     . HOH H 6 .   ? -6.971  13.798  0.844   1.00 34.02 ? 305 HOH A O     1 
HETATM 1499 O  O     . HOH H 6 .   ? -2.850  -3.172  12.829  1.00 21.35 ? 306 HOH A O     1 
HETATM 1500 O  O     . HOH H 6 .   ? 5.251   15.035  8.387   0.50 29.40 ? 307 HOH A O     1 
HETATM 1501 O  O     . HOH H 6 .   ? -8.204  10.314  -1.492  1.00 28.42 ? 308 HOH A O     1 
HETATM 1502 O  O     . HOH H 6 .   ? -7.493  12.766  -2.678  1.00 34.52 ? 309 HOH A O     1 
HETATM 1503 O  O     . HOH H 6 .   ? 7.382   -0.245  12.703  1.00 33.42 ? 316 HOH A O     1 
HETATM 1504 O  O     . HOH H 6 .   ? -2.919  21.909  6.468   1.00 33.67 ? 324 HOH A O     1 
HETATM 1505 O  O     . HOH H 6 .   ? -19.771 -6.582  -4.257  1.00 33.61 ? 332 HOH A O     1 
HETATM 1506 O  O     . HOH H 6 .   ? 16.077  -0.447  -1.733  1.00 39.42 ? 333 HOH A O     1 
HETATM 1507 O  O     . HOH H 6 .   ? 14.763  3.242   -1.798  1.00 36.13 ? 342 HOH A O     1 
HETATM 1508 O  O     . HOH H 6 .   ? 13.157  1.867   -6.759  1.00 35.13 ? 343 HOH A O     1 
HETATM 1509 O  O     . HOH H 6 .   ? 4.884   -8.341  -19.434 1.00 35.34 ? 364 HOH A O     1 
HETATM 1510 O  O     . HOH H 6 .   ? 6.102   11.601  -14.941 1.00 39.09 ? 365 HOH A O     1 
HETATM 1511 O  O     . HOH H 6 .   ? -3.079  -14.530 -7.973  1.00 35.29 ? 366 HOH A O     1 
HETATM 1512 O  O     . HOH H 6 .   ? -2.168  8.037   -9.282  1.00 28.05 ? 367 HOH A O     1 
HETATM 1513 O  O     . HOH H 6 .   ? 0.117   10.354  -15.978 1.00 45.94 ? 368 HOH A O     1 
HETATM 1514 O  O     . HOH H 6 .   ? 8.673   -7.022  -17.899 1.00 29.73 ? 369 HOH A O     1 
HETATM 1515 O  O     . HOH H 6 .   ? 12.392  6.739   -13.214 1.00 39.12 ? 370 HOH A O     1 
HETATM 1516 O  O     . HOH H 6 .   ? 5.275   17.300  -4.977  1.00 35.85 ? 371 HOH A O     1 
HETATM 1517 O  O     . HOH H 6 .   ? 1.981   9.041   -10.038 1.00 28.83 ? 372 HOH A O     1 
HETATM 1518 O  O     . HOH H 6 .   ? 3.324   6.477   -8.763  1.00 25.79 ? 373 HOH A O     1 
HETATM 1519 O  O     . HOH H 6 .   ? 11.227  -13.025 0.691   1.00 36.47 ? 374 HOH A O     1 
HETATM 1520 O  O     . HOH H 6 .   ? 3.772   5.604   -21.280 1.00 46.09 ? 375 HOH A O     1 
HETATM 1521 O  O     . HOH H 6 .   ? 12.531  4.208   -7.491  1.00 33.42 ? 376 HOH A O     1 
HETATM 1522 O  O     . HOH H 6 .   ? 11.106  13.355  -10.275 1.00 41.70 ? 377 HOH A O     1 
HETATM 1523 O  O     . HOH H 6 .   ? 14.256  -16.724 12.971  1.00 34.08 ? 378 HOH A O     1 
HETATM 1524 O  O     . HOH H 6 .   ? -12.426 -12.208 -11.691 1.00 38.11 ? 379 HOH A O     1 
HETATM 1525 O  O     . HOH H 6 .   ? 14.455  1.855   -4.114  1.00 38.73 ? 380 HOH A O     1 
HETATM 1526 O  O     . HOH H 6 .   ? 14.487  -6.533  -9.178  1.00 42.56 ? 381 HOH A O     1 
HETATM 1527 O  O     . HOH H 6 .   ? 10.944  5.548   -9.179  1.00 28.37 ? 382 HOH A O     1 
HETATM 1528 O  O     . HOH H 6 .   ? 18.975  -2.418  11.178  1.00 40.73 ? 383 HOH A O     1 
HETATM 1529 O  O     . HOH H 6 .   ? 0.251   2.563   -13.039 1.00 31.07 ? 384 HOH A O     1 
HETATM 1530 O  O     . HOH H 6 .   ? 13.823  6.637   -4.615  1.00 40.76 ? 385 HOH A O     1 
HETATM 1531 O  O     . HOH H 6 .   ? -20.428 4.922   9.779   1.00 32.02 ? 386 HOH A O     1 
HETATM 1532 O  O     . HOH H 6 .   ? 11.071  0.193   -5.561  1.00 29.74 ? 387 HOH A O     1 
HETATM 1533 O  O     . HOH H 6 .   ? 7.507   -12.692 -5.480  1.00 33.02 ? 388 HOH A O     1 
HETATM 1534 O  O     . HOH H 6 .   ? 16.307  -14.752 10.084  1.00 35.53 ? 389 HOH A O     1 
HETATM 1535 O  O     . HOH H 6 .   ? 13.423  -12.534 18.502  1.00 40.59 ? 390 HOH A O     1 
HETATM 1536 O  O     . HOH H 6 .   ? 5.913   4.297   -15.501 1.00 31.26 ? 391 HOH A O     1 
HETATM 1537 O  O     . HOH H 6 .   ? -4.389  -12.449 -10.412 1.00 31.97 ? 392 HOH A O     1 
HETATM 1538 O  O     . HOH H 6 .   ? -2.444  10.681  17.145  1.00 38.36 ? 393 HOH A O     1 
HETATM 1539 O  O     . HOH H 6 .   ? 10.570  4.945   -14.111 1.00 30.03 ? 394 HOH A O     1 
HETATM 1540 O  O     . HOH H 6 .   ? 9.100   -13.326 -16.785 1.00 35.69 ? 395 HOH A O     1 
HETATM 1541 O  O     . HOH H 6 .   ? -6.218  15.063  -3.600  1.00 35.95 ? 396 HOH A O     1 
HETATM 1542 O  O     . HOH H 6 .   ? 15.111  5.442   -8.735  1.00 46.06 ? 397 HOH A O     1 
HETATM 1543 O  O     . HOH H 6 .   ? 8.369   -2.655  15.741  1.00 36.25 ? 398 HOH A O     1 
HETATM 1544 O  O     . HOH H 6 .   ? -13.680 11.739  -8.232  1.00 32.90 ? 399 HOH A O     1 
HETATM 1545 O  O     . HOH H 6 .   ? -1.923  19.610  -0.771  1.00 33.10 ? 400 HOH A O     1 
HETATM 1546 O  O     . HOH H 6 .   ? 12.111  -1.353  -3.745  1.00 28.98 ? 700 HOH A O     1 
HETATM 1547 O  O     . HOH H 6 .   ? 8.521   17.797  -2.389  1.00 34.46 ? 701 HOH A O     1 
# 
loop_
_pdbx_poly_seq_scheme.asym_id 
_pdbx_poly_seq_scheme.entity_id 
_pdbx_poly_seq_scheme.seq_id 
_pdbx_poly_seq_scheme.mon_id 
_pdbx_poly_seq_scheme.ndb_seq_num 
_pdbx_poly_seq_scheme.pdb_seq_num 
_pdbx_poly_seq_scheme.auth_seq_num 
_pdbx_poly_seq_scheme.pdb_mon_id 
_pdbx_poly_seq_scheme.auth_mon_id 
_pdbx_poly_seq_scheme.pdb_strand_id 
_pdbx_poly_seq_scheme.pdb_ins_code 
_pdbx_poly_seq_scheme.hetero 
A 1 1   MET 1   1   1   MET MET A . n 
A 1 2   THR 2   2   2   THR THR A . n 
A 1 3   GLU 3   3   3   GLU GLU A . n 
A 1 4   TYR 4   4   4   TYR TYR A . n 
A 1 5   LYS 5   5   5   LYS LYS A . n 
A 1 6   LEU 6   6   6   LEU LEU A . n 
A 1 7   VAL 7   7   7   VAL VAL A . n 
A 1 8   VAL 8   8   8   VAL VAL A . n 
A 1 9   VAL 9   9   9   VAL VAL A . n 
A 1 10  GLY 10  10  10  GLY GLY A . n 
A 1 11  ALA 11  11  11  ALA ALA A . n 
A 1 12  GLY 12  12  12  GLY GLY A . n 
A 1 13  GLY 13  13  13  GLY GLY A . n 
A 1 14  VAL 14  14  14  VAL VAL A . n 
A 1 15  GLY 15  15  15  GLY GLY A . n 
A 1 16  LYS 16  16  16  LYS LYS A . n 
A 1 17  SER 17  17  17  SER SER A . n 
A 1 18  ALA 18  18  18  ALA ALA A . n 
A 1 19  LEU 19  19  19  LEU LEU A . n 
A 1 20  THR 20  20  20  THR THR A . n 
A 1 21  ILE 21  21  21  ILE ILE A . n 
A 1 22  GLN 22  22  22  GLN GLN A . n 
A 1 23  LEU 23  23  23  LEU LEU A . n 
A 1 24  ILE 24  24  24  ILE ILE A . n 
A 1 25  GLN 25  25  25  GLN GLN A . n 
A 1 26  ASN 26  26  26  ASN ASN A . n 
A 1 27  HIS 27  27  27  HIS HIS A . n 
A 1 28  PHE 28  28  28  PHE PHE A . n 
A 1 29  VAL 29  29  29  VAL VAL A . n 
A 1 30  ASP 30  30  30  ASP ASP A . n 
A 1 31  GLU 31  31  31  GLU GLU A . n 
A 1 32  TYR 32  32  32  TYR TYR A . n 
A 1 33  ASP 33  33  33  ASP ASP A . n 
A 1 34  PRO 34  34  34  PRO PRO A . n 
A 1 35  THR 35  35  35  THR THR A . n 
A 1 36  ILE 36  36  36  ILE ILE A . n 
A 1 37  GLU 37  37  37  GLU GLU A . n 
A 1 38  ASP 38  38  38  ASP ASP A . n 
A 1 39  SER 39  39  39  SER SER A . n 
A 1 40  TYR 40  40  40  TYR TYR A . n 
A 1 41  ARG 41  41  41  ARG ARG A . n 
A 1 42  LYS 42  42  42  LYS LYS A . n 
A 1 43  GLN 43  43  43  GLN GLN A . n 
A 1 44  VAL 44  44  44  VAL VAL A . n 
A 1 45  VAL 45  45  45  VAL VAL A . n 
A 1 46  ILE 46  46  46  ILE ILE A . n 
A 1 47  ASP 47  47  47  ASP ASP A . n 
A 1 48  GLY 48  48  48  GLY GLY A . n 
A 1 49  GLU 49  49  49  GLU GLU A . n 
A 1 50  THR 50  50  50  THR THR A . n 
A 1 51  CYS 51  51  51  CYS CYS A . n 
A 1 52  LEU 52  52  52  LEU LEU A . n 
A 1 53  LEU 53  53  53  LEU LEU A . n 
A 1 54  ASP 54  54  54  ASP ASP A . n 
A 1 55  ILE 55  55  55  ILE ILE A . n 
A 1 56  LEU 56  56  56  LEU LEU A . n 
A 1 57  ASP 57  57  57  ASP ASP A . n 
A 1 58  THR 58  58  58  THR THR A . n 
A 1 59  ALA 59  59  59  ALA ALA A . n 
A 1 60  GLY 60  60  60  GLY GLY A . n 
A 1 61  GLN 61  61  61  GLN GLN A . n 
A 1 62  GLU 62  62  62  GLU GLU A . n 
A 1 63  GLU 63  63  63  GLU GLU A . n 
A 1 64  TYR 64  64  64  TYR TYR A . n 
A 1 65  SER 65  65  65  SER SER A . n 
A 1 66  ALA 66  66  66  ALA ALA A . n 
A 1 67  MET 67  67  67  MET MET A . n 
A 1 68  ARG 68  68  68  ARG ARG A . n 
A 1 69  ASP 69  69  69  ASP ASP A . n 
A 1 70  GLN 70  70  70  GLN GLN A . n 
A 1 71  TYR 71  71  71  TYR TYR A . n 
A 1 72  MET 72  72  72  MET MET A . n 
A 1 73  ARG 73  73  73  ARG ARG A . n 
A 1 74  THR 74  74  74  THR THR A . n 
A 1 75  GLY 75  75  75  GLY GLY A . n 
A 1 76  GLU 76  76  76  GLU GLU A . n 
A 1 77  GLY 77  77  77  GLY GLY A . n 
A 1 78  PHE 78  78  78  PHE PHE A . n 
A 1 79  LEU 79  79  79  LEU LEU A . n 
A 1 80  CYS 80  80  80  CYS CYS A . n 
A 1 81  VAL 81  81  81  VAL VAL A . n 
A 1 82  PHE 82  82  82  PHE PHE A . n 
A 1 83  ALA 83  83  83  ALA ALA A . n 
A 1 84  ILE 84  84  84  ILE ILE A . n 
A 1 85  ASN 85  85  85  ASN ASN A . n 
A 1 86  ASN 86  86  86  ASN ASN A . n 
A 1 87  THR 87  87  87  THR THR A . n 
A 1 88  LYS 88  88  88  LYS LYS A . n 
A 1 89  SER 89  89  89  SER SER A . n 
A 1 90  PHE 90  90  90  PHE PHE A . n 
A 1 91  GLU 91  91  91  GLU GLU A . n 
A 1 92  ASP 92  92  92  ASP ASP A . n 
A 1 93  ILE 93  93  93  ILE ILE A . n 
A 1 94  HIS 94  94  94  HIS HIS A . n 
A 1 95  GLN 95  95  95  GLN GLN A . n 
A 1 96  TYR 96  96  96  TYR TYR A . n 
A 1 97  ARG 97  97  97  ARG ARG A . n 
A 1 98  GLU 98  98  98  GLU GLU A . n 
A 1 99  GLN 99  99  99  GLN GLN A . n 
A 1 100 ILE 100 100 100 ILE ILE A . n 
A 1 101 LYS 101 101 101 LYS LYS A . n 
A 1 102 ARG 102 102 102 ARG ARG A . n 
A 1 103 VAL 103 103 103 VAL VAL A . n 
A 1 104 LYS 104 104 104 LYS LYS A . n 
A 1 105 ASP 105 105 105 ASP ASP A . n 
A 1 106 SER 106 106 106 SER SER A . n 
A 1 107 ASP 107 107 107 ASP ASP A . n 
A 1 108 ASP 108 108 108 ASP ASP A . n 
A 1 109 VAL 109 109 109 VAL VAL A . n 
A 1 110 PRO 110 110 110 PRO PRO A . n 
A 1 111 MET 111 111 111 MET MET A . n 
A 1 112 VAL 112 112 112 VAL VAL A . n 
A 1 113 LEU 113 113 113 LEU LEU A . n 
A 1 114 VAL 114 114 114 VAL VAL A . n 
A 1 115 GLY 115 115 115 GLY GLY A . n 
A 1 116 ASN 116 116 116 ASN ASN A . n 
A 1 117 LYS 117 117 117 LYS LYS A . n 
A 1 118 CYS 118 118 118 CYS CYS A . n 
A 1 119 ASP 119 119 119 ASP ASP A . n 
A 1 120 LEU 120 120 120 LEU LEU A . n 
A 1 121 ALA 121 121 121 ALA ALA A . n 
A 1 122 ALA 122 122 122 ALA ALA A . n 
A 1 123 ARG 123 123 123 ARG ARG A . n 
A 1 124 THR 124 124 124 THR THR A . n 
A 1 125 VAL 125 125 125 VAL VAL A . n 
A 1 126 GLU 126 126 126 GLU GLU A . n 
A 1 127 SER 127 127 127 SER SER A . n 
A 1 128 ARG 128 128 128 ARG ARG A . n 
A 1 129 GLN 129 129 129 GLN GLN A . n 
A 1 130 ALA 130 130 130 ALA ALA A . n 
A 1 131 GLN 131 131 131 GLN GLN A . n 
A 1 132 ASP 132 132 132 ASP ASP A . n 
A 1 133 LEU 133 133 133 LEU LEU A . n 
A 1 134 ALA 134 134 134 ALA ALA A . n 
A 1 135 ARG 135 135 135 ARG ARG A . n 
A 1 136 SER 136 136 136 SER SER A . n 
A 1 137 TYR 137 137 137 TYR TYR A . n 
A 1 138 GLY 138 138 138 GLY GLY A . n 
A 1 139 ILE 139 139 139 ILE ILE A . n 
A 1 140 PRO 140 140 140 PRO PRO A . n 
A 1 141 TYR 141 141 141 TYR TYR A . n 
A 1 142 ILE 142 142 142 ILE ILE A . n 
A 1 143 GLU 143 143 143 GLU GLU A . n 
A 1 144 THR 144 144 144 THR THR A . n 
A 1 145 SER 145 145 145 SER SER A . n 
A 1 146 ALA 146 146 146 ALA ALA A . n 
A 1 147 LYS 147 147 147 LYS LYS A . n 
A 1 148 THR 148 148 148 THR THR A . n 
A 1 149 ARG 149 149 149 ARG ARG A . n 
A 1 150 GLN 150 150 150 GLN GLN A . n 
A 1 151 GLY 151 151 151 GLY GLY A . n 
A 1 152 VAL 152 152 152 VAL VAL A . n 
A 1 153 GLU 153 153 153 GLU GLU A . n 
A 1 154 ASP 154 154 154 ASP ASP A . n 
A 1 155 ALA 155 155 155 ALA ALA A . n 
A 1 156 PHE 156 156 156 PHE PHE A . n 
A 1 157 TYR 157 157 157 TYR TYR A . n 
A 1 158 THR 158 158 158 THR THR A . n 
A 1 159 LEU 159 159 159 LEU LEU A . n 
A 1 160 VAL 160 160 160 VAL VAL A . n 
A 1 161 ARG 161 161 161 ARG ARG A . n 
A 1 162 GLU 162 162 162 GLU GLU A . n 
A 1 163 ILE 163 163 163 ILE ILE A . n 
A 1 164 ARG 164 164 164 ARG ARG A . n 
A 1 165 GLN 165 165 165 GLN GLN A . n 
A 1 166 HIS 166 166 166 HIS HIS A . n 
# 
loop_
_pdbx_nonpoly_scheme.asym_id 
_pdbx_nonpoly_scheme.entity_id 
_pdbx_nonpoly_scheme.mon_id 
_pdbx_nonpoly_scheme.ndb_seq_num 
_pdbx_nonpoly_scheme.pdb_seq_num 
_pdbx_nonpoly_scheme.auth_seq_num 
_pdbx_nonpoly_scheme.pdb_mon_id 
_pdbx_nonpoly_scheme.auth_mon_id 
_pdbx_nonpoly_scheme.pdb_strand_id 
_pdbx_nonpoly_scheme.pdb_ins_code 
B 2 GNP 1   528 528 GNP GNP A . 
C 3 CA  1   167 1   CA  CA  A . 
D 4 MG  1   168 2   MG  MG  A . 
E 3 CA  1   169 3   CA  CA  A . 
F 4 MG  1   170 4   MG  MG  A . 
G 5 ACT 1   719 719 ACT ACT A . 
H 6 HOH 1   171 171 HOH HOH A . 
H 6 HOH 2   172 2   HOH HOH A . 
H 6 HOH 3   173 3   HOH HOH A . 
H 6 HOH 4   174 174 HOH HOH A . 
H 6 HOH 5   175 175 HOH HOH A . 
H 6 HOH 6   176 176 HOH HOH A . 
H 6 HOH 7   177 6   HOH HOH A . 
H 6 HOH 8   178 66  HOH HOH A . 
H 6 HOH 9   179 24  HOH HOH A . 
H 6 HOH 10  180 1   HOH HOH A . 
H 6 HOH 11  181 35  HOH HOH A . 
H 6 HOH 12  182 48  HOH HOH A . 
H 6 HOH 13  183 183 HOH HOH A . 
H 6 HOH 14  184 10  HOH HOH A . 
H 6 HOH 15  185 185 HOH HOH A . 
H 6 HOH 16  186 186 HOH HOH A . 
H 6 HOH 17  187 187 HOH HOH A . 
H 6 HOH 18  188 188 HOH HOH A . 
H 6 HOH 19  189 189 HOH HOH A . 
H 6 HOH 20  190 190 HOH HOH A . 
H 6 HOH 21  191 4   HOH HOH A . 
H 6 HOH 22  192 5   HOH HOH A . 
H 6 HOH 23  193 97  HOH HOH A . 
H 6 HOH 24  194 194 HOH HOH A . 
H 6 HOH 25  195 38  HOH HOH A . 
H 6 HOH 26  196 196 HOH HOH A . 
H 6 HOH 27  197 197 HOH HOH A . 
H 6 HOH 28  198 23  HOH HOH A . 
H 6 HOH 29  199 199 HOH HOH A . 
H 6 HOH 30  200 51  HOH HOH A . 
H 6 HOH 31  201 37  HOH HOH A . 
H 6 HOH 32  202 202 HOH HOH A . 
H 6 HOH 33  203 20  HOH HOH A . 
H 6 HOH 34  204 52  HOH HOH A . 
H 6 HOH 35  205 205 HOH HOH A . 
H 6 HOH 36  206 60  HOH HOH A . 
H 6 HOH 37  207 16  HOH HOH A . 
H 6 HOH 38  208 7   HOH HOH A . 
H 6 HOH 39  209 32  HOH HOH A . 
H 6 HOH 40  210 72  HOH HOH A . 
H 6 HOH 41  211 21  HOH HOH A . 
H 6 HOH 42  212 12  HOH HOH A . 
H 6 HOH 43  213 45  HOH HOH A . 
H 6 HOH 44  214 33  HOH HOH A . 
H 6 HOH 45  215 78  HOH HOH A . 
H 6 HOH 46  216 216 HOH HOH A . 
H 6 HOH 47  217 69  HOH HOH A . 
H 6 HOH 48  218 29  HOH HOH A . 
H 6 HOH 49  219 89  HOH HOH A . 
H 6 HOH 50  220 47  HOH HOH A . 
H 6 HOH 51  221 26  HOH HOH A . 
H 6 HOH 52  222 63  HOH HOH A . 
H 6 HOH 53  223 223 HOH HOH A . 
H 6 HOH 54  224 43  HOH HOH A . 
H 6 HOH 55  225 225 HOH HOH A . 
H 6 HOH 56  226 226 HOH HOH A . 
H 6 HOH 57  227 59  HOH HOH A . 
H 6 HOH 58  228 79  HOH HOH A . 
H 6 HOH 59  229 57  HOH HOH A . 
H 6 HOH 60  230 230 HOH HOH A . 
H 6 HOH 61  231 14  HOH HOH A . 
H 6 HOH 62  232 82  HOH HOH A . 
H 6 HOH 63  233 128 HOH HOH A . 
H 6 HOH 64  234 36  HOH HOH A . 
H 6 HOH 65  235 100 HOH HOH A . 
H 6 HOH 66  236 104 HOH HOH A . 
H 6 HOH 67  237 39  HOH HOH A . 
H 6 HOH 68  238 80  HOH HOH A . 
H 6 HOH 69  239 160 HOH HOH A . 
H 6 HOH 70  240 17  HOH HOH A . 
H 6 HOH 71  241 41  HOH HOH A . 
H 6 HOH 72  242 158 HOH HOH A . 
H 6 HOH 73  243 46  HOH HOH A . 
H 6 HOH 74  244 119 HOH HOH A . 
H 6 HOH 75  245 34  HOH HOH A . 
H 6 HOH 76  246 15  HOH HOH A . 
H 6 HOH 77  247 28  HOH HOH A . 
H 6 HOH 78  248 84  HOH HOH A . 
H 6 HOH 79  249 11  HOH HOH A . 
H 6 HOH 80  250 152 HOH HOH A . 
H 6 HOH 81  251 50  HOH HOH A . 
H 6 HOH 82  252 19  HOH HOH A . 
H 6 HOH 83  253 42  HOH HOH A . 
H 6 HOH 84  254 254 HOH HOH A . 
H 6 HOH 85  255 22  HOH HOH A . 
H 6 HOH 86  256 73  HOH HOH A . 
H 6 HOH 87  257 30  HOH HOH A . 
H 6 HOH 88  258 9   HOH HOH A . 
H 6 HOH 89  259 58  HOH HOH A . 
H 6 HOH 90  260 76  HOH HOH A . 
H 6 HOH 91  261 156 HOH HOH A . 
H 6 HOH 92  262 53  HOH HOH A . 
H 6 HOH 93  263 263 HOH HOH A . 
H 6 HOH 94  264 31  HOH HOH A . 
H 6 HOH 95  265 18  HOH HOH A . 
H 6 HOH 96  266 115 HOH HOH A . 
H 6 HOH 97  267 149 HOH HOH A . 
H 6 HOH 98  268 142 HOH HOH A . 
H 6 HOH 99  269 77  HOH HOH A . 
H 6 HOH 100 270 270 HOH HOH A . 
H 6 HOH 101 271 140 HOH HOH A . 
H 6 HOH 102 272 54  HOH HOH A . 
H 6 HOH 103 273 108 HOH HOH A . 
H 6 HOH 104 274 116 HOH HOH A . 
H 6 HOH 105 275 65  HOH HOH A . 
H 6 HOH 106 276 143 HOH HOH A . 
H 6 HOH 107 277 153 HOH HOH A . 
H 6 HOH 108 278 99  HOH HOH A . 
H 6 HOH 109 279 74  HOH HOH A . 
H 6 HOH 110 280 27  HOH HOH A . 
H 6 HOH 111 281 129 HOH HOH A . 
H 6 HOH 112 282 98  HOH HOH A . 
H 6 HOH 113 283 91  HOH HOH A . 
H 6 HOH 114 284 137 HOH HOH A . 
H 6 HOH 115 285 138 HOH HOH A . 
H 6 HOH 116 286 40  HOH HOH A . 
H 6 HOH 117 287 44  HOH HOH A . 
H 6 HOH 118 288 25  HOH HOH A . 
H 6 HOH 119 289 94  HOH HOH A . 
H 6 HOH 120 290 87  HOH HOH A . 
H 6 HOH 121 291 139 HOH HOH A . 
H 6 HOH 122 292 113 HOH HOH A . 
H 6 HOH 123 293 49  HOH HOH A . 
H 6 HOH 124 294 147 HOH HOH A . 
H 6 HOH 125 295 68  HOH HOH A . 
H 6 HOH 126 296 90  HOH HOH A . 
H 6 HOH 127 297 96  HOH HOH A . 
H 6 HOH 128 298 120 HOH HOH A . 
H 6 HOH 129 299 141 HOH HOH A . 
H 6 HOH 130 300 86  HOH HOH A . 
H 6 HOH 131 301 103 HOH HOH A . 
H 6 HOH 132 302 71  HOH HOH A . 
H 6 HOH 133 303 122 HOH HOH A . 
H 6 HOH 134 304 155 HOH HOH A . 
H 6 HOH 135 305 111 HOH HOH A . 
H 6 HOH 136 306 8   HOH HOH A . 
H 6 HOH 137 307 126 HOH HOH A . 
H 6 HOH 138 308 101 HOH HOH A . 
H 6 HOH 139 309 162 HOH HOH A . 
H 6 HOH 140 316 316 HOH HOH A . 
H 6 HOH 141 324 324 HOH HOH A . 
H 6 HOH 142 332 332 HOH HOH A . 
H 6 HOH 143 333 333 HOH HOH A . 
H 6 HOH 144 342 342 HOH HOH A . 
H 6 HOH 145 343 343 HOH HOH A . 
H 6 HOH 146 364 364 HOH HOH A . 
H 6 HOH 147 365 365 HOH HOH A . 
H 6 HOH 148 366 366 HOH HOH A . 
H 6 HOH 149 367 367 HOH HOH A . 
H 6 HOH 150 368 368 HOH HOH A . 
H 6 HOH 151 369 369 HOH HOH A . 
H 6 HOH 152 370 370 HOH HOH A . 
H 6 HOH 153 371 371 HOH HOH A . 
H 6 HOH 154 372 372 HOH HOH A . 
H 6 HOH 155 373 373 HOH HOH A . 
H 6 HOH 156 374 374 HOH HOH A . 
H 6 HOH 157 375 375 HOH HOH A . 
H 6 HOH 158 376 376 HOH HOH A . 
H 6 HOH 159 377 377 HOH HOH A . 
H 6 HOH 160 378 378 HOH HOH A . 
H 6 HOH 161 379 379 HOH HOH A . 
H 6 HOH 162 380 380 HOH HOH A . 
H 6 HOH 163 381 381 HOH HOH A . 
H 6 HOH 164 382 382 HOH HOH A . 
H 6 HOH 165 383 383 HOH HOH A . 
H 6 HOH 166 384 384 HOH HOH A . 
H 6 HOH 167 385 385 HOH HOH A . 
H 6 HOH 168 386 386 HOH HOH A . 
H 6 HOH 169 387 387 HOH HOH A . 
H 6 HOH 170 388 388 HOH HOH A . 
H 6 HOH 171 389 389 HOH HOH A . 
H 6 HOH 172 390 390 HOH HOH A . 
H 6 HOH 173 391 391 HOH HOH A . 
H 6 HOH 174 392 392 HOH HOH A . 
H 6 HOH 175 393 393 HOH HOH A . 
H 6 HOH 176 394 394 HOH HOH A . 
H 6 HOH 177 395 395 HOH HOH A . 
H 6 HOH 178 396 396 HOH HOH A . 
H 6 HOH 179 397 397 HOH HOH A . 
H 6 HOH 180 398 398 HOH HOH A . 
H 6 HOH 181 399 399 HOH HOH A . 
H 6 HOH 182 400 400 HOH HOH A . 
H 6 HOH 183 700 700 HOH HOH A . 
H 6 HOH 184 701 701 HOH HOH A . 
# 
_pdbx_struct_assembly.id                   1 
_pdbx_struct_assembly.details              author_and_software_defined_assembly 
_pdbx_struct_assembly.method_details       PISA 
_pdbx_struct_assembly.oligomeric_details   monomeric 
_pdbx_struct_assembly.oligomeric_count     1 
# 
_pdbx_struct_assembly_gen.assembly_id       1 
_pdbx_struct_assembly_gen.oper_expression   1 
_pdbx_struct_assembly_gen.asym_id_list      A,B,C,D,E,F,G,H 
# 
_pdbx_struct_oper_list.id                   1 
_pdbx_struct_oper_list.type                 'identity operation' 
_pdbx_struct_oper_list.name                 1_555 
_pdbx_struct_oper_list.symmetry_operation   x,y,z 
_pdbx_struct_oper_list.matrix[1][1]         1.0000000000 
_pdbx_struct_oper_list.matrix[1][2]         0.0000000000 
_pdbx_struct_oper_list.matrix[1][3]         0.0000000000 
_pdbx_struct_oper_list.vector[1]            0.0000000000 
_pdbx_struct_oper_list.matrix[2][1]         0.0000000000 
_pdbx_struct_oper_list.matrix[2][2]         1.0000000000 
_pdbx_struct_oper_list.matrix[2][3]         0.0000000000 
_pdbx_struct_oper_list.vector[2]            0.0000000000 
_pdbx_struct_oper_list.matrix[3][1]         0.0000000000 
_pdbx_struct_oper_list.matrix[3][2]         0.0000000000 
_pdbx_struct_oper_list.matrix[3][3]         1.0000000000 
_pdbx_struct_oper_list.vector[3]            0.0000000000 
# 
loop_
_pdbx_struct_special_symmetry.id 
_pdbx_struct_special_symmetry.PDB_model_num 
_pdbx_struct_special_symmetry.auth_asym_id 
_pdbx_struct_special_symmetry.auth_comp_id 
_pdbx_struct_special_symmetry.auth_seq_id 
_pdbx_struct_special_symmetry.PDB_ins_code 
_pdbx_struct_special_symmetry.label_asym_id 
_pdbx_struct_special_symmetry.label_comp_id 
_pdbx_struct_special_symmetry.label_seq_id 
1 1 A MG  170 ? F MG  . 
2 1 A HOH 239 ? H HOH . 
3 1 A HOH 250 ? H HOH . 
4 1 A HOH 251 ? H HOH . 
5 1 A HOH 289 ? H HOH . 
6 1 A HOH 307 ? H HOH . 
# 
loop_
_pdbx_struct_conn_angle.id 
_pdbx_struct_conn_angle.ptnr1_label_atom_id 
_pdbx_struct_conn_angle.ptnr1_label_alt_id 
_pdbx_struct_conn_angle.ptnr1_label_asym_id 
_pdbx_struct_conn_angle.ptnr1_label_comp_id 
_pdbx_struct_conn_angle.ptnr1_label_seq_id 
_pdbx_struct_conn_angle.ptnr1_auth_atom_id 
_pdbx_struct_conn_angle.ptnr1_auth_asym_id 
_pdbx_struct_conn_angle.ptnr1_auth_comp_id 
_pdbx_struct_conn_angle.ptnr1_auth_seq_id 
_pdbx_struct_conn_angle.ptnr1_PDB_ins_code 
_pdbx_struct_conn_angle.ptnr1_symmetry 
_pdbx_struct_conn_angle.ptnr2_label_atom_id 
_pdbx_struct_conn_angle.ptnr2_label_alt_id 
_pdbx_struct_conn_angle.ptnr2_label_asym_id 
_pdbx_struct_conn_angle.ptnr2_label_comp_id 
_pdbx_struct_conn_angle.ptnr2_label_seq_id 
_pdbx_struct_conn_angle.ptnr2_auth_atom_id 
_pdbx_struct_conn_angle.ptnr2_auth_asym_id 
_pdbx_struct_conn_angle.ptnr2_auth_comp_id 
_pdbx_struct_conn_angle.ptnr2_auth_seq_id 
_pdbx_struct_conn_angle.ptnr2_PDB_ins_code 
_pdbx_struct_conn_angle.ptnr2_symmetry 
_pdbx_struct_conn_angle.ptnr3_label_atom_id 
_pdbx_struct_conn_angle.ptnr3_label_alt_id 
_pdbx_struct_conn_angle.ptnr3_label_asym_id 
_pdbx_struct_conn_angle.ptnr3_label_comp_id 
_pdbx_struct_conn_angle.ptnr3_label_seq_id 
_pdbx_struct_conn_angle.ptnr3_auth_atom_id 
_pdbx_struct_conn_angle.ptnr3_auth_asym_id 
_pdbx_struct_conn_angle.ptnr3_auth_comp_id 
_pdbx_struct_conn_angle.ptnr3_auth_seq_id 
_pdbx_struct_conn_angle.ptnr3_PDB_ins_code 
_pdbx_struct_conn_angle.ptnr3_symmetry 
_pdbx_struct_conn_angle.value 
_pdbx_struct_conn_angle.value_esd 
1  OG  ? A SER 17  ? A SER 17  ? 1_555 MG ? D MG . ? A MG 168 ? 1_555 OG1 ? A THR 35  ? A THR 35  ? 1_555 81.8  ? 
2  OG  ? A SER 17  ? A SER 17  ? 1_555 MG ? D MG . ? A MG 168 ? 1_555 O   ? H HOH .   ? A HOH 172 ? 1_555 89.1  ? 
3  OG1 ? A THR 35  ? A THR 35  ? 1_555 MG ? D MG . ? A MG 168 ? 1_555 O   ? H HOH .   ? A HOH 172 ? 1_555 88.2  ? 
4  OG  ? A SER 17  ? A SER 17  ? 1_555 MG ? D MG . ? A MG 168 ? 1_555 O   ? H HOH .   ? A HOH 173 ? 1_555 85.8  ? 
5  OG1 ? A THR 35  ? A THR 35  ? 1_555 MG ? D MG . ? A MG 168 ? 1_555 O   ? H HOH .   ? A HOH 173 ? 1_555 90.2  ? 
6  O   ? H HOH .   ? A HOH 172 ? 1_555 MG ? D MG . ? A MG 168 ? 1_555 O   ? H HOH .   ? A HOH 173 ? 1_555 174.8 ? 
7  OG  ? A SER 17  ? A SER 17  ? 1_555 MG ? D MG . ? A MG 168 ? 1_555 O2G ? B GNP .   ? A GNP 528 ? 1_555 171.4 ? 
8  OG1 ? A THR 35  ? A THR 35  ? 1_555 MG ? D MG . ? A MG 168 ? 1_555 O2G ? B GNP .   ? A GNP 528 ? 1_555 90.1  ? 
9  O   ? H HOH .   ? A HOH 172 ? 1_555 MG ? D MG . ? A MG 168 ? 1_555 O2G ? B GNP .   ? A GNP 528 ? 1_555 93.5  ? 
10 O   ? H HOH .   ? A HOH 173 ? 1_555 MG ? D MG . ? A MG 168 ? 1_555 O2G ? B GNP .   ? A GNP 528 ? 1_555 91.4  ? 
11 OG  ? A SER 17  ? A SER 17  ? 1_555 MG ? D MG . ? A MG 168 ? 1_555 O2B ? B GNP .   ? A GNP 528 ? 1_555 92.2  ? 
12 OG1 ? A THR 35  ? A THR 35  ? 1_555 MG ? D MG . ? A MG 168 ? 1_555 O2B ? B GNP .   ? A GNP 528 ? 1_555 173.6 ? 
13 O   ? H HOH .   ? A HOH 172 ? 1_555 MG ? D MG . ? A MG 168 ? 1_555 O2B ? B GNP .   ? A GNP 528 ? 1_555 89.5  ? 
14 O   ? H HOH .   ? A HOH 173 ? 1_555 MG ? D MG . ? A MG 168 ? 1_555 O2B ? B GNP .   ? A GNP 528 ? 1_555 91.7  ? 
15 O2G ? B GNP .   ? A GNP 528 ? 1_555 MG ? D MG . ? A MG 168 ? 1_555 O2B ? B GNP .   ? A GNP 528 ? 1_555 96.0  ? 
16 O   ? A PHE 28  ? A PHE 28  ? 1_555 CA ? C CA . ? A CA 167 ? 1_555 OD1 ? A ASP 30  ? A ASP 30  ? 1_555 81.1  ? 
17 O   ? A PHE 28  ? A PHE 28  ? 1_555 CA ? C CA . ? A CA 167 ? 1_555 O   ? H HOH .   ? A HOH 200 ? 1_555 88.2  ? 
18 OD1 ? A ASP 30  ? A ASP 30  ? 1_555 CA ? C CA . ? A CA 167 ? 1_555 O   ? H HOH .   ? A HOH 200 ? 1_555 88.1  ? 
19 O   ? A PHE 28  ? A PHE 28  ? 1_555 CA ? C CA . ? A CA 167 ? 1_555 O   ? H HOH .   ? A HOH 233 ? 1_555 158.9 ? 
20 OD1 ? A ASP 30  ? A ASP 30  ? 1_555 CA ? C CA . ? A CA 167 ? 1_555 O   ? H HOH .   ? A HOH 233 ? 1_555 78.0  ? 
21 O   ? H HOH .   ? A HOH 200 ? 1_555 CA ? C CA . ? A CA 167 ? 1_555 O   ? H HOH .   ? A HOH 233 ? 1_555 93.4  ? 
22 O   ? A ASP 107 ? A ASP 107 ? 1_555 CA ? E CA . ? A CA 169 ? 1_555 O   ? A TYR 137 ? A TYR 137 ? 1_555 149.8 ? 
23 O   ? A ASP 107 ? A ASP 107 ? 1_555 CA ? E CA . ? A CA 169 ? 1_555 O   ? H HOH .   ? A HOH 232 ? 1_555 107.8 ? 
24 O   ? A TYR 137 ? A TYR 137 ? 1_555 CA ? E CA . ? A CA 169 ? 1_555 O   ? H HOH .   ? A HOH 232 ? 1_555 91.9  ? 
25 O   ? A ASP 107 ? A ASP 107 ? 1_555 CA ? E CA . ? A CA 169 ? 1_555 O   ? H HOH .   ? A HOH 366 ? 1_555 81.1  ? 
26 O   ? A TYR 137 ? A TYR 137 ? 1_555 CA ? E CA . ? A CA 169 ? 1_555 O   ? H HOH .   ? A HOH 366 ? 1_555 75.0  ? 
27 O   ? H HOH .   ? A HOH 232 ? 1_555 CA ? E CA . ? A CA 169 ? 1_555 O   ? H HOH .   ? A HOH 366 ? 1_555 93.0  ? 
28 O   ? A ASP 107 ? A ASP 107 ? 1_555 CA ? E CA . ? A CA 169 ? 1_555 O   ? H HOH .   ? A HOH 392 ? 1_555 80.1  ? 
29 O   ? A TYR 137 ? A TYR 137 ? 1_555 CA ? E CA . ? A CA 169 ? 1_555 O   ? H HOH .   ? A HOH 392 ? 1_555 77.3  ? 
30 O   ? H HOH .   ? A HOH 232 ? 1_555 CA ? E CA . ? A CA 169 ? 1_555 O   ? H HOH .   ? A HOH 392 ? 1_555 167.8 ? 
31 O   ? H HOH .   ? A HOH 366 ? 1_555 CA ? E CA . ? A CA 169 ? 1_555 O   ? H HOH .   ? A HOH 392 ? 1_555 78.8  ? 
32 O   ? A ASP 107 ? A ASP 107 ? 1_555 CA ? E CA . ? A CA 169 ? 1_555 O   ? G ACT .   ? A ACT 719 ? 1_555 72.3  ? 
33 O   ? A TYR 137 ? A TYR 137 ? 1_555 CA ? E CA . ? A CA 169 ? 1_555 O   ? G ACT .   ? A ACT 719 ? 1_555 137.3 ? 
34 O   ? H HOH .   ? A HOH 232 ? 1_555 CA ? E CA . ? A CA 169 ? 1_555 O   ? G ACT .   ? A ACT 719 ? 1_555 70.3  ? 
35 O   ? H HOH .   ? A HOH 366 ? 1_555 CA ? E CA . ? A CA 169 ? 1_555 O   ? G ACT .   ? A ACT 719 ? 1_555 141.6 ? 
36 O   ? H HOH .   ? A HOH 392 ? 1_555 CA ? E CA . ? A CA 169 ? 1_555 O   ? G ACT .   ? A ACT 719 ? 1_555 121.6 ? 
37 O   ? A ASP 107 ? A ASP 107 ? 1_555 CA ? E CA . ? A CA 169 ? 1_555 OXT ? G ACT .   ? A ACT 719 ? 1_555 93.9  ? 
38 O   ? A TYR 137 ? A TYR 137 ? 1_555 CA ? E CA . ? A CA 169 ? 1_555 OXT ? G ACT .   ? A ACT 719 ? 1_555 104.5 ? 
39 O   ? H HOH .   ? A HOH 232 ? 1_555 CA ? E CA . ? A CA 169 ? 1_555 OXT ? G ACT .   ? A ACT 719 ? 1_555 101.8 ? 
40 O   ? H HOH .   ? A HOH 366 ? 1_555 CA ? E CA . ? A CA 169 ? 1_555 OXT ? G ACT .   ? A ACT 719 ? 1_555 165.2 ? 
41 O   ? H HOH .   ? A HOH 392 ? 1_555 CA ? E CA . ? A CA 169 ? 1_555 OXT ? G ACT .   ? A ACT 719 ? 1_555 86.6  ? 
42 O   ? G ACT .   ? A ACT 719 ? 1_555 CA ? E CA . ? A CA 169 ? 1_555 OXT ? G ACT .   ? A ACT 719 ? 1_555 46.7  ? 
43 O   ? H HOH .   ? A HOH 178 ? 1_555 MG ? F MG . ? A MG 170 ? 1_555 O   ? H HOH .   ? A HOH 182 ? 1_555 87.1  ? 
# 
loop_
_pdbx_audit_revision_history.ordinal 
_pdbx_audit_revision_history.data_content_type 
_pdbx_audit_revision_history.major_revision 
_pdbx_audit_revision_history.minor_revision 
_pdbx_audit_revision_history.revision_date 
1 'Structure model' 1 0 2010-03-02 
2 'Structure model' 1 1 2011-07-13 
3 'Structure model' 1 2 2017-11-01 
4 'Structure model' 1 3 2023-09-06 
# 
_pdbx_audit_revision_details.ordinal             1 
_pdbx_audit_revision_details.revision_ordinal    1 
_pdbx_audit_revision_details.data_content_type   'Structure model' 
_pdbx_audit_revision_details.provider            repository 
_pdbx_audit_revision_details.type                'Initial release' 
_pdbx_audit_revision_details.description         ? 
_pdbx_audit_revision_details.details             ? 
# 
loop_
_pdbx_audit_revision_group.ordinal 
_pdbx_audit_revision_group.revision_ordinal 
_pdbx_audit_revision_group.data_content_type 
_pdbx_audit_revision_group.group 
1 2 'Structure model' 'Version format compliance' 
2 3 'Structure model' 'Refinement description'    
3 4 'Structure model' 'Data collection'           
4 4 'Structure model' 'Database references'       
5 4 'Structure model' 'Derived calculations'      
6 4 'Structure model' 'Refinement description'    
# 
loop_
_pdbx_audit_revision_category.ordinal 
_pdbx_audit_revision_category.revision_ordinal 
_pdbx_audit_revision_category.data_content_type 
_pdbx_audit_revision_category.category 
1 3 'Structure model' software                      
2 4 'Structure model' chem_comp_atom                
3 4 'Structure model' chem_comp_bond                
4 4 'Structure model' database_2                    
5 4 'Structure model' pdbx_initial_refinement_model 
6 4 'Structure model' pdbx_struct_conn_angle        
7 4 'Structure model' struct_conn                   
8 4 'Structure model' struct_site                   
# 
loop_
_pdbx_audit_revision_item.ordinal 
_pdbx_audit_revision_item.revision_ordinal 
_pdbx_audit_revision_item.data_content_type 
_pdbx_audit_revision_item.item 
1  4 'Structure model' '_database_2.pdbx_DOI'                        
2  4 'Structure model' '_database_2.pdbx_database_accession'         
3  4 'Structure model' '_pdbx_struct_conn_angle.ptnr1_auth_comp_id'  
4  4 'Structure model' '_pdbx_struct_conn_angle.ptnr1_auth_seq_id'   
5  4 'Structure model' '_pdbx_struct_conn_angle.ptnr1_label_asym_id' 
6  4 'Structure model' '_pdbx_struct_conn_angle.ptnr1_label_atom_id' 
7  4 'Structure model' '_pdbx_struct_conn_angle.ptnr1_label_comp_id' 
8  4 'Structure model' '_pdbx_struct_conn_angle.ptnr3_auth_comp_id'  
9  4 'Structure model' '_pdbx_struct_conn_angle.ptnr3_auth_seq_id'   
10 4 'Structure model' '_pdbx_struct_conn_angle.ptnr3_label_asym_id' 
11 4 'Structure model' '_pdbx_struct_conn_angle.ptnr3_label_atom_id' 
12 4 'Structure model' '_pdbx_struct_conn_angle.ptnr3_label_comp_id' 
13 4 'Structure model' '_pdbx_struct_conn_angle.value'               
14 4 'Structure model' '_struct_conn.pdbx_dist_value'                
15 4 'Structure model' '_struct_conn.ptnr1_auth_comp_id'             
16 4 'Structure model' '_struct_conn.ptnr1_auth_seq_id'              
17 4 'Structure model' '_struct_conn.ptnr1_label_asym_id'            
18 4 'Structure model' '_struct_conn.ptnr1_label_atom_id'            
19 4 'Structure model' '_struct_conn.ptnr1_label_comp_id'            
20 4 'Structure model' '_struct_conn.ptnr2_auth_comp_id'             
21 4 'Structure model' '_struct_conn.ptnr2_auth_seq_id'              
22 4 'Structure model' '_struct_conn.ptnr2_label_asym_id'            
23 4 'Structure model' '_struct_conn.ptnr2_label_atom_id'            
24 4 'Structure model' '_struct_conn.ptnr2_label_comp_id'            
25 4 'Structure model' '_struct_site.pdbx_auth_asym_id'              
26 4 'Structure model' '_struct_site.pdbx_auth_comp_id'              
27 4 'Structure model' '_struct_site.pdbx_auth_seq_id'               
# 
_phasing.method   MR 
# 
loop_
_software.pdbx_ordinal 
_software.name 
_software.version 
_software.date 
_software.type 
_software.contact_author 
_software.contact_author_email 
_software.classification 
_software.location 
_software.language 
_software.citation_id 
1 DENZO       .     ?               package 'Zbyszek Otwinowski' hkl@hkl-xray.com            'data reduction'  
http://www.hkl-xray.com/                    ?   ? 
2 SCALEPACK   .     ?               package 'Zbyszek Otwinowski' hkl@hkl-xray.com            'data scaling'    
http://www.hkl-xray.com/                    ?   ? 
3 PHASER      .     ?               program 'Randy J. Read'      cimr-phaser@lists.cam.ac.uk phasing           
http://www-structmed.cimr.cam.ac.uk/phaser/ ?   ? 
4 PHENIX      1.4_6 ?               package 'Paul D. Adams'      PDAdams@lbl.gov             refinement        
http://www.phenix-online.org/               C++ ? 
5 PDB_EXTRACT 3.005 'June 11, 2008' package PDB                  help@deposit.rcsb.org       'data extraction' 
http://sw-tools.pdb.org/apps/PDB_EXTRACT/   C++ ? 
6 HKL-2000    .     ?               ?       ?                    ?                           'data collection' ? ?   ? 
7 HKL-2000    .     ?               ?       ?                    ?                           'data reduction'  ? ?   ? 
8 HKL-2000    .     ?               ?       ?                    ?                           'data scaling'    ? ?   ? 
# 
_pdbx_validate_symm_contact.id                1 
_pdbx_validate_symm_contact.PDB_model_num     1 
_pdbx_validate_symm_contact.auth_atom_id_1    O 
_pdbx_validate_symm_contact.auth_asym_id_1    A 
_pdbx_validate_symm_contact.auth_comp_id_1    HOH 
_pdbx_validate_symm_contact.auth_seq_id_1     244 
_pdbx_validate_symm_contact.PDB_ins_code_1    ? 
_pdbx_validate_symm_contact.label_alt_id_1    ? 
_pdbx_validate_symm_contact.site_symmetry_1   1_555 
_pdbx_validate_symm_contact.auth_atom_id_2    O 
_pdbx_validate_symm_contact.auth_asym_id_2    A 
_pdbx_validate_symm_contact.auth_comp_id_2    HOH 
_pdbx_validate_symm_contact.auth_seq_id_2     244 
_pdbx_validate_symm_contact.PDB_ins_code_2    ? 
_pdbx_validate_symm_contact.label_alt_id_2    ? 
_pdbx_validate_symm_contact.site_symmetry_2   16_453 
_pdbx_validate_symm_contact.dist              2.18 
# 
loop_
_pdbx_validate_torsion.id 
_pdbx_validate_torsion.PDB_model_num 
_pdbx_validate_torsion.auth_comp_id 
_pdbx_validate_torsion.auth_asym_id 
_pdbx_validate_torsion.auth_seq_id 
_pdbx_validate_torsion.PDB_ins_code 
_pdbx_validate_torsion.label_alt_id 
_pdbx_validate_torsion.phi 
_pdbx_validate_torsion.psi 
1 1 ILE A 36  ? ? -90.35 -70.24 
2 1 ARG A 149 ? ? 81.50  -6.25  
# 
loop_
_chem_comp_atom.comp_id 
_chem_comp_atom.atom_id 
_chem_comp_atom.type_symbol 
_chem_comp_atom.pdbx_aromatic_flag 
_chem_comp_atom.pdbx_stereo_config 
_chem_comp_atom.pdbx_ordinal 
ACT C      C  N N 1   
ACT O      O  N N 2   
ACT OXT    O  N N 3   
ACT CH3    C  N N 4   
ACT H1     H  N N 5   
ACT H2     H  N N 6   
ACT H3     H  N N 7   
ALA N      N  N N 8   
ALA CA     C  N S 9   
ALA C      C  N N 10  
ALA O      O  N N 11  
ALA CB     C  N N 12  
ALA OXT    O  N N 13  
ALA H      H  N N 14  
ALA H2     H  N N 15  
ALA HA     H  N N 16  
ALA HB1    H  N N 17  
ALA HB2    H  N N 18  
ALA HB3    H  N N 19  
ALA HXT    H  N N 20  
ARG N      N  N N 21  
ARG CA     C  N S 22  
ARG C      C  N N 23  
ARG O      O  N N 24  
ARG CB     C  N N 25  
ARG CG     C  N N 26  
ARG CD     C  N N 27  
ARG NE     N  N N 28  
ARG CZ     C  N N 29  
ARG NH1    N  N N 30  
ARG NH2    N  N N 31  
ARG OXT    O  N N 32  
ARG H      H  N N 33  
ARG H2     H  N N 34  
ARG HA     H  N N 35  
ARG HB2    H  N N 36  
ARG HB3    H  N N 37  
ARG HG2    H  N N 38  
ARG HG3    H  N N 39  
ARG HD2    H  N N 40  
ARG HD3    H  N N 41  
ARG HE     H  N N 42  
ARG HH11   H  N N 43  
ARG HH12   H  N N 44  
ARG HH21   H  N N 45  
ARG HH22   H  N N 46  
ARG HXT    H  N N 47  
ASN N      N  N N 48  
ASN CA     C  N S 49  
ASN C      C  N N 50  
ASN O      O  N N 51  
ASN CB     C  N N 52  
ASN CG     C  N N 53  
ASN OD1    O  N N 54  
ASN ND2    N  N N 55  
ASN OXT    O  N N 56  
ASN H      H  N N 57  
ASN H2     H  N N 58  
ASN HA     H  N N 59  
ASN HB2    H  N N 60  
ASN HB3    H  N N 61  
ASN HD21   H  N N 62  
ASN HD22   H  N N 63  
ASN HXT    H  N N 64  
ASP N      N  N N 65  
ASP CA     C  N S 66  
ASP C      C  N N 67  
ASP O      O  N N 68  
ASP CB     C  N N 69  
ASP CG     C  N N 70  
ASP OD1    O  N N 71  
ASP OD2    O  N N 72  
ASP OXT    O  N N 73  
ASP H      H  N N 74  
ASP H2     H  N N 75  
ASP HA     H  N N 76  
ASP HB2    H  N N 77  
ASP HB3    H  N N 78  
ASP HD2    H  N N 79  
ASP HXT    H  N N 80  
CA  CA     CA N N 81  
CYS N      N  N N 82  
CYS CA     C  N R 83  
CYS C      C  N N 84  
CYS O      O  N N 85  
CYS CB     C  N N 86  
CYS SG     S  N N 87  
CYS OXT    O  N N 88  
CYS H      H  N N 89  
CYS H2     H  N N 90  
CYS HA     H  N N 91  
CYS HB2    H  N N 92  
CYS HB3    H  N N 93  
CYS HG     H  N N 94  
CYS HXT    H  N N 95  
GLN N      N  N N 96  
GLN CA     C  N S 97  
GLN C      C  N N 98  
GLN O      O  N N 99  
GLN CB     C  N N 100 
GLN CG     C  N N 101 
GLN CD     C  N N 102 
GLN OE1    O  N N 103 
GLN NE2    N  N N 104 
GLN OXT    O  N N 105 
GLN H      H  N N 106 
GLN H2     H  N N 107 
GLN HA     H  N N 108 
GLN HB2    H  N N 109 
GLN HB3    H  N N 110 
GLN HG2    H  N N 111 
GLN HG3    H  N N 112 
GLN HE21   H  N N 113 
GLN HE22   H  N N 114 
GLN HXT    H  N N 115 
GLU N      N  N N 116 
GLU CA     C  N S 117 
GLU C      C  N N 118 
GLU O      O  N N 119 
GLU CB     C  N N 120 
GLU CG     C  N N 121 
GLU CD     C  N N 122 
GLU OE1    O  N N 123 
GLU OE2    O  N N 124 
GLU OXT    O  N N 125 
GLU H      H  N N 126 
GLU H2     H  N N 127 
GLU HA     H  N N 128 
GLU HB2    H  N N 129 
GLU HB3    H  N N 130 
GLU HG2    H  N N 131 
GLU HG3    H  N N 132 
GLU HE2    H  N N 133 
GLU HXT    H  N N 134 
GLY N      N  N N 135 
GLY CA     C  N N 136 
GLY C      C  N N 137 
GLY O      O  N N 138 
GLY OXT    O  N N 139 
GLY H      H  N N 140 
GLY H2     H  N N 141 
GLY HA2    H  N N 142 
GLY HA3    H  N N 143 
GLY HXT    H  N N 144 
GNP PG     P  N N 145 
GNP O1G    O  N N 146 
GNP O2G    O  N N 147 
GNP O3G    O  N N 148 
GNP N3B    N  N N 149 
GNP PB     P  N R 150 
GNP O1B    O  N N 151 
GNP O2B    O  N N 152 
GNP O3A    O  N N 153 
GNP PA     P  N S 154 
GNP O1A    O  N N 155 
GNP O2A    O  N N 156 
GNP "O5'"  O  N N 157 
GNP "C5'"  C  N N 158 
GNP "C4'"  C  N R 159 
GNP "O4'"  O  N N 160 
GNP "C3'"  C  N S 161 
GNP "O3'"  O  N N 162 
GNP "C2'"  C  N R 163 
GNP "O2'"  O  N N 164 
GNP "C1'"  C  N R 165 
GNP N9     N  Y N 166 
GNP C8     C  Y N 167 
GNP N7     N  Y N 168 
GNP C5     C  Y N 169 
GNP C6     C  Y N 170 
GNP O6     O  N N 171 
GNP N1     N  Y N 172 
GNP C2     C  Y N 173 
GNP N2     N  N N 174 
GNP N3     N  Y N 175 
GNP C4     C  Y N 176 
GNP HOG2   H  N N 177 
GNP HOG3   H  N N 178 
GNP HNB3   H  N N 179 
GNP HOB2   H  N N 180 
GNP HOA2   H  N N 181 
GNP "H5'2" H  N N 182 
GNP "H5'1" H  N N 183 
GNP "H4'"  H  N N 184 
GNP "H3'"  H  N N 185 
GNP "HO3'" H  N N 186 
GNP "H2'"  H  N N 187 
GNP "HO2'" H  N N 188 
GNP "H1'"  H  N N 189 
GNP H8     H  N N 190 
GNP HN1    H  N N 191 
GNP HN21   H  N N 192 
GNP HN22   H  N N 193 
HIS N      N  N N 194 
HIS CA     C  N S 195 
HIS C      C  N N 196 
HIS O      O  N N 197 
HIS CB     C  N N 198 
HIS CG     C  Y N 199 
HIS ND1    N  Y N 200 
HIS CD2    C  Y N 201 
HIS CE1    C  Y N 202 
HIS NE2    N  Y N 203 
HIS OXT    O  N N 204 
HIS H      H  N N 205 
HIS H2     H  N N 206 
HIS HA     H  N N 207 
HIS HB2    H  N N 208 
HIS HB3    H  N N 209 
HIS HD1    H  N N 210 
HIS HD2    H  N N 211 
HIS HE1    H  N N 212 
HIS HE2    H  N N 213 
HIS HXT    H  N N 214 
HOH O      O  N N 215 
HOH H1     H  N N 216 
HOH H2     H  N N 217 
ILE N      N  N N 218 
ILE CA     C  N S 219 
ILE C      C  N N 220 
ILE O      O  N N 221 
ILE CB     C  N S 222 
ILE CG1    C  N N 223 
ILE CG2    C  N N 224 
ILE CD1    C  N N 225 
ILE OXT    O  N N 226 
ILE H      H  N N 227 
ILE H2     H  N N 228 
ILE HA     H  N N 229 
ILE HB     H  N N 230 
ILE HG12   H  N N 231 
ILE HG13   H  N N 232 
ILE HG21   H  N N 233 
ILE HG22   H  N N 234 
ILE HG23   H  N N 235 
ILE HD11   H  N N 236 
ILE HD12   H  N N 237 
ILE HD13   H  N N 238 
ILE HXT    H  N N 239 
LEU N      N  N N 240 
LEU CA     C  N S 241 
LEU C      C  N N 242 
LEU O      O  N N 243 
LEU CB     C  N N 244 
LEU CG     C  N N 245 
LEU CD1    C  N N 246 
LEU CD2    C  N N 247 
LEU OXT    O  N N 248 
LEU H      H  N N 249 
LEU H2     H  N N 250 
LEU HA     H  N N 251 
LEU HB2    H  N N 252 
LEU HB3    H  N N 253 
LEU HG     H  N N 254 
LEU HD11   H  N N 255 
LEU HD12   H  N N 256 
LEU HD13   H  N N 257 
LEU HD21   H  N N 258 
LEU HD22   H  N N 259 
LEU HD23   H  N N 260 
LEU HXT    H  N N 261 
LYS N      N  N N 262 
LYS CA     C  N S 263 
LYS C      C  N N 264 
LYS O      O  N N 265 
LYS CB     C  N N 266 
LYS CG     C  N N 267 
LYS CD     C  N N 268 
LYS CE     C  N N 269 
LYS NZ     N  N N 270 
LYS OXT    O  N N 271 
LYS H      H  N N 272 
LYS H2     H  N N 273 
LYS HA     H  N N 274 
LYS HB2    H  N N 275 
LYS HB3    H  N N 276 
LYS HG2    H  N N 277 
LYS HG3    H  N N 278 
LYS HD2    H  N N 279 
LYS HD3    H  N N 280 
LYS HE2    H  N N 281 
LYS HE3    H  N N 282 
LYS HZ1    H  N N 283 
LYS HZ2    H  N N 284 
LYS HZ3    H  N N 285 
LYS HXT    H  N N 286 
MET N      N  N N 287 
MET CA     C  N S 288 
MET C      C  N N 289 
MET O      O  N N 290 
MET CB     C  N N 291 
MET CG     C  N N 292 
MET SD     S  N N 293 
MET CE     C  N N 294 
MET OXT    O  N N 295 
MET H      H  N N 296 
MET H2     H  N N 297 
MET HA     H  N N 298 
MET HB2    H  N N 299 
MET HB3    H  N N 300 
MET HG2    H  N N 301 
MET HG3    H  N N 302 
MET HE1    H  N N 303 
MET HE2    H  N N 304 
MET HE3    H  N N 305 
MET HXT    H  N N 306 
MG  MG     MG N N 307 
PHE N      N  N N 308 
PHE CA     C  N S 309 
PHE C      C  N N 310 
PHE O      O  N N 311 
PHE CB     C  N N 312 
PHE CG     C  Y N 313 
PHE CD1    C  Y N 314 
PHE CD2    C  Y N 315 
PHE CE1    C  Y N 316 
PHE CE2    C  Y N 317 
PHE CZ     C  Y N 318 
PHE OXT    O  N N 319 
PHE H      H  N N 320 
PHE H2     H  N N 321 
PHE HA     H  N N 322 
PHE HB2    H  N N 323 
PHE HB3    H  N N 324 
PHE HD1    H  N N 325 
PHE HD2    H  N N 326 
PHE HE1    H  N N 327 
PHE HE2    H  N N 328 
PHE HZ     H  N N 329 
PHE HXT    H  N N 330 
PRO N      N  N N 331 
PRO CA     C  N S 332 
PRO C      C  N N 333 
PRO O      O  N N 334 
PRO CB     C  N N 335 
PRO CG     C  N N 336 
PRO CD     C  N N 337 
PRO OXT    O  N N 338 
PRO H      H  N N 339 
PRO HA     H  N N 340 
PRO HB2    H  N N 341 
PRO HB3    H  N N 342 
PRO HG2    H  N N 343 
PRO HG3    H  N N 344 
PRO HD2    H  N N 345 
PRO HD3    H  N N 346 
PRO HXT    H  N N 347 
SER N      N  N N 348 
SER CA     C  N S 349 
SER C      C  N N 350 
SER O      O  N N 351 
SER CB     C  N N 352 
SER OG     O  N N 353 
SER OXT    O  N N 354 
SER H      H  N N 355 
SER H2     H  N N 356 
SER HA     H  N N 357 
SER HB2    H  N N 358 
SER HB3    H  N N 359 
SER HG     H  N N 360 
SER HXT    H  N N 361 
THR N      N  N N 362 
THR CA     C  N S 363 
THR C      C  N N 364 
THR O      O  N N 365 
THR CB     C  N R 366 
THR OG1    O  N N 367 
THR CG2    C  N N 368 
THR OXT    O  N N 369 
THR H      H  N N 370 
THR H2     H  N N 371 
THR HA     H  N N 372 
THR HB     H  N N 373 
THR HG1    H  N N 374 
THR HG21   H  N N 375 
THR HG22   H  N N 376 
THR HG23   H  N N 377 
THR HXT    H  N N 378 
TYR N      N  N N 379 
TYR CA     C  N S 380 
TYR C      C  N N 381 
TYR O      O  N N 382 
TYR CB     C  N N 383 
TYR CG     C  Y N 384 
TYR CD1    C  Y N 385 
TYR CD2    C  Y N 386 
TYR CE1    C  Y N 387 
TYR CE2    C  Y N 388 
TYR CZ     C  Y N 389 
TYR OH     O  N N 390 
TYR OXT    O  N N 391 
TYR H      H  N N 392 
TYR H2     H  N N 393 
TYR HA     H  N N 394 
TYR HB2    H  N N 395 
TYR HB3    H  N N 396 
TYR HD1    H  N N 397 
TYR HD2    H  N N 398 
TYR HE1    H  N N 399 
TYR HE2    H  N N 400 
TYR HH     H  N N 401 
TYR HXT    H  N N 402 
VAL N      N  N N 403 
VAL CA     C  N S 404 
VAL C      C  N N 405 
VAL O      O  N N 406 
VAL CB     C  N N 407 
VAL CG1    C  N N 408 
VAL CG2    C  N N 409 
VAL OXT    O  N N 410 
VAL H      H  N N 411 
VAL H2     H  N N 412 
VAL HA     H  N N 413 
VAL HB     H  N N 414 
VAL HG11   H  N N 415 
VAL HG12   H  N N 416 
VAL HG13   H  N N 417 
VAL HG21   H  N N 418 
VAL HG22   H  N N 419 
VAL HG23   H  N N 420 
VAL HXT    H  N N 421 
# 
loop_
_chem_comp_bond.comp_id 
_chem_comp_bond.atom_id_1 
_chem_comp_bond.atom_id_2 
_chem_comp_bond.value_order 
_chem_comp_bond.pdbx_aromatic_flag 
_chem_comp_bond.pdbx_stereo_config 
_chem_comp_bond.pdbx_ordinal 
ACT C     O      doub N N 1   
ACT C     OXT    sing N N 2   
ACT C     CH3    sing N N 3   
ACT CH3   H1     sing N N 4   
ACT CH3   H2     sing N N 5   
ACT CH3   H3     sing N N 6   
ALA N     CA     sing N N 7   
ALA N     H      sing N N 8   
ALA N     H2     sing N N 9   
ALA CA    C      sing N N 10  
ALA CA    CB     sing N N 11  
ALA CA    HA     sing N N 12  
ALA C     O      doub N N 13  
ALA C     OXT    sing N N 14  
ALA CB    HB1    sing N N 15  
ALA CB    HB2    sing N N 16  
ALA CB    HB3    sing N N 17  
ALA OXT   HXT    sing N N 18  
ARG N     CA     sing N N 19  
ARG N     H      sing N N 20  
ARG N     H2     sing N N 21  
ARG CA    C      sing N N 22  
ARG CA    CB     sing N N 23  
ARG CA    HA     sing N N 24  
ARG C     O      doub N N 25  
ARG C     OXT    sing N N 26  
ARG CB    CG     sing N N 27  
ARG CB    HB2    sing N N 28  
ARG CB    HB3    sing N N 29  
ARG CG    CD     sing N N 30  
ARG CG    HG2    sing N N 31  
ARG CG    HG3    sing N N 32  
ARG CD    NE     sing N N 33  
ARG CD    HD2    sing N N 34  
ARG CD    HD3    sing N N 35  
ARG NE    CZ     sing N N 36  
ARG NE    HE     sing N N 37  
ARG CZ    NH1    sing N N 38  
ARG CZ    NH2    doub N N 39  
ARG NH1   HH11   sing N N 40  
ARG NH1   HH12   sing N N 41  
ARG NH2   HH21   sing N N 42  
ARG NH2   HH22   sing N N 43  
ARG OXT   HXT    sing N N 44  
ASN N     CA     sing N N 45  
ASN N     H      sing N N 46  
ASN N     H2     sing N N 47  
ASN CA    C      sing N N 48  
ASN CA    CB     sing N N 49  
ASN CA    HA     sing N N 50  
ASN C     O      doub N N 51  
ASN C     OXT    sing N N 52  
ASN CB    CG     sing N N 53  
ASN CB    HB2    sing N N 54  
ASN CB    HB3    sing N N 55  
ASN CG    OD1    doub N N 56  
ASN CG    ND2    sing N N 57  
ASN ND2   HD21   sing N N 58  
ASN ND2   HD22   sing N N 59  
ASN OXT   HXT    sing N N 60  
ASP N     CA     sing N N 61  
ASP N     H      sing N N 62  
ASP N     H2     sing N N 63  
ASP CA    C      sing N N 64  
ASP CA    CB     sing N N 65  
ASP CA    HA     sing N N 66  
ASP C     O      doub N N 67  
ASP C     OXT    sing N N 68  
ASP CB    CG     sing N N 69  
ASP CB    HB2    sing N N 70  
ASP CB    HB3    sing N N 71  
ASP CG    OD1    doub N N 72  
ASP CG    OD2    sing N N 73  
ASP OD2   HD2    sing N N 74  
ASP OXT   HXT    sing N N 75  
CYS N     CA     sing N N 76  
CYS N     H      sing N N 77  
CYS N     H2     sing N N 78  
CYS CA    C      sing N N 79  
CYS CA    CB     sing N N 80  
CYS CA    HA     sing N N 81  
CYS C     O      doub N N 82  
CYS C     OXT    sing N N 83  
CYS CB    SG     sing N N 84  
CYS CB    HB2    sing N N 85  
CYS CB    HB3    sing N N 86  
CYS SG    HG     sing N N 87  
CYS OXT   HXT    sing N N 88  
GLN N     CA     sing N N 89  
GLN N     H      sing N N 90  
GLN N     H2     sing N N 91  
GLN CA    C      sing N N 92  
GLN CA    CB     sing N N 93  
GLN CA    HA     sing N N 94  
GLN C     O      doub N N 95  
GLN C     OXT    sing N N 96  
GLN CB    CG     sing N N 97  
GLN CB    HB2    sing N N 98  
GLN CB    HB3    sing N N 99  
GLN CG    CD     sing N N 100 
GLN CG    HG2    sing N N 101 
GLN CG    HG3    sing N N 102 
GLN CD    OE1    doub N N 103 
GLN CD    NE2    sing N N 104 
GLN NE2   HE21   sing N N 105 
GLN NE2   HE22   sing N N 106 
GLN OXT   HXT    sing N N 107 
GLU N     CA     sing N N 108 
GLU N     H      sing N N 109 
GLU N     H2     sing N N 110 
GLU CA    C      sing N N 111 
GLU CA    CB     sing N N 112 
GLU CA    HA     sing N N 113 
GLU C     O      doub N N 114 
GLU C     OXT    sing N N 115 
GLU CB    CG     sing N N 116 
GLU CB    HB2    sing N N 117 
GLU CB    HB3    sing N N 118 
GLU CG    CD     sing N N 119 
GLU CG    HG2    sing N N 120 
GLU CG    HG3    sing N N 121 
GLU CD    OE1    doub N N 122 
GLU CD    OE2    sing N N 123 
GLU OE2   HE2    sing N N 124 
GLU OXT   HXT    sing N N 125 
GLY N     CA     sing N N 126 
GLY N     H      sing N N 127 
GLY N     H2     sing N N 128 
GLY CA    C      sing N N 129 
GLY CA    HA2    sing N N 130 
GLY CA    HA3    sing N N 131 
GLY C     O      doub N N 132 
GLY C     OXT    sing N N 133 
GLY OXT   HXT    sing N N 134 
GNP PG    O1G    doub N N 135 
GNP PG    O2G    sing N N 136 
GNP PG    O3G    sing N N 137 
GNP PG    N3B    sing N N 138 
GNP O2G   HOG2   sing N N 139 
GNP O3G   HOG3   sing N N 140 
GNP N3B   PB     sing N N 141 
GNP N3B   HNB3   sing N N 142 
GNP PB    O1B    doub N N 143 
GNP PB    O2B    sing N N 144 
GNP PB    O3A    sing N N 145 
GNP O2B   HOB2   sing N N 146 
GNP O3A   PA     sing N N 147 
GNP PA    O1A    doub N N 148 
GNP PA    O2A    sing N N 149 
GNP PA    "O5'"  sing N N 150 
GNP O2A   HOA2   sing N N 151 
GNP "O5'" "C5'"  sing N N 152 
GNP "C5'" "C4'"  sing N N 153 
GNP "C5'" "H5'2" sing N N 154 
GNP "C5'" "H5'1" sing N N 155 
GNP "C4'" "O4'"  sing N N 156 
GNP "C4'" "C3'"  sing N N 157 
GNP "C4'" "H4'"  sing N N 158 
GNP "O4'" "C1'"  sing N N 159 
GNP "C3'" "O3'"  sing N N 160 
GNP "C3'" "C2'"  sing N N 161 
GNP "C3'" "H3'"  sing N N 162 
GNP "O3'" "HO3'" sing N N 163 
GNP "C2'" "O2'"  sing N N 164 
GNP "C2'" "C1'"  sing N N 165 
GNP "C2'" "H2'"  sing N N 166 
GNP "O2'" "HO2'" sing N N 167 
GNP "C1'" N9     sing N N 168 
GNP "C1'" "H1'"  sing N N 169 
GNP N9    C8     sing Y N 170 
GNP N9    C4     sing Y N 171 
GNP C8    N7     doub Y N 172 
GNP C8    H8     sing N N 173 
GNP N7    C5     sing Y N 174 
GNP C5    C6     sing Y N 175 
GNP C5    C4     doub Y N 176 
GNP C6    O6     doub N N 177 
GNP C6    N1     sing Y N 178 
GNP N1    C2     sing Y N 179 
GNP N1    HN1    sing N N 180 
GNP C2    N2     sing N N 181 
GNP C2    N3     doub Y N 182 
GNP N2    HN21   sing N N 183 
GNP N2    HN22   sing N N 184 
GNP N3    C4     sing Y N 185 
HIS N     CA     sing N N 186 
HIS N     H      sing N N 187 
HIS N     H2     sing N N 188 
HIS CA    C      sing N N 189 
HIS CA    CB     sing N N 190 
HIS CA    HA     sing N N 191 
HIS C     O      doub N N 192 
HIS C     OXT    sing N N 193 
HIS CB    CG     sing N N 194 
HIS CB    HB2    sing N N 195 
HIS CB    HB3    sing N N 196 
HIS CG    ND1    sing Y N 197 
HIS CG    CD2    doub Y N 198 
HIS ND1   CE1    doub Y N 199 
HIS ND1   HD1    sing N N 200 
HIS CD2   NE2    sing Y N 201 
HIS CD2   HD2    sing N N 202 
HIS CE1   NE2    sing Y N 203 
HIS CE1   HE1    sing N N 204 
HIS NE2   HE2    sing N N 205 
HIS OXT   HXT    sing N N 206 
HOH O     H1     sing N N 207 
HOH O     H2     sing N N 208 
ILE N     CA     sing N N 209 
ILE N     H      sing N N 210 
ILE N     H2     sing N N 211 
ILE CA    C      sing N N 212 
ILE CA    CB     sing N N 213 
ILE CA    HA     sing N N 214 
ILE C     O      doub N N 215 
ILE C     OXT    sing N N 216 
ILE CB    CG1    sing N N 217 
ILE CB    CG2    sing N N 218 
ILE CB    HB     sing N N 219 
ILE CG1   CD1    sing N N 220 
ILE CG1   HG12   sing N N 221 
ILE CG1   HG13   sing N N 222 
ILE CG2   HG21   sing N N 223 
ILE CG2   HG22   sing N N 224 
ILE CG2   HG23   sing N N 225 
ILE CD1   HD11   sing N N 226 
ILE CD1   HD12   sing N N 227 
ILE CD1   HD13   sing N N 228 
ILE OXT   HXT    sing N N 229 
LEU N     CA     sing N N 230 
LEU N     H      sing N N 231 
LEU N     H2     sing N N 232 
LEU CA    C      sing N N 233 
LEU CA    CB     sing N N 234 
LEU CA    HA     sing N N 235 
LEU C     O      doub N N 236 
LEU C     OXT    sing N N 237 
LEU CB    CG     sing N N 238 
LEU CB    HB2    sing N N 239 
LEU CB    HB3    sing N N 240 
LEU CG    CD1    sing N N 241 
LEU CG    CD2    sing N N 242 
LEU CG    HG     sing N N 243 
LEU CD1   HD11   sing N N 244 
LEU CD1   HD12   sing N N 245 
LEU CD1   HD13   sing N N 246 
LEU CD2   HD21   sing N N 247 
LEU CD2   HD22   sing N N 248 
LEU CD2   HD23   sing N N 249 
LEU OXT   HXT    sing N N 250 
LYS N     CA     sing N N 251 
LYS N     H      sing N N 252 
LYS N     H2     sing N N 253 
LYS CA    C      sing N N 254 
LYS CA    CB     sing N N 255 
LYS CA    HA     sing N N 256 
LYS C     O      doub N N 257 
LYS C     OXT    sing N N 258 
LYS CB    CG     sing N N 259 
LYS CB    HB2    sing N N 260 
LYS CB    HB3    sing N N 261 
LYS CG    CD     sing N N 262 
LYS CG    HG2    sing N N 263 
LYS CG    HG3    sing N N 264 
LYS CD    CE     sing N N 265 
LYS CD    HD2    sing N N 266 
LYS CD    HD3    sing N N 267 
LYS CE    NZ     sing N N 268 
LYS CE    HE2    sing N N 269 
LYS CE    HE3    sing N N 270 
LYS NZ    HZ1    sing N N 271 
LYS NZ    HZ2    sing N N 272 
LYS NZ    HZ3    sing N N 273 
LYS OXT   HXT    sing N N 274 
MET N     CA     sing N N 275 
MET N     H      sing N N 276 
MET N     H2     sing N N 277 
MET CA    C      sing N N 278 
MET CA    CB     sing N N 279 
MET CA    HA     sing N N 280 
MET C     O      doub N N 281 
MET C     OXT    sing N N 282 
MET CB    CG     sing N N 283 
MET CB    HB2    sing N N 284 
MET CB    HB3    sing N N 285 
MET CG    SD     sing N N 286 
MET CG    HG2    sing N N 287 
MET CG    HG3    sing N N 288 
MET SD    CE     sing N N 289 
MET CE    HE1    sing N N 290 
MET CE    HE2    sing N N 291 
MET CE    HE3    sing N N 292 
MET OXT   HXT    sing N N 293 
PHE N     CA     sing N N 294 
PHE N     H      sing N N 295 
PHE N     H2     sing N N 296 
PHE CA    C      sing N N 297 
PHE CA    CB     sing N N 298 
PHE CA    HA     sing N N 299 
PHE C     O      doub N N 300 
PHE C     OXT    sing N N 301 
PHE CB    CG     sing N N 302 
PHE CB    HB2    sing N N 303 
PHE CB    HB3    sing N N 304 
PHE CG    CD1    doub Y N 305 
PHE CG    CD2    sing Y N 306 
PHE CD1   CE1    sing Y N 307 
PHE CD1   HD1    sing N N 308 
PHE CD2   CE2    doub Y N 309 
PHE CD2   HD2    sing N N 310 
PHE CE1   CZ     doub Y N 311 
PHE CE1   HE1    sing N N 312 
PHE CE2   CZ     sing Y N 313 
PHE CE2   HE2    sing N N 314 
PHE CZ    HZ     sing N N 315 
PHE OXT   HXT    sing N N 316 
PRO N     CA     sing N N 317 
PRO N     CD     sing N N 318 
PRO N     H      sing N N 319 
PRO CA    C      sing N N 320 
PRO CA    CB     sing N N 321 
PRO CA    HA     sing N N 322 
PRO C     O      doub N N 323 
PRO C     OXT    sing N N 324 
PRO CB    CG     sing N N 325 
PRO CB    HB2    sing N N 326 
PRO CB    HB3    sing N N 327 
PRO CG    CD     sing N N 328 
PRO CG    HG2    sing N N 329 
PRO CG    HG3    sing N N 330 
PRO CD    HD2    sing N N 331 
PRO CD    HD3    sing N N 332 
PRO OXT   HXT    sing N N 333 
SER N     CA     sing N N 334 
SER N     H      sing N N 335 
SER N     H2     sing N N 336 
SER CA    C      sing N N 337 
SER CA    CB     sing N N 338 
SER CA    HA     sing N N 339 
SER C     O      doub N N 340 
SER C     OXT    sing N N 341 
SER CB    OG     sing N N 342 
SER CB    HB2    sing N N 343 
SER CB    HB3    sing N N 344 
SER OG    HG     sing N N 345 
SER OXT   HXT    sing N N 346 
THR N     CA     sing N N 347 
THR N     H      sing N N 348 
THR N     H2     sing N N 349 
THR CA    C      sing N N 350 
THR CA    CB     sing N N 351 
THR CA    HA     sing N N 352 
THR C     O      doub N N 353 
THR C     OXT    sing N N 354 
THR CB    OG1    sing N N 355 
THR CB    CG2    sing N N 356 
THR CB    HB     sing N N 357 
THR OG1   HG1    sing N N 358 
THR CG2   HG21   sing N N 359 
THR CG2   HG22   sing N N 360 
THR CG2   HG23   sing N N 361 
THR OXT   HXT    sing N N 362 
TYR N     CA     sing N N 363 
TYR N     H      sing N N 364 
TYR N     H2     sing N N 365 
TYR CA    C      sing N N 366 
TYR CA    CB     sing N N 367 
TYR CA    HA     sing N N 368 
TYR C     O      doub N N 369 
TYR C     OXT    sing N N 370 
TYR CB    CG     sing N N 371 
TYR CB    HB2    sing N N 372 
TYR CB    HB3    sing N N 373 
TYR CG    CD1    doub Y N 374 
TYR CG    CD2    sing Y N 375 
TYR CD1   CE1    sing Y N 376 
TYR CD1   HD1    sing N N 377 
TYR CD2   CE2    doub Y N 378 
TYR CD2   HD2    sing N N 379 
TYR CE1   CZ     doub Y N 380 
TYR CE1   HE1    sing N N 381 
TYR CE2   CZ     sing Y N 382 
TYR CE2   HE2    sing N N 383 
TYR CZ    OH     sing N N 384 
TYR OH    HH     sing N N 385 
TYR OXT   HXT    sing N N 386 
VAL N     CA     sing N N 387 
VAL N     H      sing N N 388 
VAL N     H2     sing N N 389 
VAL CA    C      sing N N 390 
VAL CA    CB     sing N N 391 
VAL CA    HA     sing N N 392 
VAL C     O      doub N N 393 
VAL C     OXT    sing N N 394 
VAL CB    CG1    sing N N 395 
VAL CB    CG2    sing N N 396 
VAL CB    HB     sing N N 397 
VAL CG1   HG11   sing N N 398 
VAL CG1   HG12   sing N N 399 
VAL CG1   HG13   sing N N 400 
VAL CG2   HG21   sing N N 401 
VAL CG2   HG22   sing N N 402 
VAL CG2   HG23   sing N N 403 
VAL OXT   HXT    sing N N 404 
# 
loop_
_pdbx_entity_nonpoly.entity_id 
_pdbx_entity_nonpoly.name 
_pdbx_entity_nonpoly.comp_id 
2 'PHOSPHOAMINOPHOSPHONIC ACID-GUANYLATE ESTER' GNP 
3 'CALCIUM ION'                                 CA  
4 'MAGNESIUM ION'                               MG  
5 'ACETATE ION'                                 ACT 
6 water                                         HOH 
# 
_pdbx_initial_refinement_model.id               1 
_pdbx_initial_refinement_model.entity_id_list   ? 
_pdbx_initial_refinement_model.type             'experimental model' 
_pdbx_initial_refinement_model.source_name      PDB 
_pdbx_initial_refinement_model.accession_code   2RGE 
_pdbx_initial_refinement_model.details          'PDB entry 2RGE' 
# 
